data_8CKY
# 
_entry.id   8CKY 
# 
_audit_conform.dict_name       mmcif_pdbx.dic 
_audit_conform.dict_version    5.395 
_audit_conform.dict_location   http://mmcif.pdb.org/dictionaries/ascii/mmcif_pdbx.dic 
# 
loop_
_database_2.database_id 
_database_2.database_code 
_database_2.pdbx_database_accession 
_database_2.pdbx_DOI 
PDB   8CKY         pdb_00008cky 10.2210/pdb8cky/pdb 
WWPDB D_1292128314 ?            ?                   
EMDB  EMD-16706    ?            ?                   
# 
loop_
_pdbx_audit_revision_history.ordinal 
_pdbx_audit_revision_history.data_content_type 
_pdbx_audit_revision_history.major_revision 
_pdbx_audit_revision_history.minor_revision 
_pdbx_audit_revision_history.revision_date 
1 'Structure model' 1 0 2023-04-26 
2 'Structure model' 1 1 2024-07-24 
# 
_pdbx_audit_revision_details.ordinal             1 
_pdbx_audit_revision_details.revision_ordinal    1 
_pdbx_audit_revision_details.data_content_type   'Structure model' 
_pdbx_audit_revision_details.provider            repository 
_pdbx_audit_revision_details.type                'Initial release' 
_pdbx_audit_revision_details.description         ? 
_pdbx_audit_revision_details.details             ? 
# 
loop_
_pdbx_audit_revision_group.ordinal 
_pdbx_audit_revision_group.revision_ordinal 
_pdbx_audit_revision_group.data_content_type 
_pdbx_audit_revision_group.group 
1 2 'Structure model' 'Data collection'        
2 2 'Structure model' 'Refinement description' 
# 
loop_
_pdbx_audit_revision_category.ordinal 
_pdbx_audit_revision_category.revision_ordinal 
_pdbx_audit_revision_category.data_content_type 
_pdbx_audit_revision_category.category 
1 2 'Structure model' chem_comp_atom     
2 2 'Structure model' chem_comp_bond     
3 2 'Structure model' em_3d_fitting_list 
4 2 'Structure model' em_admin           
# 
loop_
_pdbx_audit_revision_item.ordinal 
_pdbx_audit_revision_item.revision_ordinal 
_pdbx_audit_revision_item.data_content_type 
_pdbx_audit_revision_item.item 
1 2 'Structure model' '_em_3d_fitting_list.initial_refinement_model_id' 
2 2 'Structure model' '_em_admin.last_update'                           
# 
_pdbx_database_status.status_code                     REL 
_pdbx_database_status.status_code_sf                  ? 
_pdbx_database_status.status_code_mr                  ? 
_pdbx_database_status.entry_id                        8CKY 
_pdbx_database_status.recvd_initial_deposition_date   2023-02-16 
_pdbx_database_status.SG_entry                        N 
_pdbx_database_status.deposit_site                    PDBE 
_pdbx_database_status.process_site                    PDBE 
_pdbx_database_status.status_code_cs                  ? 
_pdbx_database_status.status_code_nmr_data            ? 
_pdbx_database_status.methods_development_category    ? 
_pdbx_database_status.pdb_format_compatible           Y 
# 
_pdbx_database_related.db_name        EMDB 
_pdbx_database_related.details        'HIV-1 mature capsid hexamer from CA-IP6 CLPs, bound to Nup153 peptide' 
_pdbx_database_related.db_id          EMD-16706 
_pdbx_database_related.content_type   'associated EM volume' 
# 
_pdbx_contact_author.id                 2 
_pdbx_contact_author.email              briggs@biochem.mpg.de 
_pdbx_contact_author.name_first         John 
_pdbx_contact_author.name_last          Briggs 
_pdbx_contact_author.name_mi            'A G' 
_pdbx_contact_author.role               'principal investigator/group leader' 
_pdbx_contact_author.identifier_ORCID   0000-0003-3990-6910 
# 
loop_
_audit_author.name 
_audit_author.pdbx_ordinal 
_audit_author.identifier_ORCID 
'Stacey, J.C.V.' 1 0000-0003-2484-8738 
'Briggs, J.A.G.' 2 0000-0003-3990-6910 
# 
_citation.abstract                  ? 
_citation.abstract_id_CAS           ? 
_citation.book_id_ISBN              ? 
_citation.book_publisher            ? 
_citation.book_publisher_city       ? 
_citation.book_title                ? 
_citation.coordinate_linkage        ? 
_citation.country                   US 
_citation.database_id_Medline       ? 
_citation.details                   ? 
_citation.id                        primary 
_citation.journal_abbrev            Proc.Natl.Acad.Sci.USA 
_citation.journal_id_ASTM           PNASA6 
_citation.journal_id_CSD            0040 
_citation.journal_id_ISSN           1091-6490 
_citation.journal_full              ? 
_citation.journal_issue             ? 
_citation.journal_volume            120 
_citation.language                  ? 
_citation.page_first                e2220557120 
_citation.page_last                 e2220557120 
_citation.title                     'Two structural switches in HIV-1 capsid regulate capsid curvature and host factor binding.' 
_citation.year                      2023 
_citation.database_id_CSD           ? 
_citation.pdbx_database_id_DOI      10.1073/pnas.2220557120 
_citation.pdbx_database_id_PubMed   37040417 
_citation.pdbx_database_id_patent   ? 
_citation.unpublished_flag          ? 
# 
loop_
_citation_author.citation_id 
_citation_author.name 
_citation_author.ordinal 
_citation_author.identifier_ORCID 
primary 'Stacey, J.C.V.' 1 ?                   
primary 'Tan, A.'        2 0000-0002-4046-7380 
primary 'Lu, J.M.'       3 0000-0002-3972-8854 
primary 'James, L.C.'    4 ?                   
primary 'Dick, R.A.'     5 0000-0003-3693-2531 
primary 'Briggs, J.A.G.' 6 0000-0003-3990-6910 
# 
loop_
_entity.id 
_entity.type 
_entity.src_method 
_entity.pdbx_description 
_entity.formula_weight 
_entity.pdbx_number_of_molecules 
_entity.pdbx_ec 
_entity.pdbx_mutation 
_entity.pdbx_fragment 
_entity.details 
1 polymer man 'Gag polyprotein'                     25761.623 1 ? ? ?                        ? 
2 polymer syn 'Nuclear pore complex protein Nup153' 1687.721  1 ? ? 'UNP residues 1407-1423' ? 
# 
_entity_name_com.entity_id   2 
_entity_name_com.name        '153 kDa nucleoporin,Nucleoporin Nup153' 
# 
loop_
_entity_poly.entity_id 
_entity_poly.type 
_entity_poly.nstd_linkage 
_entity_poly.nstd_monomer 
_entity_poly.pdbx_seq_one_letter_code 
_entity_poly.pdbx_seq_one_letter_code_can 
_entity_poly.pdbx_strand_id 
_entity_poly.pdbx_target_identifier 
1 'polypeptide(L)' no no 
;MPIVQNLQGQMVHQAISPRTLNAWVKVVEEKAFSPEVIPMFSALSEGATPQDLNTMLNTVGGHQAAMQMLKETINEEAAE
WDRLHPVHAGPIAPGQMREPRGSDIAGTTSTLQEQIGWMTHNPPIPVGEIYKRWIILGLNKIVRMYSPTSILDIRQGPKE
PFRDYVDRFYKTLRAEQASQEVKNWMTETLLVQNANPDCKTILKALGPGATLEEMMTACQGVGGPGHKARVL
;
;MPIVQNLQGQMVHQAISPRTLNAWVKVVEEKAFSPEVIPMFSALSEGATPQDLNTMLNTVGGHQAAMQMLKETINEEAAE
WDRLHPVHAGPIAPGQMREPRGSDIAGTTSTLQEQIGWMTHNPPIPVGEIYKRWIILGLNKIVRMYSPTSILDIRQGPKE
PFRDYVDRFYKTLRAEQASQEVKNWMTETLLVQNANPDCKTILKALGPGATLEEMMTACQGVGGPGHKARVL
;
A ? 
2 'polypeptide(L)' no no TNNSPSGVFTFGANSST TNNSPSGVFTFGANSST B ? 
# 
loop_
_entity_poly_seq.entity_id 
_entity_poly_seq.num 
_entity_poly_seq.mon_id 
_entity_poly_seq.hetero 
1 1   MET n 
1 2   PRO n 
1 3   ILE n 
1 4   VAL n 
1 5   GLN n 
1 6   ASN n 
1 7   LEU n 
1 8   GLN n 
1 9   GLY n 
1 10  GLN n 
1 11  MET n 
1 12  VAL n 
1 13  HIS n 
1 14  GLN n 
1 15  ALA n 
1 16  ILE n 
1 17  SER n 
1 18  PRO n 
1 19  ARG n 
1 20  THR n 
1 21  LEU n 
1 22  ASN n 
1 23  ALA n 
1 24  TRP n 
1 25  VAL n 
1 26  LYS n 
1 27  VAL n 
1 28  VAL n 
1 29  GLU n 
1 30  GLU n 
1 31  LYS n 
1 32  ALA n 
1 33  PHE n 
1 34  SER n 
1 35  PRO n 
1 36  GLU n 
1 37  VAL n 
1 38  ILE n 
1 39  PRO n 
1 40  MET n 
1 41  PHE n 
1 42  SER n 
1 43  ALA n 
1 44  LEU n 
1 45  SER n 
1 46  GLU n 
1 47  GLY n 
1 48  ALA n 
1 49  THR n 
1 50  PRO n 
1 51  GLN n 
1 52  ASP n 
1 53  LEU n 
1 54  ASN n 
1 55  THR n 
1 56  MET n 
1 57  LEU n 
1 58  ASN n 
1 59  THR n 
1 60  VAL n 
1 61  GLY n 
1 62  GLY n 
1 63  HIS n 
1 64  GLN n 
1 65  ALA n 
1 66  ALA n 
1 67  MET n 
1 68  GLN n 
1 69  MET n 
1 70  LEU n 
1 71  LYS n 
1 72  GLU n 
1 73  THR n 
1 74  ILE n 
1 75  ASN n 
1 76  GLU n 
1 77  GLU n 
1 78  ALA n 
1 79  ALA n 
1 80  GLU n 
1 81  TRP n 
1 82  ASP n 
1 83  ARG n 
1 84  LEU n 
1 85  HIS n 
1 86  PRO n 
1 87  VAL n 
1 88  HIS n 
1 89  ALA n 
1 90  GLY n 
1 91  PRO n 
1 92  ILE n 
1 93  ALA n 
1 94  PRO n 
1 95  GLY n 
1 96  GLN n 
1 97  MET n 
1 98  ARG n 
1 99  GLU n 
1 100 PRO n 
1 101 ARG n 
1 102 GLY n 
1 103 SER n 
1 104 ASP n 
1 105 ILE n 
1 106 ALA n 
1 107 GLY n 
1 108 THR n 
1 109 THR n 
1 110 SER n 
1 111 THR n 
1 112 LEU n 
1 113 GLN n 
1 114 GLU n 
1 115 GLN n 
1 116 ILE n 
1 117 GLY n 
1 118 TRP n 
1 119 MET n 
1 120 THR n 
1 121 HIS n 
1 122 ASN n 
1 123 PRO n 
1 124 PRO n 
1 125 ILE n 
1 126 PRO n 
1 127 VAL n 
1 128 GLY n 
1 129 GLU n 
1 130 ILE n 
1 131 TYR n 
1 132 LYS n 
1 133 ARG n 
1 134 TRP n 
1 135 ILE n 
1 136 ILE n 
1 137 LEU n 
1 138 GLY n 
1 139 LEU n 
1 140 ASN n 
1 141 LYS n 
1 142 ILE n 
1 143 VAL n 
1 144 ARG n 
1 145 MET n 
1 146 TYR n 
1 147 SER n 
1 148 PRO n 
1 149 THR n 
1 150 SER n 
1 151 ILE n 
1 152 LEU n 
1 153 ASP n 
1 154 ILE n 
1 155 ARG n 
1 156 GLN n 
1 157 GLY n 
1 158 PRO n 
1 159 LYS n 
1 160 GLU n 
1 161 PRO n 
1 162 PHE n 
1 163 ARG n 
1 164 ASP n 
1 165 TYR n 
1 166 VAL n 
1 167 ASP n 
1 168 ARG n 
1 169 PHE n 
1 170 TYR n 
1 171 LYS n 
1 172 THR n 
1 173 LEU n 
1 174 ARG n 
1 175 ALA n 
1 176 GLU n 
1 177 GLN n 
1 178 ALA n 
1 179 SER n 
1 180 GLN n 
1 181 GLU n 
1 182 VAL n 
1 183 LYS n 
1 184 ASN n 
1 185 TRP n 
1 186 MET n 
1 187 THR n 
1 188 GLU n 
1 189 THR n 
1 190 LEU n 
1 191 LEU n 
1 192 VAL n 
1 193 GLN n 
1 194 ASN n 
1 195 ALA n 
1 196 ASN n 
1 197 PRO n 
1 198 ASP n 
1 199 CYS n 
1 200 LYS n 
1 201 THR n 
1 202 ILE n 
1 203 LEU n 
1 204 LYS n 
1 205 ALA n 
1 206 LEU n 
1 207 GLY n 
1 208 PRO n 
1 209 GLY n 
1 210 ALA n 
1 211 THR n 
1 212 LEU n 
1 213 GLU n 
1 214 GLU n 
1 215 MET n 
1 216 MET n 
1 217 THR n 
1 218 ALA n 
1 219 CYS n 
1 220 GLN n 
1 221 GLY n 
1 222 VAL n 
1 223 GLY n 
1 224 GLY n 
1 225 PRO n 
1 226 GLY n 
1 227 HIS n 
1 228 LYS n 
1 229 ALA n 
1 230 ARG n 
1 231 VAL n 
1 232 LEU n 
2 1   THR n 
2 2   ASN n 
2 3   ASN n 
2 4   SER n 
2 5   PRO n 
2 6   SER n 
2 7   GLY n 
2 8   VAL n 
2 9   PHE n 
2 10  THR n 
2 11  PHE n 
2 12  GLY n 
2 13  ALA n 
2 14  ASN n 
2 15  SER n 
2 16  SER n 
2 17  THR n 
# 
_entity_src_gen.entity_id                          1 
_entity_src_gen.pdbx_src_id                        1 
_entity_src_gen.pdbx_alt_source_flag               sample 
_entity_src_gen.pdbx_seq_type                      'Biological sequence' 
_entity_src_gen.pdbx_beg_seq_num                   1 
_entity_src_gen.pdbx_end_seq_num                   232 
_entity_src_gen.gene_src_common_name               ? 
_entity_src_gen.gene_src_genus                     ? 
_entity_src_gen.pdbx_gene_src_gene                 gag 
_entity_src_gen.gene_src_species                   ? 
_entity_src_gen.gene_src_strain                    ? 
_entity_src_gen.gene_src_tissue                    ? 
_entity_src_gen.gene_src_tissue_fraction           ? 
_entity_src_gen.gene_src_details                   ? 
_entity_src_gen.pdbx_gene_src_fragment             ? 
_entity_src_gen.pdbx_gene_src_scientific_name      'Human immunodeficiency virus 1' 
_entity_src_gen.pdbx_gene_src_ncbi_taxonomy_id     11676 
_entity_src_gen.pdbx_gene_src_variant              ? 
_entity_src_gen.pdbx_gene_src_cell_line            ? 
_entity_src_gen.pdbx_gene_src_atcc                 ? 
_entity_src_gen.pdbx_gene_src_organ                ? 
_entity_src_gen.pdbx_gene_src_organelle            ? 
_entity_src_gen.pdbx_gene_src_cell                 ? 
_entity_src_gen.pdbx_gene_src_cellular_location    ? 
_entity_src_gen.host_org_common_name               ? 
_entity_src_gen.pdbx_host_org_scientific_name      'Escherichia coli BL21' 
_entity_src_gen.pdbx_host_org_ncbi_taxonomy_id     511693 
_entity_src_gen.host_org_genus                     ? 
_entity_src_gen.pdbx_host_org_gene                 ? 
_entity_src_gen.pdbx_host_org_organ                ? 
_entity_src_gen.host_org_species                   ? 
_entity_src_gen.pdbx_host_org_tissue               ? 
_entity_src_gen.pdbx_host_org_tissue_fraction      ? 
_entity_src_gen.pdbx_host_org_strain               ? 
_entity_src_gen.pdbx_host_org_variant              ? 
_entity_src_gen.pdbx_host_org_cell_line            ? 
_entity_src_gen.pdbx_host_org_atcc                 ? 
_entity_src_gen.pdbx_host_org_culture_collection   ? 
_entity_src_gen.pdbx_host_org_cell                 ? 
_entity_src_gen.pdbx_host_org_organelle            ? 
_entity_src_gen.pdbx_host_org_cellular_location    ? 
_entity_src_gen.pdbx_host_org_vector_type          ? 
_entity_src_gen.pdbx_host_org_vector               ? 
_entity_src_gen.host_org_details                   ? 
_entity_src_gen.expression_system_id               ? 
_entity_src_gen.plasmid_name                       ? 
_entity_src_gen.plasmid_details                    ? 
_entity_src_gen.pdbx_description                   ? 
# 
_pdbx_entity_src_syn.entity_id              2 
_pdbx_entity_src_syn.pdbx_src_id            1 
_pdbx_entity_src_syn.pdbx_alt_source_flag   sample 
_pdbx_entity_src_syn.pdbx_beg_seq_num       1 
_pdbx_entity_src_syn.pdbx_end_seq_num       17 
_pdbx_entity_src_syn.organism_scientific    'Homo sapiens' 
_pdbx_entity_src_syn.organism_common_name   human 
_pdbx_entity_src_syn.ncbi_taxonomy_id       9606 
_pdbx_entity_src_syn.details                ? 
# 
loop_
_chem_comp.id 
_chem_comp.type 
_chem_comp.mon_nstd_flag 
_chem_comp.name 
_chem_comp.pdbx_synonyms 
_chem_comp.formula 
_chem_comp.formula_weight 
ALA 'L-peptide linking' y ALANINE         ? 'C3 H7 N O2'     89.093  
ARG 'L-peptide linking' y ARGININE        ? 'C6 H15 N4 O2 1' 175.209 
ASN 'L-peptide linking' y ASPARAGINE      ? 'C4 H8 N2 O3'    132.118 
ASP 'L-peptide linking' y 'ASPARTIC ACID' ? 'C4 H7 N O4'     133.103 
CYS 'L-peptide linking' y CYSTEINE        ? 'C3 H7 N O2 S'   121.158 
GLN 'L-peptide linking' y GLUTAMINE       ? 'C5 H10 N2 O3'   146.144 
GLU 'L-peptide linking' y 'GLUTAMIC ACID' ? 'C5 H9 N O4'     147.129 
GLY 'peptide linking'   y GLYCINE         ? 'C2 H5 N O2'     75.067  
HIS 'L-peptide linking' y HISTIDINE       ? 'C6 H10 N3 O2 1' 156.162 
ILE 'L-peptide linking' y ISOLEUCINE      ? 'C6 H13 N O2'    131.173 
LEU 'L-peptide linking' y LEUCINE         ? 'C6 H13 N O2'    131.173 
LYS 'L-peptide linking' y LYSINE          ? 'C6 H15 N2 O2 1' 147.195 
MET 'L-peptide linking' y METHIONINE      ? 'C5 H11 N O2 S'  149.211 
PHE 'L-peptide linking' y PHENYLALANINE   ? 'C9 H11 N O2'    165.189 
PRO 'L-peptide linking' y PROLINE         ? 'C5 H9 N O2'     115.130 
SER 'L-peptide linking' y SERINE          ? 'C3 H7 N O3'     105.093 
THR 'L-peptide linking' y THREONINE       ? 'C4 H9 N O3'     119.119 
TRP 'L-peptide linking' y TRYPTOPHAN      ? 'C11 H12 N2 O2'  204.225 
TYR 'L-peptide linking' y TYROSINE        ? 'C9 H11 N O3'    181.189 
VAL 'L-peptide linking' y VALINE          ? 'C5 H11 N O2'    117.146 
# 
loop_
_pdbx_poly_seq_scheme.asym_id 
_pdbx_poly_seq_scheme.entity_id 
_pdbx_poly_seq_scheme.seq_id 
_pdbx_poly_seq_scheme.mon_id 
_pdbx_poly_seq_scheme.ndb_seq_num 
_pdbx_poly_seq_scheme.pdb_seq_num 
_pdbx_poly_seq_scheme.auth_seq_num 
_pdbx_poly_seq_scheme.pdb_mon_id 
_pdbx_poly_seq_scheme.auth_mon_id 
_pdbx_poly_seq_scheme.pdb_strand_id 
_pdbx_poly_seq_scheme.pdb_ins_code 
_pdbx_poly_seq_scheme.hetero 
A 1 1   MET 1   0    ?    ?   ?   A . n 
A 1 2   PRO 2   1    1    PRO PRO A . n 
A 1 3   ILE 3   2    2    ILE ILE A . n 
A 1 4   VAL 4   3    3    VAL VAL A . n 
A 1 5   GLN 5   4    4    GLN GLN A . n 
A 1 6   ASN 6   5    5    ASN ASN A . n 
A 1 7   LEU 7   6    6    LEU LEU A . n 
A 1 8   GLN 8   7    7    GLN GLN A . n 
A 1 9   GLY 9   8    8    GLY GLY A . n 
A 1 10  GLN 10  9    9    GLN GLN A . n 
A 1 11  MET 11  10   10   MET MET A . n 
A 1 12  VAL 12  11   11   VAL VAL A . n 
A 1 13  HIS 13  12   12   HIS HIS A . n 
A 1 14  GLN 14  13   13   GLN GLN A . n 
A 1 15  ALA 15  14   14   ALA ALA A . n 
A 1 16  ILE 16  15   15   ILE ILE A . n 
A 1 17  SER 17  16   16   SER SER A . n 
A 1 18  PRO 18  17   17   PRO PRO A . n 
A 1 19  ARG 19  18   18   ARG ARG A . n 
A 1 20  THR 20  19   19   THR THR A . n 
A 1 21  LEU 21  20   20   LEU LEU A . n 
A 1 22  ASN 22  21   21   ASN ASN A . n 
A 1 23  ALA 23  22   22   ALA ALA A . n 
A 1 24  TRP 24  23   23   TRP TRP A . n 
A 1 25  VAL 25  24   24   VAL VAL A . n 
A 1 26  LYS 26  25   25   LYS LYS A . n 
A 1 27  VAL 27  26   26   VAL VAL A . n 
A 1 28  VAL 28  27   27   VAL VAL A . n 
A 1 29  GLU 29  28   28   GLU GLU A . n 
A 1 30  GLU 30  29   29   GLU GLU A . n 
A 1 31  LYS 31  30   30   LYS LYS A . n 
A 1 32  ALA 32  31   31   ALA ALA A . n 
A 1 33  PHE 33  32   32   PHE PHE A . n 
A 1 34  SER 34  33   33   SER SER A . n 
A 1 35  PRO 35  34   34   PRO PRO A . n 
A 1 36  GLU 36  35   35   GLU GLU A . n 
A 1 37  VAL 37  36   36   VAL VAL A . n 
A 1 38  ILE 38  37   37   ILE ILE A . n 
A 1 39  PRO 39  38   38   PRO PRO A . n 
A 1 40  MET 40  39   39   MET MET A . n 
A 1 41  PHE 41  40   40   PHE PHE A . n 
A 1 42  SER 42  41   41   SER SER A . n 
A 1 43  ALA 43  42   42   ALA ALA A . n 
A 1 44  LEU 44  43   43   LEU LEU A . n 
A 1 45  SER 45  44   44   SER SER A . n 
A 1 46  GLU 46  45   45   GLU GLU A . n 
A 1 47  GLY 47  46   46   GLY GLY A . n 
A 1 48  ALA 48  47   47   ALA ALA A . n 
A 1 49  THR 49  48   48   THR THR A . n 
A 1 50  PRO 50  49   49   PRO PRO A . n 
A 1 51  GLN 51  50   50   GLN GLN A . n 
A 1 52  ASP 52  51   51   ASP ASP A . n 
A 1 53  LEU 53  52   52   LEU LEU A . n 
A 1 54  ASN 54  53   53   ASN ASN A . n 
A 1 55  THR 55  54   54   THR THR A . n 
A 1 56  MET 56  55   55   MET MET A . n 
A 1 57  LEU 57  56   56   LEU LEU A . n 
A 1 58  ASN 58  57   57   ASN ASN A . n 
A 1 59  THR 59  58   58   THR THR A . n 
A 1 60  VAL 60  59   59   VAL VAL A . n 
A 1 61  GLY 61  60   60   GLY GLY A . n 
A 1 62  GLY 62  61   61   GLY GLY A . n 
A 1 63  HIS 63  62   62   HIS HIS A . n 
A 1 64  GLN 64  63   63   GLN GLN A . n 
A 1 65  ALA 65  64   64   ALA ALA A . n 
A 1 66  ALA 66  65   65   ALA ALA A . n 
A 1 67  MET 67  66   66   MET MET A . n 
A 1 68  GLN 68  67   67   GLN GLN A . n 
A 1 69  MET 69  68   68   MET MET A . n 
A 1 70  LEU 70  69   69   LEU LEU A . n 
A 1 71  LYS 71  70   70   LYS LYS A . n 
A 1 72  GLU 72  71   71   GLU GLU A . n 
A 1 73  THR 73  72   72   THR THR A . n 
A 1 74  ILE 74  73   73   ILE ILE A . n 
A 1 75  ASN 75  74   74   ASN ASN A . n 
A 1 76  GLU 76  75   75   GLU GLU A . n 
A 1 77  GLU 77  76   76   GLU GLU A . n 
A 1 78  ALA 78  77   77   ALA ALA A . n 
A 1 79  ALA 79  78   78   ALA ALA A . n 
A 1 80  GLU 80  79   79   GLU GLU A . n 
A 1 81  TRP 81  80   80   TRP TRP A . n 
A 1 82  ASP 82  81   81   ASP ASP A . n 
A 1 83  ARG 83  82   82   ARG ARG A . n 
A 1 84  LEU 84  83   83   LEU LEU A . n 
A 1 85  HIS 85  84   84   HIS HIS A . n 
A 1 86  PRO 86  85   85   PRO PRO A . n 
A 1 87  VAL 87  86   86   VAL VAL A . n 
A 1 88  HIS 88  87   87   HIS HIS A . n 
A 1 89  ALA 89  88   ?    ?   ?   A . n 
A 1 90  GLY 90  89   ?    ?   ?   A . n 
A 1 91  PRO 91  90   ?    ?   ?   A . n 
A 1 92  ILE 92  91   ?    ?   ?   A . n 
A 1 93  ALA 93  92   ?    ?   ?   A . n 
A 1 94  PRO 94  93   ?    ?   ?   A . n 
A 1 95  GLY 95  94   ?    ?   ?   A . n 
A 1 96  GLN 96  95   ?    ?   ?   A . n 
A 1 97  MET 97  96   96   MET MET A . n 
A 1 98  ARG 98  97   97   ARG ARG A . n 
A 1 99  GLU 99  98   98   GLU GLU A . n 
A 1 100 PRO 100 99   99   PRO PRO A . n 
A 1 101 ARG 101 100  100  ARG ARG A . n 
A 1 102 GLY 102 101  101  GLY GLY A . n 
A 1 103 SER 103 102  102  SER SER A . n 
A 1 104 ASP 104 103  103  ASP ASP A . n 
A 1 105 ILE 105 104  104  ILE ILE A . n 
A 1 106 ALA 106 105  105  ALA ALA A . n 
A 1 107 GLY 107 106  106  GLY GLY A . n 
A 1 108 THR 108 107  107  THR THR A . n 
A 1 109 THR 109 108  108  THR THR A . n 
A 1 110 SER 110 109  109  SER SER A . n 
A 1 111 THR 111 110  110  THR THR A . n 
A 1 112 LEU 112 111  111  LEU LEU A . n 
A 1 113 GLN 113 112  112  GLN GLN A . n 
A 1 114 GLU 114 113  113  GLU GLU A . n 
A 1 115 GLN 115 114  114  GLN GLN A . n 
A 1 116 ILE 116 115  115  ILE ILE A . n 
A 1 117 GLY 117 116  116  GLY GLY A . n 
A 1 118 TRP 118 117  117  TRP TRP A . n 
A 1 119 MET 119 118  118  MET MET A . n 
A 1 120 THR 120 119  119  THR THR A . n 
A 1 121 HIS 121 120  120  HIS HIS A . n 
A 1 122 ASN 122 121  121  ASN ASN A . n 
A 1 123 PRO 123 122  122  PRO PRO A . n 
A 1 124 PRO 124 123  123  PRO PRO A . n 
A 1 125 ILE 125 124  124  ILE ILE A . n 
A 1 126 PRO 126 125  125  PRO PRO A . n 
A 1 127 VAL 127 126  126  VAL VAL A . n 
A 1 128 GLY 128 127  127  GLY GLY A . n 
A 1 129 GLU 129 128  128  GLU GLU A . n 
A 1 130 ILE 130 129  129  ILE ILE A . n 
A 1 131 TYR 131 130  130  TYR TYR A . n 
A 1 132 LYS 132 131  131  LYS LYS A . n 
A 1 133 ARG 133 132  132  ARG ARG A . n 
A 1 134 TRP 134 133  133  TRP TRP A . n 
A 1 135 ILE 135 134  134  ILE ILE A . n 
A 1 136 ILE 136 135  135  ILE ILE A . n 
A 1 137 LEU 137 136  136  LEU LEU A . n 
A 1 138 GLY 138 137  137  GLY GLY A . n 
A 1 139 LEU 139 138  138  LEU LEU A . n 
A 1 140 ASN 140 139  139  ASN ASN A . n 
A 1 141 LYS 141 140  140  LYS LYS A . n 
A 1 142 ILE 142 141  141  ILE ILE A . n 
A 1 143 VAL 143 142  142  VAL VAL A . n 
A 1 144 ARG 144 143  143  ARG ARG A . n 
A 1 145 MET 145 144  144  MET MET A . n 
A 1 146 TYR 146 145  145  TYR TYR A . n 
A 1 147 SER 147 146  146  SER SER A . n 
A 1 148 PRO 148 147  147  PRO PRO A . n 
A 1 149 THR 149 148  148  THR THR A . n 
A 1 150 SER 150 149  149  SER SER A . n 
A 1 151 ILE 151 150  150  ILE ILE A . n 
A 1 152 LEU 152 151  151  LEU LEU A . n 
A 1 153 ASP 153 152  152  ASP ASP A . n 
A 1 154 ILE 154 153  153  ILE ILE A . n 
A 1 155 ARG 155 154  154  ARG ARG A . n 
A 1 156 GLN 156 155  155  GLN GLN A . n 
A 1 157 GLY 157 156  156  GLY GLY A . n 
A 1 158 PRO 158 157  157  PRO PRO A . n 
A 1 159 LYS 159 158  158  LYS LYS A . n 
A 1 160 GLU 160 159  159  GLU GLU A . n 
A 1 161 PRO 161 160  160  PRO PRO A . n 
A 1 162 PHE 162 161  161  PHE PHE A . n 
A 1 163 ARG 163 162  162  ARG ARG A . n 
A 1 164 ASP 164 163  163  ASP ASP A . n 
A 1 165 TYR 165 164  164  TYR TYR A . n 
A 1 166 VAL 166 165  165  VAL VAL A . n 
A 1 167 ASP 167 166  166  ASP ASP A . n 
A 1 168 ARG 168 167  167  ARG ARG A . n 
A 1 169 PHE 169 168  168  PHE PHE A . n 
A 1 170 TYR 170 169  169  TYR TYR A . n 
A 1 171 LYS 171 170  170  LYS LYS A . n 
A 1 172 THR 172 171  171  THR THR A . n 
A 1 173 LEU 173 172  172  LEU LEU A . n 
A 1 174 ARG 174 173  173  ARG ARG A . n 
A 1 175 ALA 175 174  174  ALA ALA A . n 
A 1 176 GLU 176 175  175  GLU GLU A . n 
A 1 177 GLN 177 176  176  GLN GLN A . n 
A 1 178 ALA 178 177  177  ALA ALA A . n 
A 1 179 SER 179 178  178  SER SER A . n 
A 1 180 GLN 180 179  179  GLN GLN A . n 
A 1 181 GLU 181 180  180  GLU GLU A . n 
A 1 182 VAL 182 181  181  VAL VAL A . n 
A 1 183 LYS 183 182  182  LYS LYS A . n 
A 1 184 ASN 184 183  183  ASN ASN A . n 
A 1 185 TRP 185 184  184  TRP TRP A . n 
A 1 186 MET 186 185  185  MET MET A . n 
A 1 187 THR 187 186  186  THR THR A . n 
A 1 188 GLU 188 187  187  GLU GLU A . n 
A 1 189 THR 189 188  188  THR THR A . n 
A 1 190 LEU 190 189  189  LEU LEU A . n 
A 1 191 LEU 191 190  190  LEU LEU A . n 
A 1 192 VAL 192 191  191  VAL VAL A . n 
A 1 193 GLN 193 192  192  GLN GLN A . n 
A 1 194 ASN 194 193  193  ASN ASN A . n 
A 1 195 ALA 195 194  194  ALA ALA A . n 
A 1 196 ASN 196 195  195  ASN ASN A . n 
A 1 197 PRO 197 196  196  PRO PRO A . n 
A 1 198 ASP 198 197  197  ASP ASP A . n 
A 1 199 CYS 199 198  198  CYS CYS A . n 
A 1 200 LYS 200 199  199  LYS LYS A . n 
A 1 201 THR 201 200  200  THR THR A . n 
A 1 202 ILE 202 201  201  ILE ILE A . n 
A 1 203 LEU 203 202  202  LEU LEU A . n 
A 1 204 LYS 204 203  203  LYS LYS A . n 
A 1 205 ALA 205 204  204  ALA ALA A . n 
A 1 206 LEU 206 205  205  LEU LEU A . n 
A 1 207 GLY 207 206  206  GLY GLY A . n 
A 1 208 PRO 208 207  207  PRO PRO A . n 
A 1 209 GLY 209 208  208  GLY GLY A . n 
A 1 210 ALA 210 209  209  ALA ALA A . n 
A 1 211 THR 211 210  210  THR THR A . n 
A 1 212 LEU 212 211  211  LEU LEU A . n 
A 1 213 GLU 213 212  212  GLU GLU A . n 
A 1 214 GLU 214 213  213  GLU GLU A . n 
A 1 215 MET 215 214  214  MET MET A . n 
A 1 216 MET 216 215  215  MET MET A . n 
A 1 217 THR 217 216  216  THR THR A . n 
A 1 218 ALA 218 217  217  ALA ALA A . n 
A 1 219 CYS 219 218  218  CYS CYS A . n 
A 1 220 GLN 220 219  219  GLN GLN A . n 
A 1 221 GLY 221 220  220  GLY GLY A . n 
A 1 222 VAL 222 221  221  VAL VAL A . n 
A 1 223 GLY 223 222  ?    ?   ?   A . n 
A 1 224 GLY 224 223  ?    ?   ?   A . n 
A 1 225 PRO 225 224  ?    ?   ?   A . n 
A 1 226 GLY 226 225  ?    ?   ?   A . n 
A 1 227 HIS 227 226  ?    ?   ?   A . n 
A 1 228 LYS 228 227  ?    ?   ?   A . n 
A 1 229 ALA 229 228  ?    ?   ?   A . n 
A 1 230 ARG 230 229  ?    ?   ?   A . n 
A 1 231 VAL 231 230  ?    ?   ?   A . n 
A 1 232 LEU 232 231  ?    ?   ?   A . n 
B 2 1   THR 1   1407 ?    ?   ?   B . n 
B 2 2   ASN 2   1408 ?    ?   ?   B . n 
B 2 3   ASN 3   1409 ?    ?   ?   B . n 
B 2 4   SER 4   1410 1410 SER SER B . n 
B 2 5   PRO 5   1411 1411 PRO PRO B . n 
B 2 6   SER 6   1412 1412 SER SER B . n 
B 2 7   GLY 7   1413 1413 GLY GLY B . n 
B 2 8   VAL 8   1414 1414 VAL VAL B . n 
B 2 9   PHE 9   1415 1415 PHE PHE B . n 
B 2 10  THR 10  1416 1416 THR THR B . n 
B 2 11  PHE 11  1417 1417 PHE PHE B . n 
B 2 12  GLY 12  1418 1418 GLY GLY B . n 
B 2 13  ALA 13  1419 1419 ALA ALA B . n 
B 2 14  ASN 14  1420 1420 ASN ASN B . n 
B 2 15  SER 15  1421 ?    ?   ?   B . n 
B 2 16  SER 16  1422 ?    ?   ?   B . n 
B 2 17  THR 17  1423 ?    ?   ?   B . n 
# 
loop_
_pdbx_unobs_or_zero_occ_atoms.id 
_pdbx_unobs_or_zero_occ_atoms.PDB_model_num 
_pdbx_unobs_or_zero_occ_atoms.polymer_flag 
_pdbx_unobs_or_zero_occ_atoms.occupancy_flag 
_pdbx_unobs_or_zero_occ_atoms.auth_asym_id 
_pdbx_unobs_or_zero_occ_atoms.auth_comp_id 
_pdbx_unobs_or_zero_occ_atoms.auth_seq_id 
_pdbx_unobs_or_zero_occ_atoms.PDB_ins_code 
_pdbx_unobs_or_zero_occ_atoms.auth_atom_id 
_pdbx_unobs_or_zero_occ_atoms.label_alt_id 
_pdbx_unobs_or_zero_occ_atoms.label_asym_id 
_pdbx_unobs_or_zero_occ_atoms.label_comp_id 
_pdbx_unobs_or_zero_occ_atoms.label_seq_id 
_pdbx_unobs_or_zero_occ_atoms.label_atom_id 
1  1 Y 1 A GLN 4   ? CG  ? A GLN 5   CG  
2  1 Y 1 A GLN 4   ? CD  ? A GLN 5   CD  
3  1 Y 1 A GLN 4   ? OE1 ? A GLN 5   OE1 
4  1 Y 1 A GLN 4   ? NE2 ? A GLN 5   NE2 
5  1 Y 1 A ASN 5   ? CG  ? A ASN 6   CG  
6  1 Y 1 A ASN 5   ? OD1 ? A ASN 6   OD1 
7  1 Y 1 A ASN 5   ? ND2 ? A ASN 6   ND2 
8  1 Y 1 A GLN 7   ? CG  ? A GLN 8   CG  
9  1 Y 1 A GLN 7   ? CD  ? A GLN 8   CD  
10 1 Y 1 A GLN 7   ? OE1 ? A GLN 8   OE1 
11 1 Y 1 A GLN 7   ? NE2 ? A GLN 8   NE2 
12 1 Y 1 A GLN 9   ? CG  ? A GLN 10  CG  
13 1 Y 1 A GLN 9   ? CD  ? A GLN 10  CD  
14 1 Y 1 A GLN 9   ? OE1 ? A GLN 10  OE1 
15 1 Y 1 A GLN 9   ? NE2 ? A GLN 10  NE2 
16 1 Y 1 A MET 10  ? CG  ? A MET 11  CG  
17 1 Y 1 A MET 10  ? SD  ? A MET 11  SD  
18 1 Y 1 A MET 10  ? CE  ? A MET 11  CE  
19 1 Y 1 A GLU 98  ? CG  ? A GLU 99  CG  
20 1 Y 1 A GLU 98  ? CD  ? A GLU 99  CD  
21 1 Y 1 A GLU 98  ? OE1 ? A GLU 99  OE1 
22 1 Y 1 A GLU 98  ? OE2 ? A GLU 99  OE2 
23 1 Y 1 A ASN 121 ? CG  ? A ASN 122 CG  
24 1 Y 1 A ASN 121 ? OD1 ? A ASN 122 OD1 
25 1 Y 1 A ASN 121 ? ND2 ? A ASN 122 ND2 
26 1 Y 1 A LYS 158 ? CG  ? A LYS 159 CG  
27 1 Y 1 A LYS 158 ? CD  ? A LYS 159 CD  
28 1 Y 1 A LYS 158 ? CE  ? A LYS 159 CE  
29 1 Y 1 A LYS 158 ? NZ  ? A LYS 159 NZ  
# 
_software.citation_id            ? 
_software.classification         refinement 
_software.compiler_name          ? 
_software.compiler_version       ? 
_software.contact_author         ? 
_software.contact_author_email   ? 
_software.date                   ? 
_software.description            ? 
_software.dependencies           ? 
_software.hardware               ? 
_software.language               ? 
_software.location               ? 
_software.mods                   ? 
_software.name                   PHENIX 
_software.os                     ? 
_software.os_version             ? 
_software.type                   ? 
_software.version                dev_3689: 
_software.pdbx_ordinal           1 
# 
_cell.angle_alpha                  90.00 
_cell.angle_alpha_esd              ? 
_cell.angle_beta                   90.00 
_cell.angle_beta_esd               ? 
_cell.angle_gamma                  90.00 
_cell.angle_gamma_esd              ? 
_cell.entry_id                     8CKY 
_cell.details                      ? 
_cell.formula_units_Z              ? 
_cell.length_a                     1.00 
_cell.length_a_esd                 ? 
_cell.length_b                     1.00 
_cell.length_b_esd                 ? 
_cell.length_c                     1.00 
_cell.length_c_esd                 ? 
_cell.volume                       ? 
_cell.volume_esd                   ? 
_cell.Z_PDB                        ? 
_cell.reciprocal_angle_alpha       ? 
_cell.reciprocal_angle_beta        ? 
_cell.reciprocal_angle_gamma       ? 
_cell.reciprocal_angle_alpha_esd   ? 
_cell.reciprocal_angle_beta_esd    ? 
_cell.reciprocal_angle_gamma_esd   ? 
_cell.reciprocal_length_a          ? 
_cell.reciprocal_length_b          ? 
_cell.reciprocal_length_c          ? 
_cell.reciprocal_length_a_esd      ? 
_cell.reciprocal_length_b_esd      ? 
_cell.reciprocal_length_c_esd      ? 
_cell.pdbx_unique_axis             ? 
_cell.pdbx_esd_method              ? 
# 
_symmetry.entry_id                         8CKY 
_symmetry.cell_setting                     ? 
_symmetry.Int_Tables_number                1 
_symmetry.space_group_name_Hall            ? 
_symmetry.space_group_name_H-M             'P 1' 
_symmetry.pdbx_full_space_group_name_H-M   ? 
# 
_exptl.absorpt_coefficient_mu     ? 
_exptl.absorpt_correction_T_max   ? 
_exptl.absorpt_correction_T_min   ? 
_exptl.absorpt_correction_type    ? 
_exptl.absorpt_process_details    ? 
_exptl.entry_id                   8CKY 
_exptl.crystals_number            ? 
_exptl.details                    ? 
_exptl.method                     'ELECTRON MICROSCOPY' 
_exptl.method_details             ? 
# 
_refine.pdbx_refine_id                           'ELECTRON MICROSCOPY' 
_refine.entry_id                                 8CKY 
_refine.pdbx_diffrn_id                           ? 
_refine.pdbx_TLS_residual_ADP_flag               ? 
_refine.ls_number_reflns_obs                     ? 
_refine.ls_number_reflns_all                     ? 
_refine.pdbx_ls_sigma_I                          ? 
_refine.pdbx_ls_sigma_F                          ? 
_refine.pdbx_data_cutoff_high_absF               ? 
_refine.pdbx_data_cutoff_low_absF                ? 
_refine.pdbx_data_cutoff_high_rms_absF           ? 
_refine.ls_d_res_low                             ? 
_refine.ls_d_res_high                            . 
_refine.ls_percent_reflns_obs                    ? 
_refine.ls_R_factor_obs                          ? 
_refine.ls_R_factor_all                          ? 
_refine.ls_R_factor_R_work                       ? 
_refine.ls_R_factor_R_free                       ? 
_refine.ls_R_factor_R_free_error                 ? 
_refine.ls_R_factor_R_free_error_details         ? 
_refine.ls_percent_reflns_R_free                 ? 
_refine.ls_number_reflns_R_free                  ? 
_refine.ls_number_parameters                     ? 
_refine.ls_number_restraints                     ? 
_refine.occupancy_min                            ? 
_refine.occupancy_max                            ? 
_refine.correlation_coeff_Fo_to_Fc               ? 
_refine.correlation_coeff_Fo_to_Fc_free          ? 
_refine.B_iso_mean                               ? 
_refine.aniso_B[1][1]                            ? 
_refine.aniso_B[2][2]                            ? 
_refine.aniso_B[3][3]                            ? 
_refine.aniso_B[1][2]                            ? 
_refine.aniso_B[1][3]                            ? 
_refine.aniso_B[2][3]                            ? 
_refine.solvent_model_details                    ? 
_refine.solvent_model_param_ksol                 ? 
_refine.solvent_model_param_bsol                 ? 
_refine.pdbx_solvent_vdw_probe_radii             ? 
_refine.pdbx_solvent_ion_probe_radii             ? 
_refine.pdbx_solvent_shrinkage_radii             ? 
_refine.pdbx_ls_cross_valid_method               ? 
_refine.details                                  ? 
_refine.pdbx_starting_model                      ? 
_refine.pdbx_method_to_determine_struct          ? 
_refine.pdbx_isotropic_thermal_model             ? 
_refine.pdbx_stereochemistry_target_values       ? 
_refine.pdbx_stereochem_target_val_spec_case     ? 
_refine.pdbx_R_Free_selection_details            ? 
_refine.pdbx_overall_ESU_R                       ? 
_refine.pdbx_overall_ESU_R_Free                  ? 
_refine.overall_SU_ML                            ? 
_refine.pdbx_overall_phase_error                 ? 
_refine.overall_SU_B                             ? 
_refine.overall_SU_R_Cruickshank_DPI             ? 
_refine.pdbx_overall_SU_R_free_Cruickshank_DPI   ? 
_refine.pdbx_overall_SU_R_Blow_DPI               ? 
_refine.pdbx_overall_SU_R_free_Blow_DPI          ? 
# 
loop_
_refine_ls_restr.pdbx_refine_id 
_refine_ls_restr.criterion 
_refine_ls_restr.dev_ideal 
_refine_ls_restr.dev_ideal_target 
_refine_ls_restr.number 
_refine_ls_restr.rejects 
_refine_ls_restr.type 
_refine_ls_restr.weight 
_refine_ls_restr.pdbx_restraint_function 
'ELECTRON MICROSCOPY' ? 0.009  ? 1769 ? f_bond_d           ? ? 
'ELECTRON MICROSCOPY' ? 0.874  ? 2405 ? f_angle_d          ? ? 
'ELECTRON MICROSCOPY' ? 12.590 ? 652  ? f_dihedral_angle_d ? ? 
'ELECTRON MICROSCOPY' ? 0.049  ? 273  ? f_chiral_restr     ? ? 
'ELECTRON MICROSCOPY' ? 0.007  ? 311  ? f_plane_restr      ? ? 
# 
_struct.entry_id                     8CKY 
_struct.title                        'HIV-1 mature capsid hexamer from CA-IP6 CLPs, bound to Nup153 peptide' 
_struct.pdbx_model_details           ? 
_struct.pdbx_formula_weight          ? 
_struct.pdbx_formula_weight_method   ? 
_struct.pdbx_model_type_details      ? 
_struct.pdbx_CASP_flag               N 
# 
_struct_keywords.entry_id        8CKY 
_struct_keywords.text            'Capsid, Hexamer, HIV-1, Mature, Nup153, VIRUS LIKE PARTICLE' 
_struct_keywords.pdbx_keywords   'VIRUS LIKE PARTICLE' 
# 
loop_
_struct_asym.id 
_struct_asym.pdbx_blank_PDB_chainid_flag 
_struct_asym.pdbx_modified 
_struct_asym.entity_id 
_struct_asym.details 
A N N 1 ? 
B N N 2 ? 
# 
loop_
_struct_ref.id 
_struct_ref.db_name 
_struct_ref.db_code 
_struct_ref.pdbx_db_accession 
_struct_ref.pdbx_db_isoform 
_struct_ref.entity_id 
_struct_ref.pdbx_seq_one_letter_code 
_struct_ref.pdbx_align_begin 
1 UNP B6DRA0_9HIV1 B6DRA0 ? 1 
;PIVQNLQGQMVHQAISPRTLNAWVKVVEEKAFSPEVIPMFSALSEGATPQDLNTMLNTVGGHQAAMQMLKETINEEAAEW
DRLHPVHAGPIAPGQMREPRGSDIAGTTSTLQEQIGWMTHNPPIPVGEIYKRWIILGLNKIVRMYSPTSILDIRQGPKEP
FRDYVDRFYKTLRAEQASQEVKNWMTETLLVQNANPDCKTILKALGPGATLEEMMTACQGVGGPGHKARVL
;
133  
2 UNP NU153_HUMAN  P49790 ? 2 TNNSPSGVFTFGANSST 1407 
# 
loop_
_struct_ref_seq.align_id 
_struct_ref_seq.ref_id 
_struct_ref_seq.pdbx_PDB_id_code 
_struct_ref_seq.pdbx_strand_id 
_struct_ref_seq.seq_align_beg 
_struct_ref_seq.pdbx_seq_align_beg_ins_code 
_struct_ref_seq.seq_align_end 
_struct_ref_seq.pdbx_seq_align_end_ins_code 
_struct_ref_seq.pdbx_db_accession 
_struct_ref_seq.db_align_beg 
_struct_ref_seq.pdbx_db_align_beg_ins_code 
_struct_ref_seq.db_align_end 
_struct_ref_seq.pdbx_db_align_end_ins_code 
_struct_ref_seq.pdbx_auth_seq_align_beg 
_struct_ref_seq.pdbx_auth_seq_align_end 
1 1 8CKY A 2 ? 232 ? B6DRA0 133  ? 363  ? 1    231  
2 2 8CKY B 1 ? 17  ? P49790 1407 ? 1423 ? 1407 1423 
# 
_struct_ref_seq_dif.align_id                     1 
_struct_ref_seq_dif.pdbx_pdb_id_code             8CKY 
_struct_ref_seq_dif.mon_id                       MET 
_struct_ref_seq_dif.pdbx_pdb_strand_id           A 
_struct_ref_seq_dif.seq_num                      1 
_struct_ref_seq_dif.pdbx_pdb_ins_code            ? 
_struct_ref_seq_dif.pdbx_seq_db_name             UNP 
_struct_ref_seq_dif.pdbx_seq_db_accession_code   B6DRA0 
_struct_ref_seq_dif.db_mon_id                    ? 
_struct_ref_seq_dif.pdbx_seq_db_seq_num          ? 
_struct_ref_seq_dif.details                      'initiating methionine' 
_struct_ref_seq_dif.pdbx_auth_seq_num            0 
_struct_ref_seq_dif.pdbx_ordinal                 1 
# 
_pdbx_struct_assembly.id                   1 
_pdbx_struct_assembly.details              author_defined_assembly 
_pdbx_struct_assembly.method_details       ? 
_pdbx_struct_assembly.oligomeric_details   dodecameric 
_pdbx_struct_assembly.oligomeric_count     12 
# 
loop_
_pdbx_struct_assembly_prop.biol_id 
_pdbx_struct_assembly_prop.type 
_pdbx_struct_assembly_prop.value 
_pdbx_struct_assembly_prop.details 
1 'ABSA (A^2)' 660   ? 
1 MORE         -3    ? 
1 'SSA (A^2)'  12530 ? 
# 
_pdbx_struct_assembly_gen.assembly_id       1 
_pdbx_struct_assembly_gen.oper_expression   1,2,3,4,5,6 
_pdbx_struct_assembly_gen.asym_id_list      A,B 
# 
_pdbx_struct_assembly_auth_evidence.id                     1 
_pdbx_struct_assembly_auth_evidence.assembly_id            1 
_pdbx_struct_assembly_auth_evidence.experimental_support   'electron microscopy' 
_pdbx_struct_assembly_auth_evidence.details                'Assembled in presence of IP6' 
# 
loop_
_pdbx_struct_oper_list.id 
_pdbx_struct_oper_list.type 
_pdbx_struct_oper_list.name 
_pdbx_struct_oper_list.symmetry_operation 
_pdbx_struct_oper_list.matrix[1][1] 
_pdbx_struct_oper_list.matrix[1][2] 
_pdbx_struct_oper_list.matrix[1][3] 
_pdbx_struct_oper_list.vector[1] 
_pdbx_struct_oper_list.matrix[2][1] 
_pdbx_struct_oper_list.matrix[2][2] 
_pdbx_struct_oper_list.matrix[2][3] 
_pdbx_struct_oper_list.vector[2] 
_pdbx_struct_oper_list.matrix[3][1] 
_pdbx_struct_oper_list.matrix[3][2] 
_pdbx_struct_oper_list.matrix[3][3] 
_pdbx_struct_oper_list.vector[3] 
1 'identity operation'       1_555 x,y,z 1.000000    -0.000000   -0.000000  0.00000  -0.000000   1.000000    0.000000    0.00000   -0.000000  0.000000    1.000000   0.00000   
2 'point symmetry operation' ?     ?     0.52739435  0.84882005  0.03686538 4.35176  -0.82815756 0.50389623  0.24544441  26.20675  0.18976197 -0.15997628 0.96870942 -3.44144  
3 'point symmetry operation' ?     ?     -0.41781696 0.86948255  0.26349273 28.76487 -0.80749506 -0.48831131 0.33091254  34.96352  0.41638932 -0.07450815 0.90612826 -10.14186 
4 'point symmetry operation' ?     ?     -0.89042261 0.04132500  0.45325470 48.82622 0.04132500  -0.98441507 0.17093626  17.51354  0.45325470 0.17093626  0.87483768 -13.40085 
5 'point symmetry operation' ?     ?     -0.41781696 -0.80749506 0.41638932 44.47446 0.86948255  -0.48831131 -0.07450815 -8.69322  0.26349273 0.33091254  0.90612826 -9.95941  
6 'point symmetry operation' ?     ?     0.52739435  -0.82815756 0.18976197 20.06135 0.84882005  0.50389623  -0.15997628 -17.44999 0.03686538 0.24544441  0.96870942 -3.25898  
# 
loop_
_struct_conf.conf_type_id 
_struct_conf.id 
_struct_conf.pdbx_PDB_helix_id 
_struct_conf.beg_label_comp_id 
_struct_conf.beg_label_asym_id 
_struct_conf.beg_label_seq_id 
_struct_conf.pdbx_beg_PDB_ins_code 
_struct_conf.end_label_comp_id 
_struct_conf.end_label_asym_id 
_struct_conf.end_label_seq_id 
_struct_conf.pdbx_end_PDB_ins_code 
_struct_conf.beg_auth_comp_id 
_struct_conf.beg_auth_asym_id 
_struct_conf.beg_auth_seq_id 
_struct_conf.end_auth_comp_id 
_struct_conf.end_auth_asym_id 
_struct_conf.end_auth_seq_id 
_struct_conf.pdbx_PDB_helix_class 
_struct_conf.details 
_struct_conf.pdbx_PDB_helix_length 
HELX_P HELX_P1  AA1 SER A 17  ? ALA A 32  ? SER A 16  ALA A 31  1 ? 16 
HELX_P HELX_P2  AA2 GLU A 36  ? SER A 45  ? GLU A 35  SER A 44  1 ? 10 
HELX_P HELX_P3  AA3 THR A 49  ? VAL A 60  ? THR A 48  VAL A 59  1 ? 12 
HELX_P HELX_P4  AA4 HIS A 63  ? HIS A 85  ? HIS A 62  HIS A 84  1 ? 23 
HELX_P HELX_P5  AA5 ARG A 101 ? ALA A 106 ? ARG A 100 ALA A 105 1 ? 6  
HELX_P HELX_P6  AA6 THR A 111 ? THR A 120 ? THR A 110 THR A 119 1 ? 10 
HELX_P HELX_P7  AA7 PRO A 126 ? SER A 147 ? PRO A 125 SER A 146 1 ? 22 
HELX_P HELX_P8  AA8 SER A 150 ? ILE A 154 ? SER A 149 ILE A 153 5 ? 5  
HELX_P HELX_P9  AA9 PRO A 161 ? GLN A 177 ? PRO A 160 GLN A 176 1 ? 17 
HELX_P HELX_P10 AB1 SER A 179 ? ASN A 194 ? SER A 178 ASN A 193 1 ? 16 
HELX_P HELX_P11 AB2 ASN A 196 ? LEU A 206 ? ASN A 195 LEU A 205 1 ? 11 
HELX_P HELX_P12 AB3 THR A 211 ? CYS A 219 ? THR A 210 CYS A 218 1 ? 9  
# 
_struct_conf_type.id          HELX_P 
_struct_conf_type.criteria    ? 
_struct_conf_type.reference   ? 
# 
_struct_mon_prot_cis.pdbx_id                1 
_struct_mon_prot_cis.label_comp_id          ASN 
_struct_mon_prot_cis.label_seq_id           122 
_struct_mon_prot_cis.label_asym_id          A 
_struct_mon_prot_cis.label_alt_id           . 
_struct_mon_prot_cis.pdbx_PDB_ins_code      ? 
_struct_mon_prot_cis.auth_comp_id           ASN 
_struct_mon_prot_cis.auth_seq_id            121 
_struct_mon_prot_cis.auth_asym_id           A 
_struct_mon_prot_cis.pdbx_label_comp_id_2   PRO 
_struct_mon_prot_cis.pdbx_label_seq_id_2    123 
_struct_mon_prot_cis.pdbx_label_asym_id_2   A 
_struct_mon_prot_cis.pdbx_PDB_ins_code_2    ? 
_struct_mon_prot_cis.pdbx_auth_comp_id_2    PRO 
_struct_mon_prot_cis.pdbx_auth_seq_id_2     122 
_struct_mon_prot_cis.pdbx_auth_asym_id_2    A 
_struct_mon_prot_cis.pdbx_PDB_model_num     1 
_struct_mon_prot_cis.pdbx_omega_angle       -6.28 
# 
_struct_sheet.id               AA1 
_struct_sheet.type             ? 
_struct_sheet.number_strands   2 
_struct_sheet.details          ? 
# 
_struct_sheet_order.sheet_id     AA1 
_struct_sheet_order.range_id_1   1 
_struct_sheet_order.range_id_2   2 
_struct_sheet_order.offset       ? 
_struct_sheet_order.sense        anti-parallel 
# 
loop_
_struct_sheet_range.sheet_id 
_struct_sheet_range.id 
_struct_sheet_range.beg_label_comp_id 
_struct_sheet_range.beg_label_asym_id 
_struct_sheet_range.beg_label_seq_id 
_struct_sheet_range.pdbx_beg_PDB_ins_code 
_struct_sheet_range.end_label_comp_id 
_struct_sheet_range.end_label_asym_id 
_struct_sheet_range.end_label_seq_id 
_struct_sheet_range.pdbx_end_PDB_ins_code 
_struct_sheet_range.beg_auth_comp_id 
_struct_sheet_range.beg_auth_asym_id 
_struct_sheet_range.beg_auth_seq_id 
_struct_sheet_range.end_auth_comp_id 
_struct_sheet_range.end_auth_asym_id 
_struct_sheet_range.end_auth_seq_id 
AA1 1 ILE A 3  ? GLN A 5  ? ILE A 2  GLN A 4  
AA1 2 MET A 11 ? HIS A 13 ? MET A 10 HIS A 12 
# 
_pdbx_struct_sheet_hbond.sheet_id                AA1 
_pdbx_struct_sheet_hbond.range_id_1              1 
_pdbx_struct_sheet_hbond.range_id_2              2 
_pdbx_struct_sheet_hbond.range_1_label_atom_id   N 
_pdbx_struct_sheet_hbond.range_1_label_comp_id   VAL 
_pdbx_struct_sheet_hbond.range_1_label_asym_id   A 
_pdbx_struct_sheet_hbond.range_1_label_seq_id    4 
_pdbx_struct_sheet_hbond.range_1_PDB_ins_code    ? 
_pdbx_struct_sheet_hbond.range_1_auth_atom_id    N 
_pdbx_struct_sheet_hbond.range_1_auth_comp_id    VAL 
_pdbx_struct_sheet_hbond.range_1_auth_asym_id    A 
_pdbx_struct_sheet_hbond.range_1_auth_seq_id     3 
_pdbx_struct_sheet_hbond.range_2_label_atom_id   O 
_pdbx_struct_sheet_hbond.range_2_label_comp_id   VAL 
_pdbx_struct_sheet_hbond.range_2_label_asym_id   A 
_pdbx_struct_sheet_hbond.range_2_label_seq_id    12 
_pdbx_struct_sheet_hbond.range_2_PDB_ins_code    ? 
_pdbx_struct_sheet_hbond.range_2_auth_atom_id    O 
_pdbx_struct_sheet_hbond.range_2_auth_comp_id    VAL 
_pdbx_struct_sheet_hbond.range_2_auth_asym_id    A 
_pdbx_struct_sheet_hbond.range_2_auth_seq_id     11 
# 
_em_3d_fitting.id                1 
_em_3d_fitting.entry_id          8CKY 
_em_3d_fitting.method            ? 
_em_3d_fitting.target_criteria   Cross-correlation 
_em_3d_fitting.details           ? 
_em_3d_fitting.overall_b_value   ? 
_em_3d_fitting.ref_space         REAL 
_em_3d_fitting.ref_protocol      'RIGID BODY FIT' 
# 
loop_
_em_3d_fitting_list.id 
_em_3d_fitting_list.3d_fitting_id 
_em_3d_fitting_list.pdb_entry_id 
_em_3d_fitting_list.pdb_chain_id 
_em_3d_fitting_list.pdb_chain_residue_range 
_em_3d_fitting_list.details 
_em_3d_fitting_list.chain_id 
_em_3d_fitting_list.chain_residue_range 
_em_3d_fitting_list.source_name 
_em_3d_fitting_list.type 
_em_3d_fitting_list.accession_code 
_em_3d_fitting_list.initial_refinement_model_id 
1 1 4XFX ? ? ? ? ? PDB 'experimental model' 4XFX 1 
2 1 5TSX ? ? ? ? ? PDB 'experimental model' 5TSX 2 
# 
_em_3d_reconstruction.entry_id                    8CKY 
_em_3d_reconstruction.id                          1 
_em_3d_reconstruction.method                      ? 
_em_3d_reconstruction.algorithm                   'BACK PROJECTION' 
_em_3d_reconstruction.citation_id                 ? 
_em_3d_reconstruction.details                     ? 
_em_3d_reconstruction.resolution                  2.6 
_em_3d_reconstruction.resolution_method           'FSC 0.143 CUT-OFF' 
_em_3d_reconstruction.magnification_calibration   ? 
_em_3d_reconstruction.nominal_pixel_size          ? 
_em_3d_reconstruction.actual_pixel_size           ? 
_em_3d_reconstruction.num_particles               595899 
_em_3d_reconstruction.euler_angles_details        ? 
_em_3d_reconstruction.num_class_averages          4 
_em_3d_reconstruction.refinement_type             ? 
_em_3d_reconstruction.image_processing_id         1 
_em_3d_reconstruction.symmetry_type               POINT 
# 
_em_buffer.id            1 
_em_buffer.specimen_id   1 
_em_buffer.name          ? 
_em_buffer.details       ? 
_em_buffer.pH            6.1 
# 
_em_entity_assembly.id                   1 
_em_entity_assembly.parent_id            0 
_em_entity_assembly.source               RECOMBINANT 
_em_entity_assembly.type                 COMPLEX 
_em_entity_assembly.name                 'HIV-1 Mature Capsid' 
_em_entity_assembly.details              'Hexamer bound to FG repeat containing Nup153 peptide.' 
_em_entity_assembly.synonym              ? 
_em_entity_assembly.oligomeric_details   ? 
_em_entity_assembly.entity_id_list       '1, 2' 
# 
_em_image_scans.entry_id                8CKY 
_em_image_scans.id                      1 
_em_image_scans.number_digital_images   ? 
_em_image_scans.details                 ? 
_em_image_scans.scanner_model           ? 
_em_image_scans.sampling_size           14 
_em_image_scans.od_range                ? 
_em_image_scans.quant_bit_size          ? 
_em_image_scans.citation_id             ? 
_em_image_scans.dimension_height        4096 
_em_image_scans.dimension_width         4096 
_em_image_scans.frames_per_image        ? 
_em_image_scans.image_recording_id      1 
_em_image_scans.used_frames_per_image   ? 
# 
_em_imaging.entry_id                        8CKY 
_em_imaging.id                              1 
_em_imaging.astigmatism                     ? 
_em_imaging.electron_beam_tilt_params       ? 
_em_imaging.residual_tilt                   ? 
_em_imaging.microscope_model                'FEI TITAN KRIOS' 
_em_imaging.specimen_holder_type            ? 
_em_imaging.specimen_holder_model           'FEI TITAN KRIOS AUTOGRID HOLDER' 
_em_imaging.details                         ? 
_em_imaging.date                            ? 
_em_imaging.accelerating_voltage            300 
_em_imaging.illumination_mode               'FLOOD BEAM' 
_em_imaging.mode                            'BRIGHT FIELD' 
_em_imaging.nominal_cs                      2.7 
_em_imaging.nominal_defocus_min             600 
_em_imaging.nominal_defocus_max             3000 
_em_imaging.calibrated_defocus_min          ? 
_em_imaging.calibrated_defocus_max          ? 
_em_imaging.tilt_angle_min                  ? 
_em_imaging.tilt_angle_max                  ? 
_em_imaging.nominal_magnification           130000 
_em_imaging.calibrated_magnification        ? 
_em_imaging.electron_source                 'FIELD EMISSION GUN' 
_em_imaging.citation_id                     ? 
_em_imaging.temperature                     ? 
_em_imaging.detector_distance               ? 
_em_imaging.recording_temperature_minimum   ? 
_em_imaging.recording_temperature_maximum   ? 
_em_imaging.alignment_procedure             'ZEMLIN TABLEAU' 
_em_imaging.c2_aperture_diameter            50 
_em_imaging.specimen_id                     1 
_em_imaging.cryogen                         NITROGEN 
# 
_em_sample_support.id               1 
_em_sample_support.film_material    ? 
_em_sample_support.method           ? 
_em_sample_support.grid_material    COPPER 
_em_sample_support.grid_mesh_size   200 
_em_sample_support.grid_type        C-flat-2/2 
_em_sample_support.details          ? 
_em_sample_support.specimen_id      1 
_em_sample_support.citation_id      ? 
# 
_em_vitrification.entry_id              8CKY 
_em_vitrification.id                    1 
_em_vitrification.specimen_id           1 
_em_vitrification.cryogen_name          ETHANE 
_em_vitrification.humidity              100 
_em_vitrification.temp                  ? 
_em_vitrification.chamber_temperature   291 
_em_vitrification.instrument            'FEI VITROBOT MARK IV' 
_em_vitrification.method                ? 
_em_vitrification.time_resolved_state   ? 
_em_vitrification.citation_id           ? 
_em_vitrification.details               ? 
# 
_em_experiment.entry_id                8CKY 
_em_experiment.id                      1 
_em_experiment.reconstruction_method   'SINGLE PARTICLE' 
_em_experiment.aggregation_state       PARTICLE 
_em_experiment.entity_assembly_id      1 
# 
_em_single_particle_entity.entry_id              8CKY 
_em_single_particle_entity.id                    1 
_em_single_particle_entity.image_processing_id   1 
_em_single_particle_entity.point_symmetry        C6 
# 
loop_
_pdbx_unobs_or_zero_occ_residues.id 
_pdbx_unobs_or_zero_occ_residues.PDB_model_num 
_pdbx_unobs_or_zero_occ_residues.polymer_flag 
_pdbx_unobs_or_zero_occ_residues.occupancy_flag 
_pdbx_unobs_or_zero_occ_residues.auth_asym_id 
_pdbx_unobs_or_zero_occ_residues.auth_comp_id 
_pdbx_unobs_or_zero_occ_residues.auth_seq_id 
_pdbx_unobs_or_zero_occ_residues.PDB_ins_code 
_pdbx_unobs_or_zero_occ_residues.label_asym_id 
_pdbx_unobs_or_zero_occ_residues.label_comp_id 
_pdbx_unobs_or_zero_occ_residues.label_seq_id 
1  1 Y 1 A MET 0    ? A MET 1   
2  1 Y 1 A ALA 88   ? A ALA 89  
3  1 Y 1 A GLY 89   ? A GLY 90  
4  1 Y 1 A PRO 90   ? A PRO 91  
5  1 Y 1 A ILE 91   ? A ILE 92  
6  1 Y 1 A ALA 92   ? A ALA 93  
7  1 Y 1 A PRO 93   ? A PRO 94  
8  1 Y 1 A GLY 94   ? A GLY 95  
9  1 Y 1 A GLN 95   ? A GLN 96  
10 1 Y 1 A GLY 222  ? A GLY 223 
11 1 Y 1 A GLY 223  ? A GLY 224 
12 1 Y 1 A PRO 224  ? A PRO 225 
13 1 Y 1 A GLY 225  ? A GLY 226 
14 1 Y 1 A HIS 226  ? A HIS 227 
15 1 Y 1 A LYS 227  ? A LYS 228 
16 1 Y 1 A ALA 228  ? A ALA 229 
17 1 Y 1 A ARG 229  ? A ARG 230 
18 1 Y 1 A VAL 230  ? A VAL 231 
19 1 Y 1 A LEU 231  ? A LEU 232 
20 1 Y 1 B THR 1407 ? B THR 1   
21 1 Y 1 B ASN 1408 ? B ASN 2   
22 1 Y 1 B ASN 1409 ? B ASN 3   
23 1 Y 1 B SER 1421 ? B SER 15  
24 1 Y 1 B SER 1422 ? B SER 16  
25 1 Y 1 B THR 1423 ? B THR 17  
# 
loop_
_chem_comp_atom.comp_id 
_chem_comp_atom.atom_id 
_chem_comp_atom.type_symbol 
_chem_comp_atom.pdbx_aromatic_flag 
_chem_comp_atom.pdbx_stereo_config 
_chem_comp_atom.pdbx_ordinal 
ALA N    N N N 1   
ALA CA   C N S 2   
ALA C    C N N 3   
ALA O    O N N 4   
ALA CB   C N N 5   
ALA OXT  O N N 6   
ALA H    H N N 7   
ALA H2   H N N 8   
ALA HA   H N N 9   
ALA HB1  H N N 10  
ALA HB2  H N N 11  
ALA HB3  H N N 12  
ALA HXT  H N N 13  
ARG N    N N N 14  
ARG CA   C N S 15  
ARG C    C N N 16  
ARG O    O N N 17  
ARG CB   C N N 18  
ARG CG   C N N 19  
ARG CD   C N N 20  
ARG NE   N N N 21  
ARG CZ   C N N 22  
ARG NH1  N N N 23  
ARG NH2  N N N 24  
ARG OXT  O N N 25  
ARG H    H N N 26  
ARG H2   H N N 27  
ARG HA   H N N 28  
ARG HB2  H N N 29  
ARG HB3  H N N 30  
ARG HG2  H N N 31  
ARG HG3  H N N 32  
ARG HD2  H N N 33  
ARG HD3  H N N 34  
ARG HE   H N N 35  
ARG HH11 H N N 36  
ARG HH12 H N N 37  
ARG HH21 H N N 38  
ARG HH22 H N N 39  
ARG HXT  H N N 40  
ASN N    N N N 41  
ASN CA   C N S 42  
ASN C    C N N 43  
ASN O    O N N 44  
ASN CB   C N N 45  
ASN CG   C N N 46  
ASN OD1  O N N 47  
ASN ND2  N N N 48  
ASN OXT  O N N 49  
ASN H    H N N 50  
ASN H2   H N N 51  
ASN HA   H N N 52  
ASN HB2  H N N 53  
ASN HB3  H N N 54  
ASN HD21 H N N 55  
ASN HD22 H N N 56  
ASN HXT  H N N 57  
ASP N    N N N 58  
ASP CA   C N S 59  
ASP C    C N N 60  
ASP O    O N N 61  
ASP CB   C N N 62  
ASP CG   C N N 63  
ASP OD1  O N N 64  
ASP OD2  O N N 65  
ASP OXT  O N N 66  
ASP H    H N N 67  
ASP H2   H N N 68  
ASP HA   H N N 69  
ASP HB2  H N N 70  
ASP HB3  H N N 71  
ASP HD2  H N N 72  
ASP HXT  H N N 73  
CYS N    N N N 74  
CYS CA   C N R 75  
CYS C    C N N 76  
CYS O    O N N 77  
CYS CB   C N N 78  
CYS SG   S N N 79  
CYS OXT  O N N 80  
CYS H    H N N 81  
CYS H2   H N N 82  
CYS HA   H N N 83  
CYS HB2  H N N 84  
CYS HB3  H N N 85  
CYS HG   H N N 86  
CYS HXT  H N N 87  
GLN N    N N N 88  
GLN CA   C N S 89  
GLN C    C N N 90  
GLN O    O N N 91  
GLN CB   C N N 92  
GLN CG   C N N 93  
GLN CD   C N N 94  
GLN OE1  O N N 95  
GLN NE2  N N N 96  
GLN OXT  O N N 97  
GLN H    H N N 98  
GLN H2   H N N 99  
GLN HA   H N N 100 
GLN HB2  H N N 101 
GLN HB3  H N N 102 
GLN HG2  H N N 103 
GLN HG3  H N N 104 
GLN HE21 H N N 105 
GLN HE22 H N N 106 
GLN HXT  H N N 107 
GLU N    N N N 108 
GLU CA   C N S 109 
GLU C    C N N 110 
GLU O    O N N 111 
GLU CB   C N N 112 
GLU CG   C N N 113 
GLU CD   C N N 114 
GLU OE1  O N N 115 
GLU OE2  O N N 116 
GLU OXT  O N N 117 
GLU H    H N N 118 
GLU H2   H N N 119 
GLU HA   H N N 120 
GLU HB2  H N N 121 
GLU HB3  H N N 122 
GLU HG2  H N N 123 
GLU HG3  H N N 124 
GLU HE2  H N N 125 
GLU HXT  H N N 126 
GLY N    N N N 127 
GLY CA   C N N 128 
GLY C    C N N 129 
GLY O    O N N 130 
GLY OXT  O N N 131 
GLY H    H N N 132 
GLY H2   H N N 133 
GLY HA2  H N N 134 
GLY HA3  H N N 135 
GLY HXT  H N N 136 
HIS N    N N N 137 
HIS CA   C N S 138 
HIS C    C N N 139 
HIS O    O N N 140 
HIS CB   C N N 141 
HIS CG   C Y N 142 
HIS ND1  N Y N 143 
HIS CD2  C Y N 144 
HIS CE1  C Y N 145 
HIS NE2  N Y N 146 
HIS OXT  O N N 147 
HIS H    H N N 148 
HIS H2   H N N 149 
HIS HA   H N N 150 
HIS HB2  H N N 151 
HIS HB3  H N N 152 
HIS HD1  H N N 153 
HIS HD2  H N N 154 
HIS HE1  H N N 155 
HIS HE2  H N N 156 
HIS HXT  H N N 157 
ILE N    N N N 158 
ILE CA   C N S 159 
ILE C    C N N 160 
ILE O    O N N 161 
ILE CB   C N S 162 
ILE CG1  C N N 163 
ILE CG2  C N N 164 
ILE CD1  C N N 165 
ILE OXT  O N N 166 
ILE H    H N N 167 
ILE H2   H N N 168 
ILE HA   H N N 169 
ILE HB   H N N 170 
ILE HG12 H N N 171 
ILE HG13 H N N 172 
ILE HG21 H N N 173 
ILE HG22 H N N 174 
ILE HG23 H N N 175 
ILE HD11 H N N 176 
ILE HD12 H N N 177 
ILE HD13 H N N 178 
ILE HXT  H N N 179 
LEU N    N N N 180 
LEU CA   C N S 181 
LEU C    C N N 182 
LEU O    O N N 183 
LEU CB   C N N 184 
LEU CG   C N N 185 
LEU CD1  C N N 186 
LEU CD2  C N N 187 
LEU OXT  O N N 188 
LEU H    H N N 189 
LEU H2   H N N 190 
LEU HA   H N N 191 
LEU HB2  H N N 192 
LEU HB3  H N N 193 
LEU HG   H N N 194 
LEU HD11 H N N 195 
LEU HD12 H N N 196 
LEU HD13 H N N 197 
LEU HD21 H N N 198 
LEU HD22 H N N 199 
LEU HD23 H N N 200 
LEU HXT  H N N 201 
LYS N    N N N 202 
LYS CA   C N S 203 
LYS C    C N N 204 
LYS O    O N N 205 
LYS CB   C N N 206 
LYS CG   C N N 207 
LYS CD   C N N 208 
LYS CE   C N N 209 
LYS NZ   N N N 210 
LYS OXT  O N N 211 
LYS H    H N N 212 
LYS H2   H N N 213 
LYS HA   H N N 214 
LYS HB2  H N N 215 
LYS HB3  H N N 216 
LYS HG2  H N N 217 
LYS HG3  H N N 218 
LYS HD2  H N N 219 
LYS HD3  H N N 220 
LYS HE2  H N N 221 
LYS HE3  H N N 222 
LYS HZ1  H N N 223 
LYS HZ2  H N N 224 
LYS HZ3  H N N 225 
LYS HXT  H N N 226 
MET N    N N N 227 
MET CA   C N S 228 
MET C    C N N 229 
MET O    O N N 230 
MET CB   C N N 231 
MET CG   C N N 232 
MET SD   S N N 233 
MET CE   C N N 234 
MET OXT  O N N 235 
MET H    H N N 236 
MET H2   H N N 237 
MET HA   H N N 238 
MET HB2  H N N 239 
MET HB3  H N N 240 
MET HG2  H N N 241 
MET HG3  H N N 242 
MET HE1  H N N 243 
MET HE2  H N N 244 
MET HE3  H N N 245 
MET HXT  H N N 246 
PHE N    N N N 247 
PHE CA   C N S 248 
PHE C    C N N 249 
PHE O    O N N 250 
PHE CB   C N N 251 
PHE CG   C Y N 252 
PHE CD1  C Y N 253 
PHE CD2  C Y N 254 
PHE CE1  C Y N 255 
PHE CE2  C Y N 256 
PHE CZ   C Y N 257 
PHE OXT  O N N 258 
PHE H    H N N 259 
PHE H2   H N N 260 
PHE HA   H N N 261 
PHE HB2  H N N 262 
PHE HB3  H N N 263 
PHE HD1  H N N 264 
PHE HD2  H N N 265 
PHE HE1  H N N 266 
PHE HE2  H N N 267 
PHE HZ   H N N 268 
PHE HXT  H N N 269 
PRO N    N N N 270 
PRO CA   C N S 271 
PRO C    C N N 272 
PRO O    O N N 273 
PRO CB   C N N 274 
PRO CG   C N N 275 
PRO CD   C N N 276 
PRO OXT  O N N 277 
PRO H    H N N 278 
PRO HA   H N N 279 
PRO HB2  H N N 280 
PRO HB3  H N N 281 
PRO HG2  H N N 282 
PRO HG3  H N N 283 
PRO HD2  H N N 284 
PRO HD3  H N N 285 
PRO HXT  H N N 286 
SER N    N N N 287 
SER CA   C N S 288 
SER C    C N N 289 
SER O    O N N 290 
SER CB   C N N 291 
SER OG   O N N 292 
SER OXT  O N N 293 
SER H    H N N 294 
SER H2   H N N 295 
SER HA   H N N 296 
SER HB2  H N N 297 
SER HB3  H N N 298 
SER HG   H N N 299 
SER HXT  H N N 300 
THR N    N N N 301 
THR CA   C N S 302 
THR C    C N N 303 
THR O    O N N 304 
THR CB   C N R 305 
THR OG1  O N N 306 
THR CG2  C N N 307 
THR OXT  O N N 308 
THR H    H N N 309 
THR H2   H N N 310 
THR HA   H N N 311 
THR HB   H N N 312 
THR HG1  H N N 313 
THR HG21 H N N 314 
THR HG22 H N N 315 
THR HG23 H N N 316 
THR HXT  H N N 317 
TRP N    N N N 318 
TRP CA   C N S 319 
TRP C    C N N 320 
TRP O    O N N 321 
TRP CB   C N N 322 
TRP CG   C Y N 323 
TRP CD1  C Y N 324 
TRP CD2  C Y N 325 
TRP NE1  N Y N 326 
TRP CE2  C Y N 327 
TRP CE3  C Y N 328 
TRP CZ2  C Y N 329 
TRP CZ3  C Y N 330 
TRP CH2  C Y N 331 
TRP OXT  O N N 332 
TRP H    H N N 333 
TRP H2   H N N 334 
TRP HA   H N N 335 
TRP HB2  H N N 336 
TRP HB3  H N N 337 
TRP HD1  H N N 338 
TRP HE1  H N N 339 
TRP HE3  H N N 340 
TRP HZ2  H N N 341 
TRP HZ3  H N N 342 
TRP HH2  H N N 343 
TRP HXT  H N N 344 
TYR N    N N N 345 
TYR CA   C N S 346 
TYR C    C N N 347 
TYR O    O N N 348 
TYR CB   C N N 349 
TYR CG   C Y N 350 
TYR CD1  C Y N 351 
TYR CD2  C Y N 352 
TYR CE1  C Y N 353 
TYR CE2  C Y N 354 
TYR CZ   C Y N 355 
TYR OH   O N N 356 
TYR OXT  O N N 357 
TYR H    H N N 358 
TYR H2   H N N 359 
TYR HA   H N N 360 
TYR HB2  H N N 361 
TYR HB3  H N N 362 
TYR HD1  H N N 363 
TYR HD2  H N N 364 
TYR HE1  H N N 365 
TYR HE2  H N N 366 
TYR HH   H N N 367 
TYR HXT  H N N 368 
VAL N    N N N 369 
VAL CA   C N S 370 
VAL C    C N N 371 
VAL O    O N N 372 
VAL CB   C N N 373 
VAL CG1  C N N 374 
VAL CG2  C N N 375 
VAL OXT  O N N 376 
VAL H    H N N 377 
VAL H2   H N N 378 
VAL HA   H N N 379 
VAL HB   H N N 380 
VAL HG11 H N N 381 
VAL HG12 H N N 382 
VAL HG13 H N N 383 
VAL HG21 H N N 384 
VAL HG22 H N N 385 
VAL HG23 H N N 386 
VAL HXT  H N N 387 
# 
loop_
_chem_comp_bond.comp_id 
_chem_comp_bond.atom_id_1 
_chem_comp_bond.atom_id_2 
_chem_comp_bond.value_order 
_chem_comp_bond.pdbx_aromatic_flag 
_chem_comp_bond.pdbx_stereo_config 
_chem_comp_bond.pdbx_ordinal 
ALA N   CA   sing N N 1   
ALA N   H    sing N N 2   
ALA N   H2   sing N N 3   
ALA CA  C    sing N N 4   
ALA CA  CB   sing N N 5   
ALA CA  HA   sing N N 6   
ALA C   O    doub N N 7   
ALA C   OXT  sing N N 8   
ALA CB  HB1  sing N N 9   
ALA CB  HB2  sing N N 10  
ALA CB  HB3  sing N N 11  
ALA OXT HXT  sing N N 12  
ARG N   CA   sing N N 13  
ARG N   H    sing N N 14  
ARG N   H2   sing N N 15  
ARG CA  C    sing N N 16  
ARG CA  CB   sing N N 17  
ARG CA  HA   sing N N 18  
ARG C   O    doub N N 19  
ARG C   OXT  sing N N 20  
ARG CB  CG   sing N N 21  
ARG CB  HB2  sing N N 22  
ARG CB  HB3  sing N N 23  
ARG CG  CD   sing N N 24  
ARG CG  HG2  sing N N 25  
ARG CG  HG3  sing N N 26  
ARG CD  NE   sing N N 27  
ARG CD  HD2  sing N N 28  
ARG CD  HD3  sing N N 29  
ARG NE  CZ   sing N N 30  
ARG NE  HE   sing N N 31  
ARG CZ  NH1  sing N N 32  
ARG CZ  NH2  doub N N 33  
ARG NH1 HH11 sing N N 34  
ARG NH1 HH12 sing N N 35  
ARG NH2 HH21 sing N N 36  
ARG NH2 HH22 sing N N 37  
ARG OXT HXT  sing N N 38  
ASN N   CA   sing N N 39  
ASN N   H    sing N N 40  
ASN N   H2   sing N N 41  
ASN CA  C    sing N N 42  
ASN CA  CB   sing N N 43  
ASN CA  HA   sing N N 44  
ASN C   O    doub N N 45  
ASN C   OXT  sing N N 46  
ASN CB  CG   sing N N 47  
ASN CB  HB2  sing N N 48  
ASN CB  HB3  sing N N 49  
ASN CG  OD1  doub N N 50  
ASN CG  ND2  sing N N 51  
ASN ND2 HD21 sing N N 52  
ASN ND2 HD22 sing N N 53  
ASN OXT HXT  sing N N 54  
ASP N   CA   sing N N 55  
ASP N   H    sing N N 56  
ASP N   H2   sing N N 57  
ASP CA  C    sing N N 58  
ASP CA  CB   sing N N 59  
ASP CA  HA   sing N N 60  
ASP C   O    doub N N 61  
ASP C   OXT  sing N N 62  
ASP CB  CG   sing N N 63  
ASP CB  HB2  sing N N 64  
ASP CB  HB3  sing N N 65  
ASP CG  OD1  doub N N 66  
ASP CG  OD2  sing N N 67  
ASP OD2 HD2  sing N N 68  
ASP OXT HXT  sing N N 69  
CYS N   CA   sing N N 70  
CYS N   H    sing N N 71  
CYS N   H2   sing N N 72  
CYS CA  C    sing N N 73  
CYS CA  CB   sing N N 74  
CYS CA  HA   sing N N 75  
CYS C   O    doub N N 76  
CYS C   OXT  sing N N 77  
CYS CB  SG   sing N N 78  
CYS CB  HB2  sing N N 79  
CYS CB  HB3  sing N N 80  
CYS SG  HG   sing N N 81  
CYS OXT HXT  sing N N 82  
GLN N   CA   sing N N 83  
GLN N   H    sing N N 84  
GLN N   H2   sing N N 85  
GLN CA  C    sing N N 86  
GLN CA  CB   sing N N 87  
GLN CA  HA   sing N N 88  
GLN C   O    doub N N 89  
GLN C   OXT  sing N N 90  
GLN CB  CG   sing N N 91  
GLN CB  HB2  sing N N 92  
GLN CB  HB3  sing N N 93  
GLN CG  CD   sing N N 94  
GLN CG  HG2  sing N N 95  
GLN CG  HG3  sing N N 96  
GLN CD  OE1  doub N N 97  
GLN CD  NE2  sing N N 98  
GLN NE2 HE21 sing N N 99  
GLN NE2 HE22 sing N N 100 
GLN OXT HXT  sing N N 101 
GLU N   CA   sing N N 102 
GLU N   H    sing N N 103 
GLU N   H2   sing N N 104 
GLU CA  C    sing N N 105 
GLU CA  CB   sing N N 106 
GLU CA  HA   sing N N 107 
GLU C   O    doub N N 108 
GLU C   OXT  sing N N 109 
GLU CB  CG   sing N N 110 
GLU CB  HB2  sing N N 111 
GLU CB  HB3  sing N N 112 
GLU CG  CD   sing N N 113 
GLU CG  HG2  sing N N 114 
GLU CG  HG3  sing N N 115 
GLU CD  OE1  doub N N 116 
GLU CD  OE2  sing N N 117 
GLU OE2 HE2  sing N N 118 
GLU OXT HXT  sing N N 119 
GLY N   CA   sing N N 120 
GLY N   H    sing N N 121 
GLY N   H2   sing N N 122 
GLY CA  C    sing N N 123 
GLY CA  HA2  sing N N 124 
GLY CA  HA3  sing N N 125 
GLY C   O    doub N N 126 
GLY C   OXT  sing N N 127 
GLY OXT HXT  sing N N 128 
HIS N   CA   sing N N 129 
HIS N   H    sing N N 130 
HIS N   H2   sing N N 131 
HIS CA  C    sing N N 132 
HIS CA  CB   sing N N 133 
HIS CA  HA   sing N N 134 
HIS C   O    doub N N 135 
HIS C   OXT  sing N N 136 
HIS CB  CG   sing N N 137 
HIS CB  HB2  sing N N 138 
HIS CB  HB3  sing N N 139 
HIS CG  ND1  sing Y N 140 
HIS CG  CD2  doub Y N 141 
HIS ND1 CE1  doub Y N 142 
HIS ND1 HD1  sing N N 143 
HIS CD2 NE2  sing Y N 144 
HIS CD2 HD2  sing N N 145 
HIS CE1 NE2  sing Y N 146 
HIS CE1 HE1  sing N N 147 
HIS NE2 HE2  sing N N 148 
HIS OXT HXT  sing N N 149 
ILE N   CA   sing N N 150 
ILE N   H    sing N N 151 
ILE N   H2   sing N N 152 
ILE CA  C    sing N N 153 
ILE CA  CB   sing N N 154 
ILE CA  HA   sing N N 155 
ILE C   O    doub N N 156 
ILE C   OXT  sing N N 157 
ILE CB  CG1  sing N N 158 
ILE CB  CG2  sing N N 159 
ILE CB  HB   sing N N 160 
ILE CG1 CD1  sing N N 161 
ILE CG1 HG12 sing N N 162 
ILE CG1 HG13 sing N N 163 
ILE CG2 HG21 sing N N 164 
ILE CG2 HG22 sing N N 165 
ILE CG2 HG23 sing N N 166 
ILE CD1 HD11 sing N N 167 
ILE CD1 HD12 sing N N 168 
ILE CD1 HD13 sing N N 169 
ILE OXT HXT  sing N N 170 
LEU N   CA   sing N N 171 
LEU N   H    sing N N 172 
LEU N   H2   sing N N 173 
LEU CA  C    sing N N 174 
LEU CA  CB   sing N N 175 
LEU CA  HA   sing N N 176 
LEU C   O    doub N N 177 
LEU C   OXT  sing N N 178 
LEU CB  CG   sing N N 179 
LEU CB  HB2  sing N N 180 
LEU CB  HB3  sing N N 181 
LEU CG  CD1  sing N N 182 
LEU CG  CD2  sing N N 183 
LEU CG  HG   sing N N 184 
LEU CD1 HD11 sing N N 185 
LEU CD1 HD12 sing N N 186 
LEU CD1 HD13 sing N N 187 
LEU CD2 HD21 sing N N 188 
LEU CD2 HD22 sing N N 189 
LEU CD2 HD23 sing N N 190 
LEU OXT HXT  sing N N 191 
LYS N   CA   sing N N 192 
LYS N   H    sing N N 193 
LYS N   H2   sing N N 194 
LYS CA  C    sing N N 195 
LYS CA  CB   sing N N 196 
LYS CA  HA   sing N N 197 
LYS C   O    doub N N 198 
LYS C   OXT  sing N N 199 
LYS CB  CG   sing N N 200 
LYS CB  HB2  sing N N 201 
LYS CB  HB3  sing N N 202 
LYS CG  CD   sing N N 203 
LYS CG  HG2  sing N N 204 
LYS CG  HG3  sing N N 205 
LYS CD  CE   sing N N 206 
LYS CD  HD2  sing N N 207 
LYS CD  HD3  sing N N 208 
LYS CE  NZ   sing N N 209 
LYS CE  HE2  sing N N 210 
LYS CE  HE3  sing N N 211 
LYS NZ  HZ1  sing N N 212 
LYS NZ  HZ2  sing N N 213 
LYS NZ  HZ3  sing N N 214 
LYS OXT HXT  sing N N 215 
MET N   CA   sing N N 216 
MET N   H    sing N N 217 
MET N   H2   sing N N 218 
MET CA  C    sing N N 219 
MET CA  CB   sing N N 220 
MET CA  HA   sing N N 221 
MET C   O    doub N N 222 
MET C   OXT  sing N N 223 
MET CB  CG   sing N N 224 
MET CB  HB2  sing N N 225 
MET CB  HB3  sing N N 226 
MET CG  SD   sing N N 227 
MET CG  HG2  sing N N 228 
MET CG  HG3  sing N N 229 
MET SD  CE   sing N N 230 
MET CE  HE1  sing N N 231 
MET CE  HE2  sing N N 232 
MET CE  HE3  sing N N 233 
MET OXT HXT  sing N N 234 
PHE N   CA   sing N N 235 
PHE N   H    sing N N 236 
PHE N   H2   sing N N 237 
PHE CA  C    sing N N 238 
PHE CA  CB   sing N N 239 
PHE CA  HA   sing N N 240 
PHE C   O    doub N N 241 
PHE C   OXT  sing N N 242 
PHE CB  CG   sing N N 243 
PHE CB  HB2  sing N N 244 
PHE CB  HB3  sing N N 245 
PHE CG  CD1  doub Y N 246 
PHE CG  CD2  sing Y N 247 
PHE CD1 CE1  sing Y N 248 
PHE CD1 HD1  sing N N 249 
PHE CD2 CE2  doub Y N 250 
PHE CD2 HD2  sing N N 251 
PHE CE1 CZ   doub Y N 252 
PHE CE1 HE1  sing N N 253 
PHE CE2 CZ   sing Y N 254 
PHE CE2 HE2  sing N N 255 
PHE CZ  HZ   sing N N 256 
PHE OXT HXT  sing N N 257 
PRO N   CA   sing N N 258 
PRO N   CD   sing N N 259 
PRO N   H    sing N N 260 
PRO CA  C    sing N N 261 
PRO CA  CB   sing N N 262 
PRO CA  HA   sing N N 263 
PRO C   O    doub N N 264 
PRO C   OXT  sing N N 265 
PRO CB  CG   sing N N 266 
PRO CB  HB2  sing N N 267 
PRO CB  HB3  sing N N 268 
PRO CG  CD   sing N N 269 
PRO CG  HG2  sing N N 270 
PRO CG  HG3  sing N N 271 
PRO CD  HD2  sing N N 272 
PRO CD  HD3  sing N N 273 
PRO OXT HXT  sing N N 274 
SER N   CA   sing N N 275 
SER N   H    sing N N 276 
SER N   H2   sing N N 277 
SER CA  C    sing N N 278 
SER CA  CB   sing N N 279 
SER CA  HA   sing N N 280 
SER C   O    doub N N 281 
SER C   OXT  sing N N 282 
SER CB  OG   sing N N 283 
SER CB  HB2  sing N N 284 
SER CB  HB3  sing N N 285 
SER OG  HG   sing N N 286 
SER OXT HXT  sing N N 287 
THR N   CA   sing N N 288 
THR N   H    sing N N 289 
THR N   H2   sing N N 290 
THR CA  C    sing N N 291 
THR CA  CB   sing N N 292 
THR CA  HA   sing N N 293 
THR C   O    doub N N 294 
THR C   OXT  sing N N 295 
THR CB  OG1  sing N N 296 
THR CB  CG2  sing N N 297 
THR CB  HB   sing N N 298 
THR OG1 HG1  sing N N 299 
THR CG2 HG21 sing N N 300 
THR CG2 HG22 sing N N 301 
THR CG2 HG23 sing N N 302 
THR OXT HXT  sing N N 303 
TRP N   CA   sing N N 304 
TRP N   H    sing N N 305 
TRP N   H2   sing N N 306 
TRP CA  C    sing N N 307 
TRP CA  CB   sing N N 308 
TRP CA  HA   sing N N 309 
TRP C   O    doub N N 310 
TRP C   OXT  sing N N 311 
TRP CB  CG   sing N N 312 
TRP CB  HB2  sing N N 313 
TRP CB  HB3  sing N N 314 
TRP CG  CD1  doub Y N 315 
TRP CG  CD2  sing Y N 316 
TRP CD1 NE1  sing Y N 317 
TRP CD1 HD1  sing N N 318 
TRP CD2 CE2  doub Y N 319 
TRP CD2 CE3  sing Y N 320 
TRP NE1 CE2  sing Y N 321 
TRP NE1 HE1  sing N N 322 
TRP CE2 CZ2  sing Y N 323 
TRP CE3 CZ3  doub Y N 324 
TRP CE3 HE3  sing N N 325 
TRP CZ2 CH2  doub Y N 326 
TRP CZ2 HZ2  sing N N 327 
TRP CZ3 CH2  sing Y N 328 
TRP CZ3 HZ3  sing N N 329 
TRP CH2 HH2  sing N N 330 
TRP OXT HXT  sing N N 331 
TYR N   CA   sing N N 332 
TYR N   H    sing N N 333 
TYR N   H2   sing N N 334 
TYR CA  C    sing N N 335 
TYR CA  CB   sing N N 336 
TYR CA  HA   sing N N 337 
TYR C   O    doub N N 338 
TYR C   OXT  sing N N 339 
TYR CB  CG   sing N N 340 
TYR CB  HB2  sing N N 341 
TYR CB  HB3  sing N N 342 
TYR CG  CD1  doub Y N 343 
TYR CG  CD2  sing Y N 344 
TYR CD1 CE1  sing Y N 345 
TYR CD1 HD1  sing N N 346 
TYR CD2 CE2  doub Y N 347 
TYR CD2 HD2  sing N N 348 
TYR CE1 CZ   doub Y N 349 
TYR CE1 HE1  sing N N 350 
TYR CE2 CZ   sing Y N 351 
TYR CE2 HE2  sing N N 352 
TYR CZ  OH   sing N N 353 
TYR OH  HH   sing N N 354 
TYR OXT HXT  sing N N 355 
VAL N   CA   sing N N 356 
VAL N   H    sing N N 357 
VAL N   H2   sing N N 358 
VAL CA  C    sing N N 359 
VAL CA  CB   sing N N 360 
VAL CA  HA   sing N N 361 
VAL C   O    doub N N 362 
VAL C   OXT  sing N N 363 
VAL CB  CG1  sing N N 364 
VAL CB  CG2  sing N N 365 
VAL CB  HB   sing N N 366 
VAL CG1 HG11 sing N N 367 
VAL CG1 HG12 sing N N 368 
VAL CG1 HG13 sing N N 369 
VAL CG2 HG21 sing N N 370 
VAL CG2 HG22 sing N N 371 
VAL CG2 HG23 sing N N 372 
VAL OXT HXT  sing N N 373 
# 
_em_admin.current_status     REL 
_em_admin.deposition_date    2023-02-16 
_em_admin.deposition_site    PDBE 
_em_admin.entry_id           8CKY 
_em_admin.last_update        2024-07-24 
_em_admin.map_release_date   2023-04-26 
_em_admin.title              'HIV-1 mature capsid hexamer from CA-IP6 CLPs, bound to Nup153 peptide' 
# 
loop_
_em_buffer_component.buffer_id 
_em_buffer_component.concentration 
_em_buffer_component.concentration_units 
_em_buffer_component.formula 
_em_buffer_component.id 
_em_buffer_component.name 
1 300 mM NaCl       1 'sodium chloride'           
1 2   mM C9H15O6P   2 TCEP                        
1 50  mM C6H13NO4S  3 MES                         
1 2.5 mM C6H18O24P6 4 'inositol hexakisphosphate' 
1 0.1 %  C2H6OS     5 DMSO                        
# 
_em_ctf_correction.details                  ? 
_em_ctf_correction.em_image_processing_id   1 
_em_ctf_correction.id                       1 
_em_ctf_correction.type                     'PHASE FLIPPING AND AMPLITUDE CORRECTION' 
# 
_em_entity_assembly_molwt.entity_assembly_id   1 
_em_entity_assembly_molwt.experimental_flag    NO 
_em_entity_assembly_molwt.id                   1 
_em_entity_assembly_molwt.units                MEGADALTONS 
_em_entity_assembly_molwt.value                0.027 
# 
_em_entity_assembly_naturalsource.cell                 ? 
_em_entity_assembly_naturalsource.cellular_location    ? 
_em_entity_assembly_naturalsource.entity_assembly_id   1 
_em_entity_assembly_naturalsource.id                   2 
_em_entity_assembly_naturalsource.ncbi_tax_id          11676 
_em_entity_assembly_naturalsource.organism             'Human immunodeficiency virus 1' 
_em_entity_assembly_naturalsource.organelle            ? 
_em_entity_assembly_naturalsource.organ                ? 
_em_entity_assembly_naturalsource.strain               ? 
_em_entity_assembly_naturalsource.tissue               ? 
# 
_em_entity_assembly_recombinant.cell                 ? 
_em_entity_assembly_recombinant.entity_assembly_id   1 
_em_entity_assembly_recombinant.id                   2 
_em_entity_assembly_recombinant.ncbi_tax_id          562 
_em_entity_assembly_recombinant.organism             'Escherichia coli' 
_em_entity_assembly_recombinant.plasmid              ? 
_em_entity_assembly_recombinant.strain               ? 
# 
_em_image_processing.details              ? 
_em_image_processing.id                   1 
_em_image_processing.image_recording_id   1 
# 
_em_image_recording.average_exposure_time               ? 
_em_image_recording.avg_electron_dose_per_subtomogram   ? 
_em_image_recording.avg_electron_dose_per_image         40 
_em_image_recording.details                             ? 
_em_image_recording.detector_mode                       ? 
_em_image_recording.film_or_detector_model              'FEI FALCON IV (4k x 4k)' 
_em_image_recording.id                                  1 
_em_image_recording.imaging_id                          1 
_em_image_recording.num_diffraction_images              ? 
_em_image_recording.num_grids_imaged                    1 
_em_image_recording.num_real_images                     4770 
# 
_em_imaging_optics.chr_aberration_corrector   ? 
_em_imaging_optics.energyfilter_lower         ? 
_em_imaging_optics.energyfilter_slit_width    20 
_em_imaging_optics.energyfilter_name          'TFS Selectris' 
_em_imaging_optics.energyfilter_upper         ? 
_em_imaging_optics.id                         1 
_em_imaging_optics.imaging_id                 1 
_em_imaging_optics.phase_plate                ? 
_em_imaging_optics.sph_aberration_corrector   ? 
_em_imaging_optics.details                    ? 
# 
_em_particle_selection.details                  ? 
_em_particle_selection.id                       1 
_em_particle_selection.image_processing_id      1 
_em_particle_selection.method                   ? 
_em_particle_selection.num_particles_selected   1457736 
_em_particle_selection.reference_model          ? 
# 
loop_
_em_software.category 
_em_software.details 
_em_software.id 
_em_software.image_processing_id 
_em_software.fitting_id 
_em_software.imaging_id 
_em_software.name 
_em_software.version 
'PARTICLE SELECTION'            ? 1  1 ? ? crYOLO         1.82  
'IMAGE ACQUISITION'             ? 2  ? ? 1 EPU            ?     
MASKING                         ? 3  ? ? ? ?              ?     
'CTF CORRECTION'                ? 4  1 ? ? cryoSPARC      3.3.2 
'LAYERLINE INDEXING'            ? 5  ? ? ? ?              ?     
'DIFFRACTION INDEXING'          ? 6  ? ? ? ?              ?     
'MODEL FITTING'                 ? 7  ? 1 ? 'UCSF Chimera' ?     
OTHER                           ? 8  ? ? ? ?              ?     
'INITIAL EULER ASSIGNMENT'      ? 9  1 ? ? cryoSPARC      3.3.2 
'FINAL EULER ASSIGNMENT'        ? 10 1 ? ? cryoSPARC      3.3.2 
CLASSIFICATION                  ? 11 1 ? ? cryoSPARC      3.3.2 
RECONSTRUCTION                  ? 12 1 ? ? cryoSPARC      3.3.2 
'MODEL REFINEMENT'              ? 13 ? 1 ? ISOLDE         ?     
'MODEL REFINEMENT'              ? 14 ? 1 ? Coot           ?     
'MODEL REFINEMENT'              ? 15 ? 1 ? PHENIX         ?     
'VOLUME SELECTION'              ? 16 1 1 1 ?              ?     
'SERIES ALIGNMENT'              ? 17 1 1 1 ?              ?     
'MOLECULAR REPLACEMENT'         ? 18 1 1 1 ?              ?     
'LATTICE DISTORTION CORRECTION' ? 19 1 1 1 ?              ?     
'SYMMETRY DETERMINATION'        ? 20 1 1 1 ?              ?     
'CRYSTALLOGRAPHY MERGING'       ? 21 1 1 1 ?              ?     
# 
_em_specimen.concentration           0.5 
_em_specimen.details                 'VLP assembly, bound to Nup153 peptide.' 
_em_specimen.embedding_applied       NO 
_em_specimen.experiment_id           1 
_em_specimen.id                      1 
_em_specimen.shadowing_applied       NO 
_em_specimen.staining_applied        NO 
_em_specimen.vitrification_applied   YES 
# 
loop_
_pdbx_audit_support.funding_organization 
_pdbx_audit_support.country 
_pdbx_audit_support.grant_number 
_pdbx_audit_support.ordinal 
'Max Planck Society'                                                                              Germany          ? 1 
'National Institutes of Health/National Institute Of Allergy and Infectious Diseases (NIH/NIAID)' 'United States'  R01AI147890 2 
'National Institutes of Health/National Institute Of Allergy and Infectious Diseases (NIH/NIAID)' 'United States'  5U54AI150472-09 
3 
'National Institutes of Health/National Institute Of Allergy and Infectious Diseases (NIH/NIAID)' 'United States'  
'U54 AI170855-01' 4 
'Medical Research Council (MRC, United Kingdom)'                                                  'United Kingdom' MC_UP_1201/16 5 
# 
loop_
_pdbx_initial_refinement_model.id 
_pdbx_initial_refinement_model.type 
_pdbx_initial_refinement_model.source_name 
_pdbx_initial_refinement_model.accession_code 
1 'experimental model' PDB 4XFX 
2 'experimental model' PDB 5TSX 
# 
_atom_sites.entry_id                    8CKY 
_atom_sites.Cartn_transf_matrix[1][1]   ? 
_atom_sites.Cartn_transf_matrix[1][2]   ? 
_atom_sites.Cartn_transf_matrix[1][3]   ? 
_atom_sites.Cartn_transf_matrix[2][1]   ? 
_atom_sites.Cartn_transf_matrix[2][2]   ? 
_atom_sites.Cartn_transf_matrix[2][3]   ? 
_atom_sites.Cartn_transf_matrix[3][1]   ? 
_atom_sites.Cartn_transf_matrix[3][2]   ? 
_atom_sites.Cartn_transf_matrix[3][3]   ? 
_atom_sites.Cartn_transf_vector[1]      ? 
_atom_sites.Cartn_transf_vector[2]      ? 
_atom_sites.Cartn_transf_vector[3]      ? 
_atom_sites.fract_transf_matrix[1][1]   1.000000 
_atom_sites.fract_transf_matrix[1][2]   0.000000 
_atom_sites.fract_transf_matrix[1][3]   0.000000 
_atom_sites.fract_transf_matrix[2][1]   0.000000 
_atom_sites.fract_transf_matrix[2][2]   1.000000 
_atom_sites.fract_transf_matrix[2][3]   0.000000 
_atom_sites.fract_transf_matrix[3][1]   0.000000 
_atom_sites.fract_transf_matrix[3][2]   0.000000 
_atom_sites.fract_transf_matrix[3][3]   1.000000 
_atom_sites.fract_transf_vector[1]      0.00000 
_atom_sites.fract_transf_vector[2]      0.00000 
_atom_sites.fract_transf_vector[3]      0.00000 
_atom_sites.solution_primary            ? 
_atom_sites.solution_secondary          ? 
_atom_sites.solution_hydrogens          ? 
_atom_sites.special_details             ? 
# 
loop_
_atom_type.symbol 
C 
N 
O 
S 
# 
loop_
_atom_site.group_PDB 
_atom_site.id 
_atom_site.type_symbol 
_atom_site.label_atom_id 
_atom_site.label_alt_id 
_atom_site.label_comp_id 
_atom_site.label_asym_id 
_atom_site.label_entity_id 
_atom_site.label_seq_id 
_atom_site.pdbx_PDB_ins_code 
_atom_site.Cartn_x 
_atom_site.Cartn_y 
_atom_site.Cartn_z 
_atom_site.occupancy 
_atom_site.B_iso_or_equiv 
_atom_site.pdbx_formal_charge 
_atom_site.auth_seq_id 
_atom_site.auth_comp_id 
_atom_site.auth_asym_id 
_atom_site.auth_atom_id 
_atom_site.pdbx_PDB_model_num 
ATOM 1    N N   . PRO A 1 2   ? 11.773  11.510  9.608   1.00 63.56 ? 1    PRO A N   1 
ATOM 2    C CA  . PRO A 1 2   ? 12.053  10.642  10.753  1.00 63.56 ? 1    PRO A CA  1 
ATOM 3    C C   . PRO A 1 2   ? 12.310  11.425  12.041  1.00 63.56 ? 1    PRO A C   1 
ATOM 4    O O   . PRO A 1 2   ? 12.304  12.652  12.011  1.00 63.56 ? 1    PRO A O   1 
ATOM 5    C CB  . PRO A 1 2   ? 13.300  9.865   10.292  1.00 63.56 ? 1    PRO A CB  1 
ATOM 6    C CG  . PRO A 1 2   ? 13.460  10.207  8.775   1.00 63.56 ? 1    PRO A CG  1 
ATOM 7    C CD  . PRO A 1 2   ? 12.152  10.814  8.375   1.00 63.56 ? 1    PRO A CD  1 
ATOM 8    N N   . ILE A 1 3   ? 12.526  10.723  13.151  1.00 66.09 ? 2    ILE A N   1 
ATOM 9    C CA  . ILE A 1 3   ? 12.922  11.333  14.417  1.00 66.09 ? 2    ILE A CA  1 
ATOM 10   C C   . ILE A 1 3   ? 14.311  10.845  14.813  1.00 66.09 ? 2    ILE A C   1 
ATOM 11   O O   . ILE A 1 3   ? 14.645  9.669   14.635  1.00 66.09 ? 2    ILE A O   1 
ATOM 12   C CB  . ILE A 1 3   ? 11.887  11.031  15.523  1.00 66.09 ? 2    ILE A CB  1 
ATOM 13   C CG1 . ILE A 1 3   ? 10.507  11.541  15.097  1.00 66.09 ? 2    ILE A CG1 1 
ATOM 14   C CG2 . ILE A 1 3   ? 12.307  11.648  16.853  1.00 66.09 ? 2    ILE A CG2 1 
ATOM 15   C CD1 . ILE A 1 3   ? 9.404   11.284  16.107  1.00 66.09 ? 2    ILE A CD1 1 
ATOM 16   N N   . VAL A 1 4   ? 15.117  11.767  15.343  1.00 72.44 ? 3    VAL A N   1 
ATOM 17   C CA  . VAL A 1 4   ? 16.489  11.521  15.778  1.00 72.44 ? 3    VAL A CA  1 
ATOM 18   C C   . VAL A 1 4   ? 16.683  12.166  17.146  1.00 72.44 ? 3    VAL A C   1 
ATOM 19   O O   . VAL A 1 4   ? 16.095  13.210  17.445  1.00 72.44 ? 3    VAL A O   1 
ATOM 20   C CB  . VAL A 1 4   ? 17.506  12.065  14.746  1.00 72.44 ? 3    VAL A CB  1 
ATOM 21   C CG1 . VAL A 1 4   ? 18.928  12.031  15.293  1.00 72.44 ? 3    VAL A CG1 1 
ATOM 22   C CG2 . VAL A 1 4   ? 17.428  11.259  13.454  1.00 72.44 ? 3    VAL A CG2 1 
ATOM 23   N N   . GLN A 1 5   ? 17.500  11.531  17.990  1.00 80.15 ? 4    GLN A N   1 
ATOM 24   C CA  . GLN A 1 5   ? 17.955  12.150  19.234  1.00 80.15 ? 4    GLN A CA  1 
ATOM 25   C C   . GLN A 1 5   ? 19.088  13.140  18.970  1.00 80.15 ? 4    GLN A C   1 
ATOM 26   O O   . GLN A 1 5   ? 20.112  12.779  18.380  1.00 80.15 ? 4    GLN A O   1 
ATOM 27   C CB  . GLN A 1 5   ? 18.409  11.075  20.219  1.00 80.15 ? 4    GLN A CB  1 
ATOM 28   N N   . ASN A 1 6   ? 18.900  14.385  19.407  1.00 85.74 ? 5    ASN A N   1 
ATOM 29   C CA  . ASN A 1 6   ? 19.944  15.403  19.342  1.00 85.74 ? 5    ASN A CA  1 
ATOM 30   C C   . ASN A 1 6   ? 21.100  15.094  20.297  1.00 85.74 ? 5    ASN A C   1 
ATOM 31   O O   . ASN A 1 6   ? 20.977  14.308  21.241  1.00 85.74 ? 5    ASN A O   1 
ATOM 32   C CB  . ASN A 1 6   ? 19.365  16.779  19.668  1.00 85.74 ? 5    ASN A CB  1 
ATOM 33   N N   . LEU A 1 7   ? 22.242  15.744  20.038  1.00 91.89 ? 6    LEU A N   1 
ATOM 34   C CA  . LEU A 1 7   ? 23.389  15.652  20.941  1.00 91.89 ? 6    LEU A CA  1 
ATOM 35   C C   . LEU A 1 7   ? 23.093  16.269  22.305  1.00 91.89 ? 6    LEU A C   1 
ATOM 36   O O   . LEU A 1 7   ? 23.719  15.896  23.303  1.00 91.89 ? 6    LEU A O   1 
ATOM 37   C CB  . LEU A 1 7   ? 24.608  16.329  20.308  1.00 91.89 ? 6    LEU A CB  1 
ATOM 38   C CG  . LEU A 1 7   ? 25.083  15.767  18.963  1.00 91.89 ? 6    LEU A CG  1 
ATOM 39   C CD1 . LEU A 1 7   ? 26.302  16.528  18.453  1.00 91.89 ? 6    LEU A CD1 1 
ATOM 40   C CD2 . LEU A 1 7   ? 25.416  14.284  19.080  1.00 91.89 ? 6    LEU A CD2 1 
ATOM 41   N N   . GLN A 1 8   ? 22.154  17.213  22.369  1.00 91.25 ? 7    GLN A N   1 
ATOM 42   C CA  . GLN A 1 8   ? 21.632  17.728  23.631  1.00 91.25 ? 7    GLN A CA  1 
ATOM 43   C C   . GLN A 1 8   ? 20.603  16.808  24.283  1.00 91.25 ? 7    GLN A C   1 
ATOM 44   O O   . GLN A 1 8   ? 20.089  17.148  25.355  1.00 91.25 ? 7    GLN A O   1 
ATOM 45   C CB  . GLN A 1 8   ? 21.012  19.110  23.411  1.00 91.25 ? 7    GLN A CB  1 
ATOM 46   N N   . GLY A 1 9   ? 20.291  15.667  23.672  1.00 88.26 ? 8    GLY A N   1 
ATOM 47   C CA  . GLY A 1 9   ? 19.338  14.718  24.215  1.00 88.26 ? 8    GLY A CA  1 
ATOM 48   C C   . GLY A 1 9   ? 17.883  14.981  23.877  1.00 88.26 ? 8    GLY A C   1 
ATOM 49   O O   . GLY A 1 9   ? 17.020  14.196  24.289  1.00 88.26 ? 8    GLY A O   1 
ATOM 50   N N   . GLN A 1 10  ? 17.580  16.057  23.154  1.00 85.08 ? 9    GLN A N   1 
ATOM 51   C CA  . GLN A 1 10  ? 16.214  16.361  22.741  1.00 85.08 ? 9    GLN A CA  1 
ATOM 52   C C   . GLN A 1 10  ? 15.773  15.475  21.578  1.00 85.08 ? 9    GLN A C   1 
ATOM 53   O O   . GLN A 1 10  ? 16.586  15.037  20.759  1.00 85.08 ? 9    GLN A O   1 
ATOM 54   C CB  . GLN A 1 10  ? 16.095  17.832  22.344  1.00 85.08 ? 9    GLN A CB  1 
ATOM 55   N N   . MET A 1 11  ? 14.466  15.212  21.513  1.00 76.49 ? 10   MET A N   1 
ATOM 56   C CA  . MET A 1 11  ? 13.856  14.558  20.356  1.00 76.49 ? 10   MET A CA  1 
ATOM 57   C C   . MET A 1 11  ? 13.723  15.545  19.197  1.00 76.49 ? 10   MET A C   1 
ATOM 58   O O   . MET A 1 11  ? 13.050  16.573  19.328  1.00 76.49 ? 10   MET A O   1 
ATOM 59   C CB  . MET A 1 11  ? 12.490  13.992  20.734  1.00 76.49 ? 10   MET A CB  1 
ATOM 60   N N   . VAL A 1 12  ? 14.347  15.227  18.061  1.00 72.94 ? 11   VAL A N   1 
ATOM 61   C CA  . VAL A 1 12  ? 14.545  16.173  16.965  1.00 72.94 ? 11   VAL A CA  1 
ATOM 62   C C   . VAL A 1 12  ? 14.094  15.544  15.648  1.00 72.94 ? 11   VAL A C   1 
ATOM 63   O O   . VAL A 1 12  ? 14.288  14.346  15.420  1.00 72.94 ? 11   VAL A O   1 
ATOM 64   C CB  . VAL A 1 12  ? 16.021  16.625  16.908  1.00 72.94 ? 11   VAL A CB  1 
ATOM 65   C CG1 . VAL A 1 12  ? 16.359  17.299  15.588  1.00 72.94 ? 11   VAL A CG1 1 
ATOM 66   C CG2 . VAL A 1 12  ? 16.305  17.576  18.063  1.00 72.94 ? 11   VAL A CG2 1 
ATOM 67   N N   . HIS A 1 13  ? 13.490  16.363  14.783  1.00 65.54 ? 12   HIS A N   1 
ATOM 68   C CA  . HIS A 1 13  ? 13.112  15.936  13.437  1.00 65.54 ? 12   HIS A CA  1 
ATOM 69   C C   . HIS A 1 13  ? 14.333  15.782  12.535  1.00 65.54 ? 12   HIS A C   1 
ATOM 70   O O   . HIS A 1 13  ? 15.203  16.656  12.500  1.00 65.54 ? 12   HIS A O   1 
ATOM 71   C CB  . HIS A 1 13  ? 12.149  16.950  12.821  1.00 65.54 ? 12   HIS A CB  1 
ATOM 72   C CG  . HIS A 1 13  ? 11.578  16.518  11.506  1.00 65.54 ? 12   HIS A CG  1 
ATOM 73   N ND1 . HIS A 1 13  ? 11.652  17.292  10.368  1.00 65.54 ? 12   HIS A ND1 1 
ATOM 74   C CD2 . HIS A 1 13  ? 10.886  15.407  11.161  1.00 65.54 ? 12   HIS A CD2 1 
ATOM 75   C CE1 . HIS A 1 13  ? 11.055  16.662  9.370   1.00 65.54 ? 12   HIS A CE1 1 
ATOM 76   N NE2 . HIS A 1 13  ? 10.565  15.525  9.831   1.00 65.54 ? 12   HIS A NE2 1 
ATOM 77   N N   . GLN A 1 14  ? 14.390  14.679  11.790  1.00 67.97 ? 13   GLN A N   1 
ATOM 78   C CA  . GLN A 1 14  ? 15.234  14.565  10.602  1.00 67.97 ? 13   GLN A CA  1 
ATOM 79   C C   . GLN A 1 14  ? 14.347  14.604  9.361   1.00 67.97 ? 13   GLN A C   1 
ATOM 80   O O   . GLN A 1 14  ? 13.430  13.787  9.229   1.00 67.97 ? 13   GLN A O   1 
ATOM 81   C CB  . GLN A 1 14  ? 16.056  13.276  10.646  1.00 67.97 ? 13   GLN A CB  1 
ATOM 82   C CG  . GLN A 1 14  ? 16.993  13.083  9.459   1.00 67.97 ? 13   GLN A CG  1 
ATOM 83   C CD  . GLN A 1 14  ? 17.556  11.676  9.383   1.00 67.97 ? 13   GLN A CD  1 
ATOM 84   O OE1 . GLN A 1 14  ? 16.975  10.735  9.924   1.00 67.97 ? 13   GLN A OE1 1 
ATOM 85   N NE2 . GLN A 1 14  ? 18.690  11.524  8.710   1.00 67.97 ? 13   GLN A NE2 1 
ATOM 86   N N   . ALA A 1 15  ? 14.619  15.545  8.459   1.00 64.27 ? 14   ALA A N   1 
ATOM 87   C CA  . ALA A 1 15  ? 13.850  15.648  7.222   1.00 64.27 ? 14   ALA A CA  1 
ATOM 88   C C   . ALA A 1 15  ? 14.032  14.414  6.342   1.00 64.27 ? 14   ALA A C   1 
ATOM 89   O O   . ALA A 1 15  ? 15.136  13.878  6.216   1.00 64.27 ? 14   ALA A O   1 
ATOM 90   C CB  . ALA A 1 15  ? 14.270  16.902  6.454   1.00 64.27 ? 14   ALA A CB  1 
ATOM 91   N N   . ILE A 1 16  ? 12.936  13.967  5.719   1.00 59.03 ? 15   ILE A N   1 
ATOM 92   C CA  . ILE A 1 16  ? 13.027  12.953  4.670   1.00 59.03 ? 15   ILE A CA  1 
ATOM 93   C C   . ILE A 1 16  ? 13.928  13.459  3.548   1.00 59.03 ? 15   ILE A C   1 
ATOM 94   O O   . ILE A 1 16  ? 13.731  14.560  3.022   1.00 59.03 ? 15   ILE A O   1 
ATOM 95   C CB  . ILE A 1 16  ? 11.622  12.562  4.176   1.00 59.03 ? 15   ILE A CB  1 
ATOM 96   C CG1 . ILE A 1 16  ? 11.709  11.447  3.129   1.00 59.03 ? 15   ILE A CG1 1 
ATOM 97   C CG2 . ILE A 1 16  ? 10.855  13.765  3.630   1.00 59.03 ? 15   ILE A CG2 1 
ATOM 98   C CD1 . ILE A 1 16  ? 10.369  10.800  2.813   1.00 59.03 ? 15   ILE A CD1 1 
ATOM 99   N N   . SER A 1 17  ? 14.933  12.660  3.187   1.00 59.70 ? 16   SER A N   1 
ATOM 100  C CA  . SER A 1 17  ? 15.991  13.141  2.308   1.00 59.70 ? 16   SER A CA  1 
ATOM 101  C C   . SER A 1 17  ? 15.484  13.391  0.885   1.00 59.70 ? 16   SER A C   1 
ATOM 102  O O   . SER A 1 17  ? 14.515  12.772  0.442   1.00 59.70 ? 16   SER A O   1 
ATOM 103  C CB  . SER A 1 17  ? 17.147  12.145  2.268   1.00 59.70 ? 16   SER A CB  1 
ATOM 104  O OG  . SER A 1 17  ? 16.910  11.111  1.329   1.00 59.70 ? 16   SER A OG  1 
ATOM 105  N N   . PRO A 1 18  ? 16.141  14.292  0.143   1.00 60.80 ? 17   PRO A N   1 
ATOM 106  C CA  . PRO A 1 18  ? 15.780  14.501  -1.271  1.00 60.80 ? 17   PRO A CA  1 
ATOM 107  C C   . PRO A 1 18  ? 15.805  13.246  -2.125  1.00 60.80 ? 17   PRO A C   1 
ATOM 108  O O   . PRO A 1 18  ? 14.965  13.095  -3.019  1.00 60.80 ? 17   PRO A O   1 
ATOM 109  C CB  . PRO A 1 18  ? 16.833  15.516  -1.744  1.00 60.80 ? 17   PRO A CB  1 
ATOM 110  C CG  . PRO A 1 18  ? 17.190  16.271  -0.523  1.00 60.80 ? 17   PRO A CG  1 
ATOM 111  C CD  . PRO A 1 18  ? 17.177  15.243  0.578   1.00 60.80 ? 17   PRO A CD  1 
ATOM 112  N N   . ARG A 1 19  ? 16.755  12.346  -1.884  1.00 61.21 ? 18   ARG A N   1 
ATOM 113  C CA  . ARG A 1 19  ? 16.831  11.104  -2.649  1.00 61.21 ? 18   ARG A CA  1 
ATOM 114  C C   . ARG A 1 19  ? 15.704  10.138  -2.288  1.00 61.21 ? 18   ARG A C   1 
ATOM 115  O O   . ARG A 1 19  ? 15.175  9.449   -3.164  1.00 61.21 ? 18   ARG A O   1 
ATOM 116  C CB  . ARG A 1 19  ? 18.215  10.475  -2.454  1.00 61.21 ? 18   ARG A CB  1 
ATOM 117  C CG  . ARG A 1 19  ? 18.502  9.266   -3.339  1.00 61.21 ? 18   ARG A CG  1 
ATOM 118  C CD  . ARG A 1 19  ? 20.005  8.995   -3.469  1.00 61.21 ? 18   ARG A CD  1 
ATOM 119  N NE  . ARG A 1 19  ? 20.661  8.782   -2.184  1.00 61.21 ? 18   ARG A NE  1 
ATOM 120  C CZ  . ARG A 1 19  ? 21.966  8.911   -1.975  1.00 61.21 ? 18   ARG A CZ  1 
ATOM 121  N NH1 . ARG A 1 19  ? 22.801  9.210   -2.958  1.00 61.21 ? 18   ARG A NH1 1 
ATOM 122  N NH2 . ARG A 1 19  ? 22.448  8.734   -0.748  1.00 61.21 ? 18   ARG A NH2 1 
ATOM 123  N N   . THR A 1 20  ? 15.290  10.100  -1.019  1.00 57.47 ? 19   THR A N   1 
ATOM 124  C CA  . THR A 1 20  ? 14.113  9.316   -0.635  1.00 57.47 ? 19   THR A CA  1 
ATOM 125  C C   . THR A 1 20  ? 12.824  9.860   -1.254  1.00 57.47 ? 19   THR A C   1 
ATOM 126  O O   . THR A 1 20  ? 11.992  9.088   -1.751  1.00 57.47 ? 19   THR A O   1 
ATOM 127  C CB  . THR A 1 20  ? 13.987  9.292   0.890   1.00 57.47 ? 19   THR A CB  1 
ATOM 128  O OG1 . THR A 1 20  ? 15.249  8.949   1.474   1.00 57.47 ? 19   THR A OG1 1 
ATOM 129  C CG2 . THR A 1 20  ? 12.943  8.287   1.346   1.00 57.47 ? 19   THR A CG2 1 
ATOM 130  N N   . LEU A 1 21  ? 12.659  11.184  -1.281  1.00 55.46 ? 20   LEU A N   1 
ATOM 131  C CA  . LEU A 1 21  ? 11.515  11.775  -1.974  1.00 55.46 ? 20   LEU A CA  1 
ATOM 132  C C   . LEU A 1 21  ? 11.553  11.502  -3.470  1.00 55.46 ? 20   LEU A C   1 
ATOM 133  O O   . LEU A 1 21  ? 10.526  11.183  -4.074  1.00 55.46 ? 20   LEU A O   1 
ATOM 134  C CB  . LEU A 1 21  ? 11.462  13.282  -1.719  1.00 55.46 ? 20   LEU A CB  1 
ATOM 135  C CG  . LEU A 1 21  ? 10.990  13.741  -0.342  1.00 55.46 ? 20   LEU A CG  1 
ATOM 136  C CD1 . LEU A 1 21  ? 11.145  15.243  -0.216  1.00 55.46 ? 20   LEU A CD1 1 
ATOM 137  C CD2 . LEU A 1 21  ? 9.537   13.345  -0.110  1.00 55.46 ? 20   LEU A CD2 1 
ATOM 138  N N   . ASN A 1 22  ? 12.710  11.682  -4.099  1.00 58.08 ? 21   ASN A N   1 
ATOM 139  C CA  . ASN A 1 22  ? 12.818  11.408  -5.527  1.00 58.08 ? 21   ASN A CA  1 
ATOM 140  C C   . ASN A 1 22  ? 12.531  9.941   -5.840  1.00 58.08 ? 21   ASN A C   1 
ATOM 141  O O   . ASN A 1 22  ? 11.874  9.632   -6.840  1.00 58.08 ? 21   ASN A O   1 
ATOM 142  C CB  . ASN A 1 22  ? 14.209  11.819  -6.014  1.00 58.08 ? 21   ASN A CB  1 
ATOM 143  C CG  . ASN A 1 22  ? 14.320  11.851  -7.524  1.00 58.08 ? 21   ASN A CG  1 
ATOM 144  O OD1 . ASN A 1 22  ? 13.337  12.085  -8.225  1.00 58.08 ? 21   ASN A OD1 1 
ATOM 145  N ND2 . ASN A 1 22  ? 15.533  11.664  -8.032  1.00 58.08 ? 21   ASN A ND2 1 
ATOM 146  N N   . ALA A 1 23  ? 12.996  9.026   -4.986  1.00 54.43 ? 22   ALA A N   1 
ATOM 147  C CA  . ALA A 1 23  ? 12.661  7.610   -5.125  1.00 54.43 ? 22   ALA A CA  1 
ATOM 148  C C   . ALA A 1 23  ? 11.157  7.361   -5.055  1.00 54.43 ? 22   ALA A C   1 
ATOM 149  O O   . ALA A 1 23  ? 10.597  6.646   -5.895  1.00 54.43 ? 22   ALA A O   1 
ATOM 150  C CB  . ALA A 1 23  ? 13.386  6.807   -4.045  1.00 54.43 ? 22   ALA A CB  1 
ATOM 151  N N   . TRP A 1 24  ? 10.482  7.948   -4.066  1.00 51.94 ? 23   TRP A N   1 
ATOM 152  C CA  . TRP A 1 24  ? 9.025   7.825   -3.981  1.00 51.94 ? 23   TRP A CA  1 
ATOM 153  C C   . TRP A 1 24  ? 8.312   8.407   -5.200  1.00 51.94 ? 23   TRP A C   1 
ATOM 154  O O   . TRP A 1 24  ? 7.369   7.804   -5.729  1.00 51.94 ? 23   TRP A O   1 
ATOM 155  C CB  . TRP A 1 24  ? 8.530   8.484   -2.695  1.00 51.94 ? 23   TRP A CB  1 
ATOM 156  C CG  . TRP A 1 24  ? 7.038   8.570   -2.599  1.00 51.94 ? 23   TRP A CG  1 
ATOM 157  C CD1 . TRP A 1 24  ? 6.302   9.708   -2.498  1.00 51.94 ? 23   TRP A CD1 1 
ATOM 158  C CD2 . TRP A 1 24  ? 6.098   7.486   -2.620  1.00 51.94 ? 23   TRP A CD2 1 
ATOM 159  N NE1 . TRP A 1 24  ? 4.968   9.409   -2.436  1.00 51.94 ? 23   TRP A NE1 1 
ATOM 160  C CE2 . TRP A 1 24  ? 4.813   8.052   -2.526  1.00 51.94 ? 23   TRP A CE2 1 
ATOM 161  C CE3 . TRP A 1 24  ? 6.217   6.097   -2.722  1.00 51.94 ? 23   TRP A CE3 1 
ATOM 162  C CZ2 . TRP A 1 24  ? 3.657   7.278   -2.509  1.00 51.94 ? 23   TRP A CZ2 1 
ATOM 163  C CZ3 . TRP A 1 24  ? 5.068   5.331   -2.701  1.00 51.94 ? 23   TRP A CZ3 1 
ATOM 164  C CH2 . TRP A 1 24  ? 3.803   5.924   -2.614  1.00 51.94 ? 23   TRP A CH2 1 
ATOM 165  N N   . VAL A 1 25  ? 8.715   9.597   -5.629  1.00 52.84 ? 24   VAL A N   1 
ATOM 166  C CA  . VAL A 1 25  ? 8.087   10.230  -6.787  1.00 52.84 ? 24   VAL A CA  1 
ATOM 167  C C   . VAL A 1 25  ? 8.260   9.373   -8.037  1.00 52.84 ? 24   VAL A C   1 
ATOM 168  O O   . VAL A 1 25  ? 7.308   9.162   -8.796  1.00 52.84 ? 24   VAL A O   1 
ATOM 169  C CB  . VAL A 1 25  ? 8.654   11.650  -6.976  1.00 52.84 ? 24   VAL A CB  1 
ATOM 170  C CG1 . VAL A 1 25  ? 8.212   12.255  -8.300  1.00 52.84 ? 24   VAL A CG1 1 
ATOM 171  C CG2 . VAL A 1 25  ? 8.212   12.541  -5.826  1.00 52.84 ? 24   VAL A CG2 1 
ATOM 172  N N   . LYS A 1 26  ? 9.469   8.859   -8.265  1.00 56.75 ? 25   LYS A N   1 
ATOM 173  C CA  . LYS A 1 26  ? 9.693   7.916   -9.359  1.00 56.75 ? 25   LYS A CA  1 
ATOM 174  C C   . LYS A 1 26  ? 8.803   6.684   -9.247  1.00 56.75 ? 25   LYS A C   1 
ATOM 175  O O   . LYS A 1 26  ? 8.214   6.242   -10.236 1.00 56.75 ? 25   LYS A O   1 
ATOM 176  C CB  . LYS A 1 26  ? 11.163  7.498   -9.393  1.00 56.75 ? 25   LYS A CB  1 
ATOM 177  C CG  . LYS A 1 26  ? 12.094  8.550   -9.970  1.00 56.75 ? 25   LYS A CG  1 
ATOM 178  C CD  . LYS A 1 26  ? 13.541  8.079   -9.963  1.00 56.75 ? 25   LYS A CD  1 
ATOM 179  C CE  . LYS A 1 26  ? 14.457  9.104   -10.616 1.00 56.75 ? 25   LYS A CE  1 
ATOM 180  N NZ  . LYS A 1 26  ? 15.863  8.615   -10.730 1.00 56.75 ? 25   LYS A NZ  1 
ATOM 181  N N   . VAL A 1 27  ? 8.711   6.102   -8.053  1.00 51.94 ? 26   VAL A N   1 
ATOM 182  C CA  . VAL A 1 27  ? 7.894   4.905   -7.850  1.00 51.94 ? 26   VAL A CA  1 
ATOM 183  C C   . VAL A 1 27  ? 6.434   5.152   -8.219  1.00 51.94 ? 26   VAL A C   1 
ATOM 184  O O   . VAL A 1 27  ? 5.839   4.391   -8.990  1.00 51.94 ? 26   VAL A O   1 
ATOM 185  C CB  . VAL A 1 27  ? 8.050   4.414   -6.398  1.00 51.94 ? 26   VAL A CB  1 
ATOM 186  C CG1 . VAL A 1 27  ? 6.949   3.433   -6.005  1.00 51.94 ? 26   VAL A CG1 1 
ATOM 187  C CG2 . VAL A 1 27  ? 9.413   3.767   -6.228  1.00 51.94 ? 26   VAL A CG2 1 
ATOM 188  N N   . VAL A 1 28  ? 5.835   6.224   -7.699  1.00 51.94 ? 27   VAL A N   1 
ATOM 189  C CA  . VAL A 1 28  ? 4.428   6.490   -8.008  1.00 51.94 ? 27   VAL A CA  1 
ATOM 190  C C   . VAL A 1 28  ? 4.237   6.863   -9.473  1.00 51.94 ? 27   VAL A C   1 
ATOM 191  O O   . VAL A 1 28  ? 3.271   6.432   -10.112 1.00 51.94 ? 27   VAL A O   1 
ATOM 192  C CB  . VAL A 1 28  ? 3.863   7.583   -7.085  1.00 51.94 ? 27   VAL A CB  1 
ATOM 193  C CG1 . VAL A 1 28  ? 2.387   7.826   -7.387  1.00 51.94 ? 27   VAL A CG1 1 
ATOM 194  C CG2 . VAL A 1 28  ? 4.003   7.178   -5.653  1.00 51.94 ? 27   VAL A CG2 1 
ATOM 195  N N   . GLU A 1 29  ? 5.140   7.665   -10.030 1.00 57.40 ? 28   GLU A N   1 
ATOM 196  C CA  . GLU A 1 29  ? 5.027   8.065   -11.428 1.00 57.40 ? 28   GLU A CA  1 
ATOM 197  C C   . GLU A 1 29  ? 5.140   6.878   -12.385 1.00 57.40 ? 28   GLU A C   1 
ATOM 198  O O   . GLU A 1 29  ? 4.332   6.739   -13.310 1.00 57.40 ? 28   GLU A O   1 
ATOM 199  C CB  . GLU A 1 29  ? 6.094   9.119   -11.725 1.00 57.40 ? 28   GLU A CB  1 
ATOM 200  C CG  . GLU A 1 29  ? 6.065   9.690   -13.128 1.00 57.40 ? 28   GLU A CG  1 
ATOM 201  C CD  . GLU A 1 29  ? 6.969   10.900  -13.266 1.00 57.40 ? 28   GLU A CD  1 
ATOM 202  O OE1 . GLU A 1 29  ? 8.096   10.866  -12.725 1.00 57.40 ? 28   GLU A OE1 1 
ATOM 203  O OE2 . GLU A 1 29  ? 6.556   11.886  -13.913 1.00 57.40 ? 28   GLU A OE2 1 
ATOM 204  N N   . GLU A 1 30  ? 6.130   6.008   -12.179 1.00 57.78 ? 29   GLU A N   1 
ATOM 205  C CA  . GLU A 1 30  ? 6.375   4.900   -13.101 1.00 57.78 ? 29   GLU A CA  1 
ATOM 206  C C   . GLU A 1 30  ? 5.464   3.696   -12.864 1.00 57.78 ? 29   GLU A C   1 
ATOM 207  O O   . GLU A 1 30  ? 4.901   3.149   -13.819 1.00 57.78 ? 29   GLU A O   1 
ATOM 208  C CB  . GLU A 1 30  ? 7.841   4.480   -12.995 1.00 57.78 ? 29   GLU A CB  1 
ATOM 209  C CG  . GLU A 1 30  ? 8.812   5.553   -13.471 1.00 57.78 ? 29   GLU A CG  1 
ATOM 210  C CD  . GLU A 1 30  ? 10.262  5.119   -13.383 1.00 57.78 ? 29   GLU A CD  1 
ATOM 211  O OE1 . GLU A 1 30  ? 10.523  3.998   -12.899 1.00 57.78 ? 29   GLU A OE1 1 
ATOM 212  O OE2 . GLU A 1 30  ? 11.143  5.903   -13.793 1.00 57.78 ? 29   GLU A OE2 1 
ATOM 213  N N   . LYS A 1 31  ? 5.306   3.256   -11.617 1.00 53.55 ? 30   LYS A N   1 
ATOM 214  C CA  . LYS A 1 31  ? 4.644   1.984   -11.339 1.00 53.55 ? 30   LYS A CA  1 
ATOM 215  C C   . LYS A 1 31  ? 3.128   2.094   -11.215 1.00 53.55 ? 30   LYS A C   1 
ATOM 216  O O   . LYS A 1 31  ? 2.451   1.063   -11.196 1.00 53.55 ? 30   LYS A O   1 
ATOM 217  C CB  . LYS A 1 31  ? 5.253   1.338   -10.088 1.00 53.55 ? 30   LYS A CB  1 
ATOM 218  C CG  . LYS A 1 31  ? 6.758   1.133   -10.245 1.00 53.55 ? 30   LYS A CG  1 
ATOM 219  C CD  . LYS A 1 31  ? 7.377   0.277   -9.154  1.00 53.55 ? 30   LYS A CD  1 
ATOM 220  C CE  . LYS A 1 31  ? 8.887   0.169   -9.368  1.00 53.55 ? 30   LYS A CE  1 
ATOM 221  N NZ  . LYS A 1 31  ? 9.570   -0.714  -8.375  1.00 53.55 ? 30   LYS A NZ  1 
ATOM 222  N N   . ALA A 1 32  ? 2.591   3.309   -11.150 1.00 51.94 ? 31   ALA A N   1 
ATOM 223  C CA  . ALA A 1 32  ? 1.163   3.579   -11.341 1.00 51.94 ? 31   ALA A CA  1 
ATOM 224  C C   . ALA A 1 32  ? 0.250   2.625   -10.562 1.00 51.94 ? 31   ALA A C   1 
ATOM 225  O O   . ALA A 1 32  ? -0.643  1.981   -11.117 1.00 51.94 ? 31   ALA A O   1 
ATOM 226  C CB  . ALA A 1 32  ? 0.821   3.555   -12.833 1.00 51.94 ? 31   ALA A CB  1 
ATOM 227  N N   . PHE A 1 33  ? 0.499   2.532   -9.254  1.00 51.94 ? 32   PHE A N   1 
ATOM 228  C CA  . PHE A 1 33  ? -0.277  1.690   -8.333  1.00 51.94 ? 32   PHE A CA  1 
ATOM 229  C C   . PHE A 1 33  ? -0.359  0.220   -8.741  1.00 51.94 ? 32   PHE A C   1 
ATOM 230  O O   . PHE A 1 33  ? -1.388  -0.435  -8.572  1.00 51.94 ? 32   PHE A O   1 
ATOM 231  C CB  . PHE A 1 33  ? -1.658  2.302   -8.097  1.00 51.94 ? 32   PHE A CB  1 
ATOM 232  C CG  . PHE A 1 33  ? -1.575  3.725   -7.625  1.00 51.94 ? 32   PHE A CG  1 
ATOM 233  C CD1 . PHE A 1 33  ? -1.094  3.995   -6.355  1.00 51.94 ? 32   PHE A CD1 1 
ATOM 234  C CD2 . PHE A 1 33  ? -1.952  4.783   -8.433  1.00 51.94 ? 32   PHE A CD2 1 
ATOM 235  C CE1 . PHE A 1 33  ? -0.990  5.288   -5.897  1.00 51.94 ? 32   PHE A CE1 1 
ATOM 236  C CE2 . PHE A 1 33  ? -1.847  6.085   -7.977  1.00 51.94 ? 32   PHE A CE2 1 
ATOM 237  C CZ  . PHE A 1 33  ? -1.360  6.336   -6.709  1.00 51.94 ? 32   PHE A CZ  1 
ATOM 238  N N   . SER A 1 34  ? 0.729   -0.295  -9.295  1.00 51.94 ? 33   SER A N   1 
ATOM 239  C CA  . SER A 1 34  ? 1.016   -1.714  -9.177  1.00 51.94 ? 33   SER A CA  1 
ATOM 240  C C   . SER A 1 34  ? 1.250   -2.054  -7.700  1.00 51.94 ? 33   SER A C   1 
ATOM 241  O O   . SER A 1 34  ? 1.716   -1.207  -6.935  1.00 51.94 ? 33   SER A O   1 
ATOM 242  C CB  . SER A 1 34  ? 2.238   -2.070  -10.020 1.00 51.94 ? 33   SER A CB  1 
ATOM 243  O OG  . SER A 1 34  ? 2.399   -3.469  -10.136 1.00 51.94 ? 33   SER A OG  1 
ATOM 244  N N   . PRO A 1 35  ? 0.920   -3.274  -7.259  1.00 51.94 ? 34   PRO A N   1 
ATOM 245  C CA  . PRO A 1 35  ? 0.889   -3.538  -5.807  1.00 51.94 ? 34   PRO A CA  1 
ATOM 246  C C   . PRO A 1 35  ? 2.203   -3.298  -5.079  1.00 51.94 ? 34   PRO A C   1 
ATOM 247  O O   . PRO A 1 35  ? 2.179   -2.981  -3.886  1.00 51.94 ? 34   PRO A O   1 
ATOM 248  C CB  . PRO A 1 35  ? 0.483   -5.016  -5.734  1.00 51.94 ? 34   PRO A CB  1 
ATOM 249  C CG  . PRO A 1 35  ? -0.283  -5.247  -6.962  1.00 51.94 ? 34   PRO A CG  1 
ATOM 250  C CD  . PRO A 1 35  ? 0.408   -4.429  -8.015  1.00 51.94 ? 34   PRO A CD  1 
ATOM 251  N N   . GLU A 1 36  ? 3.348   -3.457  -5.743  1.00 51.94 ? 35   GLU A N   1 
ATOM 252  C CA  . GLU A 1 36  ? 4.644   -3.187  -5.123  1.00 51.94 ? 35   GLU A CA  1 
ATOM 253  C C   . GLU A 1 36  ? 4.838   -1.725  -4.724  1.00 51.94 ? 35   GLU A C   1 
ATOM 254  O O   . GLU A 1 36  ? 5.807   -1.420  -4.023  1.00 51.94 ? 35   GLU A O   1 
ATOM 255  C CB  . GLU A 1 36  ? 5.778   -3.646  -6.049  1.00 51.94 ? 35   GLU A CB  1 
ATOM 256  C CG  . GLU A 1 36  ? 5.956   -2.844  -7.331  1.00 51.94 ? 35   GLU A CG  1 
ATOM 257  C CD  . GLU A 1 36  ? 5.161   -3.414  -8.488  1.00 51.94 ? 35   GLU A CD  1 
ATOM 258  O OE1 . GLU A 1 36  ? 4.075   -3.978  -8.248  1.00 51.94 ? 35   GLU A OE1 1 
ATOM 259  O OE2 . GLU A 1 36  ? 5.619   -3.295  -9.642  1.00 51.94 ? 35   GLU A OE2 1 
ATOM 260  N N   . VAL A 1 37  ? 3.962   -0.817  -5.160  1.00 51.94 ? 36   VAL A N   1 
ATOM 261  C CA  . VAL A 1 37  ? 3.988   0.564   -4.675  1.00 51.94 ? 36   VAL A CA  1 
ATOM 262  C C   . VAL A 1 37  ? 3.760   0.664   -3.169  1.00 51.94 ? 36   VAL A C   1 
ATOM 263  O O   . VAL A 1 37  ? 4.338   1.536   -2.512  1.00 51.94 ? 36   VAL A O   1 
ATOM 264  C CB  . VAL A 1 37  ? 2.952   1.399   -5.459  1.00 51.94 ? 36   VAL A CB  1 
ATOM 265  C CG1 . VAL A 1 37  ? 2.776   2.789   -4.855  1.00 51.94 ? 36   VAL A CG1 1 
ATOM 266  C CG2 . VAL A 1 37  ? 3.384   1.535   -6.906  1.00 51.94 ? 36   VAL A CG2 1 
ATOM 267  N N   . ILE A 1 38  ? 2.931   -0.200  -2.593  1.00 51.94 ? 37   ILE A N   1 
ATOM 268  C CA  . ILE A 1 38  ? 2.608   -0.102  -1.168  1.00 51.94 ? 37   ILE A CA  1 
ATOM 269  C C   . ILE A 1 38  ? 3.758   -0.589  -0.289  1.00 51.94 ? 37   ILE A C   1 
ATOM 270  O O   . ILE A 1 38  ? 4.096   0.092   0.689   1.00 51.94 ? 37   ILE A O   1 
ATOM 271  C CB  . ILE A 1 38  ? 1.294   -0.834  -0.841  1.00 51.94 ? 37   ILE A CB  1 
ATOM 272  C CG1 . ILE A 1 38  ? 0.173   -0.309  -1.742  1.00 51.94 ? 37   ILE A CG1 1 
ATOM 273  C CG2 . ILE A 1 38  ? 0.933   -0.662  0.631   1.00 51.94 ? 37   ILE A CG2 1 
ATOM 274  C CD1 . ILE A 1 38  ? -1.183  -0.909  -1.455  1.00 51.94 ? 37   ILE A CD1 1 
ATOM 275  N N   . PRO A 1 39  ? 4.387   -1.738  -0.565  1.00 51.94 ? 38   PRO A N   1 
ATOM 276  C CA  . PRO A 1 39  ? 5.617   -2.065  0.175   1.00 51.94 ? 38   PRO A CA  1 
ATOM 277  C C   . PRO A 1 39  ? 6.711   -1.026  0.015   1.00 51.94 ? 38   PRO A C   1 
ATOM 278  O O   . PRO A 1 39  ? 7.439   -0.748  0.972   1.00 51.94 ? 38   PRO A O   1 
ATOM 279  C CB  . PRO A 1 39  ? 6.025   -3.420  -0.416  1.00 51.94 ? 38   PRO A CB  1 
ATOM 280  C CG  . PRO A 1 39  ? 4.756   -4.019  -0.841  1.00 51.94 ? 38   PRO A CG  1 
ATOM 281  C CD  . PRO A 1 39  ? 3.963   -2.874  -1.396  1.00 51.94 ? 38   PRO A CD  1 
ATOM 282  N N   . MET A 1 40  ? 6.851   -0.449  -1.173  1.00 51.94 ? 39   MET A N   1 
ATOM 283  C CA  . MET A 1 40  ? 7.855   0.587   -1.390  1.00 51.94 ? 39   MET A CA  1 
ATOM 284  C C   . MET A 1 40  ? 7.530   1.863   -0.618  1.00 51.94 ? 39   MET A C   1 
ATOM 285  O O   . MET A 1 40  ? 8.425   2.479   -0.031  1.00 51.94 ? 39   MET A O   1 
ATOM 286  C CB  . MET A 1 40  ? 7.979   0.865   -2.886  1.00 51.94 ? 39   MET A CB  1 
ATOM 287  C CG  . MET A 1 40  ? 9.240   1.605   -3.295  1.00 51.94 ? 39   MET A CG  1 
ATOM 288  S SD  . MET A 1 40  ? 10.734  0.597   -3.267  1.00 51.94 ? 39   MET A SD  1 
ATOM 289  C CE  . MET A 1 40  ? 11.508  1.191   -1.766  1.00 51.94 ? 39   MET A CE  1 
ATOM 290  N N   . PHE A 1 41  ? 6.260   2.275   -0.596  1.00 51.94 ? 40   PHE A N   1 
ATOM 291  C CA  . PHE A 1 41  ? 5.847   3.356   0.296   1.00 51.94 ? 40   PHE A CA  1 
ATOM 292  C C   . PHE A 1 41  ? 6.202   3.052   1.745   1.00 51.94 ? 40   PHE A C   1 
ATOM 293  O O   . PHE A 1 41  ? 6.778   3.888   2.449   1.00 51.94 ? 40   PHE A O   1 
ATOM 294  C CB  . PHE A 1 41  ? 4.341   3.588   0.193   1.00 51.94 ? 40   PHE A CB  1 
ATOM 295  C CG  . PHE A 1 41  ? 3.839   4.650   1.131   1.00 51.94 ? 40   PHE A CG  1 
ATOM 296  C CD1 . PHE A 1 41  ? 4.119   5.984   0.896   1.00 51.94 ? 40   PHE A CD1 1 
ATOM 297  C CD2 . PHE A 1 41  ? 3.127   4.310   2.270   1.00 51.94 ? 40   PHE A CD2 1 
ATOM 298  C CE1 . PHE A 1 41  ? 3.675   6.962   1.759   1.00 51.94 ? 40   PHE A CE1 1 
ATOM 299  C CE2 . PHE A 1 41  ? 2.681   5.286   3.138   1.00 51.94 ? 40   PHE A CE2 1 
ATOM 300  C CZ  . PHE A 1 41  ? 2.961   6.613   2.885   1.00 51.94 ? 40   PHE A CZ  1 
ATOM 301  N N   . SER A 1 42  ? 5.845   1.860   2.211   1.00 51.94 ? 41   SER A N   1 
ATOM 302  C CA  . SER A 1 42  ? 6.066   1.493   3.605   1.00 51.94 ? 41   SER A CA  1 
ATOM 303  C C   . SER A 1 42  ? 7.550   1.457   3.962   1.00 51.94 ? 41   SER A C   1 
ATOM 304  O O   . SER A 1 42  ? 7.934   1.808   5.083   1.00 51.94 ? 41   SER A O   1 
ATOM 305  C CB  . SER A 1 42  ? 5.407   0.142   3.874   1.00 51.94 ? 41   SER A CB  1 
ATOM 306  O OG  . SER A 1 42  ? 5.349   -0.140  5.257   1.00 51.94 ? 41   SER A OG  1 
ATOM 307  N N   . ALA A 1 43  ? 8.397   1.036   3.024   1.00 51.94 ? 42   ALA A N   1 
ATOM 308  C CA  . ALA A 1 43  ? 9.842   1.053   3.240   1.00 51.94 ? 42   ALA A CA  1 
ATOM 309  C C   . ALA A 1 43  ? 10.429  2.460   3.216   1.00 51.94 ? 42   ALA A C   1 
ATOM 310  O O   . ALA A 1 43  ? 11.279  2.794   4.048   1.00 51.94 ? 42   ALA A O   1 
ATOM 311  C CB  . ALA A 1 43  ? 10.518  0.184   2.184   1.00 51.94 ? 42   ALA A CB  1 
ATOM 312  N N   . LEU A 1 44  ? 9.996   3.302   2.278   1.00 51.94 ? 43   LEU A N   1 
ATOM 313  C CA  . LEU A 1 44  ? 10.508  4.669   2.201   1.00 51.94 ? 43   LEU A CA  1 
ATOM 314  C C   . LEU A 1 44  ? 10.037  5.557   3.350   1.00 51.94 ? 43   LEU A C   1 
ATOM 315  O O   . LEU A 1 44  ? 10.649  6.601   3.595   1.00 51.94 ? 43   LEU A O   1 
ATOM 316  C CB  . LEU A 1 44  ? 10.103  5.278   0.857   1.00 51.94 ? 43   LEU A CB  1 
ATOM 317  C CG  . LEU A 1 44  ? 10.762  4.638   -0.370  1.00 51.94 ? 43   LEU A CG  1 
ATOM 318  C CD1 . LEU A 1 44  ? 10.077  5.080   -1.648  1.00 51.94 ? 43   LEU A CD1 1 
ATOM 319  C CD2 . LEU A 1 44  ? 12.240  4.982   -0.446  1.00 51.94 ? 43   LEU A CD2 1 
ATOM 320  N N   . SER A 1 45  ? 8.976   5.175   4.058   1.00 51.94 ? 44   SER A N   1 
ATOM 321  C CA  . SER A 1 45  ? 8.426   5.941   5.173   1.00 51.94 ? 44   SER A CA  1 
ATOM 322  C C   . SER A 1 45  ? 8.658   5.290   6.538   1.00 51.94 ? 44   SER A C   1 
ATOM 323  O O   . SER A 1 45  ? 7.831   5.430   7.440   1.00 51.94 ? 44   SER A O   1 
ATOM 324  C CB  . SER A 1 45  ? 6.935   6.174   4.944   1.00 51.94 ? 44   SER A CB  1 
ATOM 325  O OG  . SER A 1 45  ? 6.243   4.945   4.873   1.00 51.94 ? 44   SER A OG  1 
ATOM 326  N N   . GLU A 1 46  ? 9.765   4.573   6.711   1.00 54.00 ? 45   GLU A N   1 
ATOM 327  C CA  . GLU A 1 46  ? 10.112  4.012   8.017   1.00 54.00 ? 45   GLU A CA  1 
ATOM 328  C C   . GLU A 1 46  ? 10.423  5.116   9.027   1.00 54.00 ? 45   GLU A C   1 
ATOM 329  O O   . GLU A 1 46  ? 11.281  5.971   8.784   1.00 54.00 ? 45   GLU A O   1 
ATOM 330  C CB  . GLU A 1 46  ? 11.294  3.054   7.875   1.00 54.00 ? 45   GLU A CB  1 
ATOM 331  C CG  . GLU A 1 46  ? 10.905  1.712   7.259   1.00 54.00 ? 45   GLU A CG  1 
ATOM 332  C CD  . GLU A 1 46  ? 12.096  0.810   6.982   1.00 54.00 ? 45   GLU A CD  1 
ATOM 333  O OE1 . GLU A 1 46  ? 13.198  1.097   7.493   1.00 54.00 ? 45   GLU A OE1 1 
ATOM 334  O OE2 . GLU A 1 46  ? 11.929  -0.189  6.250   1.00 54.00 ? 45   GLU A OE2 1 
ATOM 335  N N   . GLY A 1 47  ? 9.724   5.089   10.165  1.00 54.02 ? 46   GLY A N   1 
ATOM 336  C CA  . GLY A 1 47  ? 9.869   6.085   11.215  1.00 54.02 ? 46   GLY A CA  1 
ATOM 337  C C   . GLY A 1 47  ? 9.361   7.468   10.877  1.00 54.02 ? 46   GLY A C   1 
ATOM 338  O O   . GLY A 1 47  ? 9.673   8.420   11.596  1.00 54.02 ? 46   GLY A O   1 
ATOM 339  N N   . ALA A 1 48  ? 8.579   7.599   9.811   1.00 52.48 ? 47   ALA A N   1 
ATOM 340  C CA  . ALA A 1 48  ? 8.081   8.888   9.347   1.00 52.48 ? 47   ALA A CA  1 
ATOM 341  C C   . ALA A 1 48  ? 7.079   9.508   10.318  1.00 52.48 ? 47   ALA A C   1 
ATOM 342  O O   . ALA A 1 48  ? 6.206   8.822   10.855  1.00 52.48 ? 47   ALA A O   1 
ATOM 343  C CB  . ALA A 1 48  ? 7.435   8.716   7.975   1.00 52.48 ? 47   ALA A CB  1 
ATOM 344  N N   . THR A 1 49  ? 7.221   10.814  10.557  1.00 55.35 ? 48   THR A N   1 
ATOM 345  C CA  . THR A 1 49  ? 6.170   11.584  11.212  1.00 55.35 ? 48   THR A CA  1 
ATOM 346  C C   . THR A 1 49  ? 5.017   11.813  10.235  1.00 55.35 ? 48   THR A C   1 
ATOM 347  O O   . THR A 1 49  ? 5.181   11.660  9.026   1.00 55.35 ? 48   THR A O   1 
ATOM 348  C CB  . THR A 1 49  ? 6.696   12.936  11.697  1.00 55.35 ? 48   THR A CB  1 
ATOM 349  O OG1 . THR A 1 49  ? 7.166   13.698  10.580  1.00 55.35 ? 48   THR A OG1 1 
ATOM 350  C CG2 . THR A 1 49  ? 7.828   12.783  12.697  1.00 55.35 ? 48   THR A CG2 1 
ATOM 351  N N   . PRO A 1 50  ? 3.839   12.193  10.733  1.00 51.94 ? 49   PRO A N   1 
ATOM 352  C CA  . PRO A 1 50  ? 2.774   12.634  9.815   1.00 51.94 ? 49   PRO A CA  1 
ATOM 353  C C   . PRO A 1 50  ? 3.180   13.742  8.856   1.00 51.94 ? 49   PRO A C   1 
ATOM 354  O O   . PRO A 1 50  ? 2.711   13.749  7.717   1.00 51.94 ? 49   PRO A O   1 
ATOM 355  C CB  . PRO A 1 50  ? 1.659   13.082  10.771  1.00 51.94 ? 49   PRO A CB  1 
ATOM 356  C CG  . PRO A 1 50  ? 1.858   12.248  11.969  1.00 51.94 ? 49   PRO A CG  1 
ATOM 357  C CD  . PRO A 1 50  ? 3.356   12.147  12.121  1.00 51.94 ? 49   PRO A CD  1 
ATOM 358  N N   . GLN A 1 51  ? 4.024   14.684  9.277   1.00 53.58 ? 50   GLN A N   1 
ATOM 359  C CA  . GLN A 1 51  ? 4.566   15.667  8.340   1.00 53.58 ? 50   GLN A CA  1 
ATOM 360  C C   . GLN A 1 51  ? 5.385   15.026  7.222   1.00 53.58 ? 50   GLN A C   1 
ATOM 361  O O   . GLN A 1 51  ? 5.271   15.429  6.062   1.00 53.58 ? 50   GLN A O   1 
ATOM 362  C CB  . GLN A 1 51  ? 5.413   16.689  9.097   1.00 53.58 ? 50   GLN A CB  1 
ATOM 363  C CG  . GLN A 1 51  ? 6.150   17.659  8.187   1.00 53.58 ? 50   GLN A CG  1 
ATOM 364  C CD  . GLN A 1 51  ? 6.446   18.981  8.852   1.00 53.58 ? 50   GLN A CD  1 
ATOM 365  O OE1 . GLN A 1 51  ? 5.579   19.572  9.493   1.00 53.58 ? 50   GLN A OE1 1 
ATOM 366  N NE2 . GLN A 1 51  ? 7.670   19.468  8.687   1.00 53.58 ? 50   GLN A NE2 1 
ATOM 367  N N   . ASP A 1 52  ? 6.202   14.020  7.537   1.00 53.79 ? 51   ASP A N   1 
ATOM 368  C CA  . ASP A 1 52  ? 6.958   13.322  6.496   1.00 53.79 ? 51   ASP A CA  1 
ATOM 369  C C   . ASP A 1 52  ? 6.043   12.565  5.540   1.00 53.79 ? 51   ASP A C   1 
ATOM 370  O O   . ASP A 1 52  ? 6.249   12.573  4.318   1.00 53.79 ? 51   ASP A O   1 
ATOM 371  C CB  . ASP A 1 52  ? 7.951   12.356  7.139   1.00 53.79 ? 51   ASP A CB  1 
ATOM 372  C CG  . ASP A 1 52  ? 8.938   13.049  8.053   1.00 53.79 ? 51   ASP A CG  1 
ATOM 373  O OD1 . ASP A 1 52  ? 9.513   14.077  7.643   1.00 53.79 ? 51   ASP A OD1 1 
ATOM 374  O OD2 . ASP A 1 52  ? 9.135   12.565  9.187   1.00 53.79 ? 51   ASP A OD2 1 
ATOM 375  N N   . LEU A 1 53  ? 5.019   11.913  6.084   1.00 51.94 ? 52   LEU A N   1 
ATOM 376  C CA  . LEU A 1 53  ? 4.055   11.185  5.269   1.00 51.94 ? 52   LEU A CA  1 
ATOM 377  C C   . LEU A 1 53  ? 3.281   12.126  4.353   1.00 51.94 ? 52   LEU A C   1 
ATOM 378  O O   . LEU A 1 53  ? 3.096   11.846  3.161   1.00 51.94 ? 52   LEU A O   1 
ATOM 379  C CB  . LEU A 1 53  ? 3.113   10.424  6.202   1.00 51.94 ? 52   LEU A CB  1 
ATOM 380  C CG  . LEU A 1 53  ? 3.783   9.301   7.007   1.00 51.94 ? 52   LEU A CG  1 
ATOM 381  C CD1 . LEU A 1 53  ? 2.923   8.874   8.183   1.00 51.94 ? 52   LEU A CD1 1 
ATOM 382  C CD2 . LEU A 1 53  ? 4.081   8.104   6.128   1.00 51.94 ? 52   LEU A CD2 1 
ATOM 383  N N   . ASN A 1 54  ? 2.819   13.249  4.897   1.00 51.94 ? 53   ASN A N   1 
ATOM 384  C CA  . ASN A 1 54  ? 2.208   14.292  4.080   1.00 51.94 ? 53   ASN A CA  1 
ATOM 385  C C   . ASN A 1 54  ? 3.158   14.830  3.018   1.00 51.94 ? 53   ASN A C   1 
ATOM 386  O O   . ASN A 1 54  ? 2.727   15.145  1.911   1.00 51.94 ? 53   ASN A O   1 
ATOM 387  C CB  . ASN A 1 54  ? 1.714   15.422  4.978   1.00 51.94 ? 53   ASN A CB  1 
ATOM 388  C CG  . ASN A 1 54  ? 0.504   15.025  5.783   1.00 51.94 ? 53   ASN A CG  1 
ATOM 389  O OD1 . ASN A 1 54  ? -0.301  14.215  5.337   1.00 51.94 ? 53   ASN A OD1 1 
ATOM 390  N ND2 . ASN A 1 54  ? 0.370   15.580  6.976   1.00 51.94 ? 53   ASN A ND2 1 
ATOM 391  N N   . THR A 1 55  ? 4.442   14.985  3.337   1.00 51.94 ? 54   THR A N   1 
ATOM 392  C CA  . THR A 1 55  ? 5.398   15.428  2.324   1.00 51.94 ? 54   THR A CA  1 
ATOM 393  C C   . THR A 1 55  ? 5.473   14.444  1.163   1.00 51.94 ? 54   THR A C   1 
ATOM 394  O O   . THR A 1 55  ? 5.420   14.841  -0.011  1.00 51.94 ? 54   THR A O   1 
ATOM 395  C CB  . THR A 1 55  ? 6.782   15.602  2.957   1.00 51.94 ? 54   THR A CB  1 
ATOM 396  O OG1 . THR A 1 55  ? 6.692   16.502  4.066   1.00 51.94 ? 54   THR A OG1 1 
ATOM 397  C CG2 . THR A 1 55  ? 7.783   16.160  1.955   1.00 51.94 ? 54   THR A CG2 1 
ATOM 398  N N   . MET A 1 56  ? 5.518   13.149  1.476   1.00 51.94 ? 55   MET A N   1 
ATOM 399  C CA  . MET A 1 56  ? 5.507   12.126  0.433   1.00 51.94 ? 55   MET A CA  1 
ATOM 400  C C   . MET A 1 56  ? 4.243   12.193  -0.414  1.00 51.94 ? 55   MET A C   1 
ATOM 401  O O   . MET A 1 56  ? 4.306   12.138  -1.646  1.00 51.94 ? 55   MET A O   1 
ATOM 402  C CB  . MET A 1 56  ? 5.648   10.738  1.057   1.00 51.94 ? 55   MET A CB  1 
ATOM 403  C CG  . MET A 1 56  ? 7.010   10.473  1.659   1.00 51.94 ? 55   MET A CG  1 
ATOM 404  S SD  . MET A 1 56  ? 7.114   8.874   2.480   1.00 51.94 ? 55   MET A SD  1 
ATOM 405  C CE  . MET A 1 56  ? 7.186   7.758   1.079   1.00 51.94 ? 55   MET A CE  1 
ATOM 406  N N   . LEU A 1 57  ? 3.082   12.298  0.225   1.00 51.94 ? 56   LEU A N   1 
ATOM 407  C CA  . LEU A 1 57  ? 1.832   12.323  -0.535  1.00 51.94 ? 56   LEU A CA  1 
ATOM 408  C C   . LEU A 1 57  ? 1.660   13.610  -1.341  1.00 51.94 ? 56   LEU A C   1 
ATOM 409  O O   . LEU A 1 57  ? 1.154   13.573  -2.467  1.00 51.94 ? 56   LEU A O   1 
ATOM 410  C CB  . LEU A 1 57  ? 0.650   12.124  0.413   1.00 51.94 ? 56   LEU A CB  1 
ATOM 411  C CG  . LEU A 1 57  ? 0.615   10.814  1.199   1.00 51.94 ? 56   LEU A CG  1 
ATOM 412  C CD1 . LEU A 1 57  ? -0.662  10.729  1.998   1.00 51.94 ? 56   LEU A CD1 1 
ATOM 413  C CD2 . LEU A 1 57  ? 0.725   9.614   0.264   1.00 51.94 ? 56   LEU A CD2 1 
ATOM 414  N N   . ASN A 1 58  ? 2.071   14.753  -0.793  1.00 51.94 ? 57   ASN A N   1 
ATOM 415  C CA  . ASN A 1 58  ? 1.969   16.021  -1.512  1.00 51.94 ? 57   ASN A CA  1 
ATOM 416  C C   . ASN A 1 58  ? 2.924   16.113  -2.692  1.00 51.94 ? 57   ASN A C   1 
ATOM 417  O O   . ASN A 1 58  ? 2.639   16.836  -3.652  1.00 51.94 ? 57   ASN A O   1 
ATOM 418  C CB  . ASN A 1 58  ? 2.225   17.182  -0.556  1.00 51.94 ? 57   ASN A CB  1 
ATOM 419  C CG  . ASN A 1 58  ? 1.063   17.435  0.362   1.00 51.94 ? 57   ASN A CG  1 
ATOM 420  O OD1 . ASN A 1 58  ? -0.086  17.339  -0.048  1.00 51.94 ? 57   ASN A OD1 1 
ATOM 421  N ND2 . ASN A 1 58  ? 1.350   17.767  1.612   1.00 51.94 ? 57   ASN A ND2 1 
ATOM 422  N N   . THR A 1 59  ? 4.052   15.413  -2.654  1.00 51.94 ? 58   THR A N   1 
ATOM 423  C CA  . THR A 1 59  ? 5.017   15.558  -3.738  1.00 51.94 ? 58   THR A CA  1 
ATOM 424  C C   . THR A 1 59  ? 4.627   14.776  -4.993  1.00 51.94 ? 58   THR A C   1 
ATOM 425  O O   . THR A 1 59  ? 5.210   15.012  -6.055  1.00 51.94 ? 58   THR A O   1 
ATOM 426  C CB  . THR A 1 59  ? 6.404   15.148  -3.234  1.00 51.94 ? 58   THR A CB  1 
ATOM 427  O OG1 . THR A 1 59  ? 6.671   15.830  -2.005  1.00 51.94 ? 58   THR A OG1 1 
ATOM 428  C CG2 . THR A 1 59  ? 7.486   15.559  -4.218  1.00 51.94 ? 58   THR A CG2 1 
ATOM 429  N N   . VAL A 1 60  ? 3.653   13.870  -4.903  1.00 51.94 ? 59   VAL A N   1 
ATOM 430  C CA  . VAL A 1 60  ? 3.080   13.197  -6.070  1.00 51.94 ? 59   VAL A CA  1 
ATOM 431  C C   . VAL A 1 60  ? 2.343   14.201  -6.950  1.00 51.94 ? 59   VAL A C   1 
ATOM 432  O O   . VAL A 1 60  ? 1.357   14.812  -6.527  1.00 51.94 ? 59   VAL A O   1 
ATOM 433  C CB  . VAL A 1 60  ? 2.138   12.065  -5.640  1.00 51.94 ? 59   VAL A CB  1 
ATOM 434  C CG1 . VAL A 1 60  ? 1.517   11.379  -6.857  1.00 51.94 ? 59   VAL A CG1 1 
ATOM 435  C CG2 . VAL A 1 60  ? 2.875   11.051  -4.794  1.00 51.94 ? 59   VAL A CG2 1 
ATOM 436  N N   . GLY A 1 61  ? 2.824   14.379  -8.180  1.00 51.94 ? 60   GLY A N   1 
ATOM 437  C CA  . GLY A 1 61  ? 2.233   15.336  -9.097  1.00 51.94 ? 60   GLY A CA  1 
ATOM 438  C C   . GLY A 1 61  ? 1.140   14.772  -9.988  1.00 51.94 ? 60   GLY A C   1 
ATOM 439  O O   . GLY A 1 61  ? 0.133   15.440  -10.230 1.00 51.94 ? 60   GLY A O   1 
ATOM 440  N N   . GLY A 1 62  ? 1.329   13.559  -10.500 1.00 51.94 ? 61   GLY A N   1 
ATOM 441  C CA  . GLY A 1 62  ? 0.309   12.873  -11.266 1.00 51.94 ? 61   GLY A CA  1 
ATOM 442  C C   . GLY A 1 62  ? -0.786  12.259  -10.406 1.00 51.94 ? 61   GLY A C   1 
ATOM 443  O O   . GLY A 1 62  ? -0.892  12.489  -9.201  1.00 51.94 ? 61   GLY A O   1 
ATOM 444  N N   . HIS A 1 63  ? -1.621  11.454  -11.069 1.00 51.94 ? 62   HIS A N   1 
ATOM 445  C CA  . HIS A 1 63  ? -2.602  10.575  -10.418 1.00 51.94 ? 62   HIS A CA  1 
ATOM 446  C C   . HIS A 1 63  ? -3.503  11.296  -9.416  1.00 51.94 ? 62   HIS A C   1 
ATOM 447  O O   . HIS A 1 63  ? -3.830  10.760  -8.358  1.00 51.94 ? 62   HIS A O   1 
ATOM 448  C CB  . HIS A 1 63  ? -1.911  9.402   -9.723  1.00 51.94 ? 62   HIS A CB  1 
ATOM 449  C CG  . HIS A 1 63  ? -1.034  8.585   -10.618 1.00 51.94 ? 62   HIS A CG  1 
ATOM 450  N ND1 . HIS A 1 63  ? -1.532  7.734   -11.581 1.00 51.94 ? 62   HIS A ND1 1 
ATOM 451  C CD2 . HIS A 1 63  ? 0.313   8.483   -10.687 1.00 51.94 ? 62   HIS A CD2 1 
ATOM 452  C CE1 . HIS A 1 63  ? -0.529  7.146   -12.206 1.00 51.94 ? 62   HIS A CE1 1 
ATOM 453  N NE2 . HIS A 1 63  ? 0.601   7.590   -11.690 1.00 51.94 ? 62   HIS A NE2 1 
ATOM 454  N N   . GLN A 1 64  ? -3.901  12.527  -9.725  1.00 51.94 ? 63   GLN A N   1 
ATOM 455  C CA  . GLN A 1 64  ? -4.603  13.331  -8.729  1.00 51.94 ? 63   GLN A CA  1 
ATOM 456  C C   . GLN A 1 64  ? -5.994  12.802  -8.379  1.00 51.94 ? 63   GLN A C   1 
ATOM 457  O O   . GLN A 1 64  ? -6.491  13.098  -7.288  1.00 51.94 ? 63   GLN A O   1 
ATOM 458  C CB  . GLN A 1 64  ? -4.673  14.781  -9.207  1.00 51.94 ? 63   GLN A CB  1 
ATOM 459  C CG  . GLN A 1 64  ? -3.306  15.440  -9.229  1.00 51.94 ? 63   GLN A CG  1 
ATOM 460  C CD  . GLN A 1 64  ? -2.688  15.470  -7.846  1.00 51.94 ? 63   GLN A CD  1 
ATOM 461  O OE1 . GLN A 1 64  ? -3.228  16.092  -6.937  1.00 51.94 ? 63   GLN A OE1 1 
ATOM 462  N NE2 . GLN A 1 64  ? -1.568  14.785  -7.674  1.00 51.94 ? 63   GLN A NE2 1 
ATOM 463  N N   . ALA A 1 65  ? -6.616  11.999  -9.245  1.00 51.94 ? 64   ALA A N   1 
ATOM 464  C CA  . ALA A 1 65  ? -7.834  11.284  -8.859  1.00 51.94 ? 64   ALA A CA  1 
ATOM 465  C C   . ALA A 1 65  ? -7.562  10.235  -7.785  1.00 51.94 ? 64   ALA A C   1 
ATOM 466  O O   . ALA A 1 65  ? -8.316  10.117  -6.810  1.00 51.94 ? 64   ALA A O   1 
ATOM 467  C CB  . ALA A 1 65  ? -8.466  10.639  -10.090 1.00 51.94 ? 64   ALA A CB  1 
ATOM 468  N N   . ALA A 1 66  ? -6.481  9.473   -7.940  1.00 51.94 ? 65   ALA A N   1 
ATOM 469  C CA  . ALA A 1 66  ? -6.070  8.534   -6.903  1.00 51.94 ? 65   ALA A CA  1 
ATOM 470  C C   . ALA A 1 66  ? -5.711  9.240   -5.603  1.00 51.94 ? 65   ALA A C   1 
ATOM 471  O O   . ALA A 1 66  ? -6.049  8.759   -4.520  1.00 51.94 ? 65   ALA A O   1 
ATOM 472  C CB  . ALA A 1 66  ? -4.889  7.703   -7.397  1.00 51.94 ? 65   ALA A CB  1 
ATOM 473  N N   . MET A 1 67  ? -4.997  10.362  -5.682  1.00 51.94 ? 66   MET A N   1 
ATOM 474  C CA  . MET A 1 67  ? -4.691  11.124  -4.474  1.00 51.94 ? 66   MET A CA  1 
ATOM 475  C C   . MET A 1 67  ? -5.935  11.707  -3.810  1.00 51.94 ? 66   MET A C   1 
ATOM 476  O O   . MET A 1 67  ? -5.980  11.814  -2.582  1.00 51.94 ? 66   MET A O   1 
ATOM 477  C CB  . MET A 1 67  ? -3.690  12.233  -4.797  1.00 51.94 ? 66   MET A CB  1 
ATOM 478  C CG  . MET A 1 67  ? -2.415  11.741  -5.469  1.00 51.94 ? 66   MET A CG  1 
ATOM 479  S SD  . MET A 1 67  ? -1.655  10.306  -4.678  1.00 51.94 ? 66   MET A SD  1 
ATOM 480  C CE  . MET A 1 67  ? -0.969  11.030  -3.196  1.00 51.94 ? 66   MET A CE  1 
ATOM 481  N N   . GLN A 1 68  ? -6.965  12.063  -4.577  1.00 51.94 ? 67   GLN A N   1 
ATOM 482  C CA  . GLN A 1 68  ? -8.238  12.439  -3.961  1.00 51.94 ? 67   GLN A CA  1 
ATOM 483  C C   . GLN A 1 68  ? -8.947  11.263  -3.296  1.00 51.94 ? 67   GLN A C   1 
ATOM 484  O O   . GLN A 1 68  ? -9.530  11.425  -2.220  1.00 51.94 ? 67   GLN A O   1 
ATOM 485  C CB  . GLN A 1 68  ? -9.145  13.104  -4.992  1.00 51.94 ? 67   GLN A CB  1 
ATOM 486  C CG  . GLN A 1 68  ? -8.746  14.538  -5.271  1.00 51.94 ? 67   GLN A CG  1 
ATOM 487  C CD  . GLN A 1 68  ? -8.926  15.422  -4.049  1.00 51.94 ? 67   GLN A CD  1 
ATOM 488  O OE1 . GLN A 1 68  ? -9.871  15.248  -3.282  1.00 51.94 ? 67   GLN A OE1 1 
ATOM 489  N NE2 . GLN A 1 68  ? -8.014  16.367  -3.858  1.00 51.94 ? 67   GLN A NE2 1 
ATOM 490  N N   . MET A 1 69  ? -8.922  10.079  -3.906  1.00 51.94 ? 68   MET A N   1 
ATOM 491  C CA  . MET A 1 69  ? -9.453  8.904   -3.212  1.00 51.94 ? 68   MET A CA  1 
ATOM 492  C C   . MET A 1 69  ? -8.668  8.585   -1.943  1.00 51.94 ? 68   MET A C   1 
ATOM 493  O O   . MET A 1 69  ? -9.250  8.196   -0.923  1.00 51.94 ? 68   MET A O   1 
ATOM 494  C CB  . MET A 1 69  ? -9.424  7.693   -4.139  1.00 51.94 ? 68   MET A CB  1 
ATOM 495  C CG  . MET A 1 69  ? -10.372 7.754   -5.313  1.00 51.94 ? 68   MET A CG  1 
ATOM 496  S SD  . MET A 1 69  ? -9.912  6.560   -6.580  1.00 51.94 ? 68   MET A SD  1 
ATOM 497  C CE  . MET A 1 69  ? -9.874  5.033   -5.641  1.00 51.94 ? 68   MET A CE  1 
ATOM 498  N N   . LEU A 1 70  ? -7.355  8.784   -1.975  1.00 51.94 ? 69   LEU A N   1 
ATOM 499  C CA  . LEU A 1 70  ? -6.531  8.612   -0.784  1.00 51.94 ? 69   LEU A CA  1 
ATOM 500  C C   . LEU A 1 70  ? -6.891  9.617   0.304   1.00 51.94 ? 69   LEU A C   1 
ATOM 501  O O   . LEU A 1 70  ? -7.007  9.260   1.478   1.00 51.94 ? 69   LEU A O   1 
ATOM 502  C CB  . LEU A 1 70  ? -5.056  8.719   -1.172  1.00 51.94 ? 69   LEU A CB  1 
ATOM 503  C CG  . LEU A 1 70  ? -4.017  8.458   -0.083  1.00 51.94 ? 69   LEU A CG  1 
ATOM 504  C CD1 . LEU A 1 70  ? -4.230  7.109   0.568   1.00 51.94 ? 69   LEU A CD1 1 
ATOM 505  C CD2 . LEU A 1 70  ? -2.632  8.528   -0.684  1.00 51.94 ? 69   LEU A CD2 1 
ATOM 506  N N   . LYS A 1 71  ? -7.037  10.887  -0.064  1.00 51.94 ? 70   LYS A N   1 
ATOM 507  C CA  . LYS A 1 71  ? -7.494  11.904  0.880   1.00 51.94 ? 70   LYS A CA  1 
ATOM 508  C C   . LYS A 1 71  ? -8.855  11.561  1.483   1.00 51.94 ? 70   LYS A C   1 
ATOM 509  O O   . LYS A 1 71  ? -9.056  11.701  2.691   1.00 51.94 ? 70   LYS A O   1 
ATOM 510  C CB  . LYS A 1 71  ? -7.540  13.265  0.183   1.00 51.94 ? 70   LYS A CB  1 
ATOM 511  C CG  . LYS A 1 71  ? -7.866  14.433  1.104   1.00 51.94 ? 70   LYS A CG  1 
ATOM 512  C CD  . LYS A 1 71  ? -8.040  15.722  0.318   1.00 51.94 ? 70   LYS A CD  1 
ATOM 513  C CE  . LYS A 1 71  ? -8.547  16.863  1.193   1.00 51.94 ? 70   LYS A CE  1 
ATOM 514  N NZ  . LYS A 1 71  ? -7.551  17.312  2.209   1.00 51.94 ? 70   LYS A NZ  1 
ATOM 515  N N   . GLU A 1 72  ? -9.814  11.150  0.652   1.00 51.94 ? 71   GLU A N   1 
ATOM 516  C CA  . GLU A 1 72  ? -11.117 10.722  1.163   1.00 51.94 ? 71   GLU A CA  1 
ATOM 517  C C   . GLU A 1 72  ? -11.012 9.549   2.137   1.00 51.94 ? 71   GLU A C   1 
ATOM 518  O O   . GLU A 1 72  ? -11.689 9.532   3.177   1.00 51.94 ? 71   GLU A O   1 
ATOM 519  C CB  . GLU A 1 72  ? -12.017 10.346  -0.013  1.00 51.94 ? 71   GLU A CB  1 
ATOM 520  C CG  . GLU A 1 72  ? -12.507 11.539  -0.819  1.00 51.94 ? 71   GLU A CG  1 
ATOM 521  C CD  . GLU A 1 72  ? -13.171 11.138  -2.126  1.00 51.94 ? 71   GLU A CD  1 
ATOM 522  O OE1 . GLU A 1 72  ? -13.358 9.926   -2.359  1.00 51.94 ? 71   GLU A OE1 1 
ATOM 523  O OE2 . GLU A 1 72  ? -13.505 12.040  -2.921  1.00 51.94 ? 71   GLU A OE2 1 
ATOM 524  N N   . THR A 1 73  ? -10.144 8.580   1.847   1.00 51.94 ? 72   THR A N   1 
ATOM 525  C CA  . THR A 1 73  ? -9.932  7.476   2.780   1.00 51.94 ? 72   THR A CA  1 
ATOM 526  C C   . THR A 1 73  ? -9.334  7.959   4.092   1.00 51.94 ? 72   THR A C   1 
ATOM 527  O O   . THR A 1 73  ? -9.770  7.556   5.173   1.00 51.94 ? 72   THR A O   1 
ATOM 528  C CB  . THR A 1 73  ? -9.022  6.418   2.157   1.00 51.94 ? 72   THR A CB  1 
ATOM 529  O OG1 . THR A 1 73  ? -9.571  5.980   0.911   1.00 51.94 ? 72   THR A OG1 1 
ATOM 530  C CG2 . THR A 1 73  ? -8.882  5.225   3.097   1.00 51.94 ? 72   THR A CG2 1 
ATOM 531  N N   . ILE A 1 74  ? -8.299  8.789   4.013   1.00 51.94 ? 73   ILE A N   1 
ATOM 532  C CA  . ILE A 1 74  ? -7.674  9.347   5.209   1.00 51.94 ? 73   ILE A CA  1 
ATOM 533  C C   . ILE A 1 74  ? -8.682  10.132  6.039   1.00 51.94 ? 73   ILE A C   1 
ATOM 534  O O   . ILE A 1 74  ? -8.664  10.075  7.271   1.00 51.94 ? 73   ILE A O   1 
ATOM 535  C CB  . ILE A 1 74  ? -6.468  10.211  4.796   1.00 51.94 ? 73   ILE A CB  1 
ATOM 536  C CG1 . ILE A 1 74  ? -5.313  9.311   4.356   1.00 51.94 ? 73   ILE A CG1 1 
ATOM 537  C CG2 . ILE A 1 74  ? -6.038  11.147  5.924   1.00 51.94 ? 73   ILE A CG2 1 
ATOM 538  C CD1 . ILE A 1 74  ? -4.293  10.010  3.487   1.00 51.94 ? 73   ILE A CD1 1 
ATOM 539  N N   . ASN A 1 75  ? -9.582  10.866  5.385   1.00 51.94 ? 74   ASN A N   1 
ATOM 540  C CA  . ASN A 1 75  ? -10.605 11.616  6.111   1.00 51.94 ? 74   ASN A CA  1 
ATOM 541  C C   . ASN A 1 75  ? -11.614 10.714  6.812   1.00 51.94 ? 74   ASN A C   1 
ATOM 542  O O   . ASN A 1 75  ? -11.986 10.980  7.958   1.00 51.94 ? 74   ASN A O   1 
ATOM 543  C CB  . ASN A 1 75  ? -11.331 12.568  5.165   1.00 51.94 ? 74   ASN A CB  1 
ATOM 544  C CG  . ASN A 1 75  ? -10.449 13.697  4.688   1.00 51.94 ? 74   ASN A CG  1 
ATOM 545  O OD1 . ASN A 1 75  ? -9.394  13.957  5.259   1.00 51.94 ? 74   ASN A OD1 1 
ATOM 546  N ND2 . ASN A 1 75  ? -10.877 14.375  3.633   1.00 51.94 ? 74   ASN A ND2 1 
ATOM 547  N N   . GLU A 1 76  ? -12.064 9.637   6.163   1.00 51.94 ? 75   GLU A N   1 
ATOM 548  C CA  . GLU A 1 76  ? -12.986 8.736   6.860   1.00 51.94 ? 75   GLU A CA  1 
ATOM 549  C C   . GLU A 1 76  ? -12.296 7.907   7.944   1.00 51.94 ? 75   GLU A C   1 
ATOM 550  O O   . GLU A 1 76  ? -12.915 7.610   8.969   1.00 51.94 ? 75   GLU A O   1 
ATOM 551  C CB  . GLU A 1 76  ? -13.718 7.840   5.860   1.00 51.94 ? 75   GLU A CB  1 
ATOM 552  C CG  . GLU A 1 76  ? -12.864 6.828   5.137   1.00 51.94 ? 75   GLU A CG  1 
ATOM 553  C CD  . GLU A 1 76  ? -13.665 6.005   4.144   1.00 51.94 ? 75   GLU A CD  1 
ATOM 554  O OE1 . GLU A 1 76  ? -14.787 6.424   3.790   1.00 51.94 ? 75   GLU A OE1 1 
ATOM 555  O OE2 . GLU A 1 76  ? -13.172 4.942   3.714   1.00 51.94 ? 75   GLU A OE2 1 
ATOM 556  N N   . GLU A 1 77  ? -11.018 7.572   7.777   1.00 51.94 ? 76   GLU A N   1 
ATOM 557  C CA  . GLU A 1 77  ? -10.261 6.959   8.869   1.00 51.94 ? 76   GLU A CA  1 
ATOM 558  C C   . GLU A 1 77  ? -10.053 7.914   10.042  1.00 51.94 ? 76   GLU A C   1 
ATOM 559  O O   . GLU A 1 77  ? -10.165 7.508   11.204  1.00 51.94 ? 76   GLU A O   1 
ATOM 560  C CB  . GLU A 1 77  ? -8.911  6.462   8.352   1.00 51.94 ? 76   GLU A CB  1 
ATOM 561  C CG  . GLU A 1 77  ? -8.996  5.264   7.424   1.00 51.94 ? 76   GLU A CG  1 
ATOM 562  C CD  . GLU A 1 77  ? -9.768  4.110   8.029   1.00 51.94 ? 76   GLU A CD  1 
ATOM 563  O OE1 . GLU A 1 77  ? -9.422  3.686   9.151   1.00 51.94 ? 76   GLU A OE1 1 
ATOM 564  O OE2 . GLU A 1 77  ? -10.729 3.634   7.390   1.00 51.94 ? 76   GLU A OE2 1 
ATOM 565  N N   . ALA A 1 78  ? -9.751  9.181   9.765   1.00 51.94 ? 77   ALA A N   1 
ATOM 566  C CA  . ALA A 1 78  ? -9.660  10.182  10.824  1.00 51.94 ? 77   ALA A CA  1 
ATOM 567  C C   . ALA A 1 78  ? -10.992 10.379  11.543  1.00 51.94 ? 77   ALA A C   1 
ATOM 568  O O   . ALA A 1 78  ? -11.032 10.493  12.773  1.00 51.94 ? 77   ALA A O   1 
ATOM 569  C CB  . ALA A 1 78  ? -9.168  11.500  10.231  1.00 51.94 ? 77   ALA A CB  1 
ATOM 570  N N   . ALA A 1 79  ? -12.093 10.422  10.795  1.00 55.50 ? 78   ALA A N   1 
ATOM 571  C CA  . ALA A 1 79  ? -13.413 10.515  11.413  1.00 55.50 ? 78   ALA A CA  1 
ATOM 572  C C   . ALA A 1 79  ? -13.735 9.288   12.262  1.00 55.50 ? 78   ALA A C   1 
ATOM 573  O O   . ALA A 1 79  ? -14.303 9.410   13.353  1.00 55.50 ? 78   ALA A O   1 
ATOM 574  C CB  . ALA A 1 79  ? -14.472 10.706  10.329  1.00 55.50 ? 78   ALA A CB  1 
ATOM 575  N N   . GLU A 1 80  ? -13.366 8.097   11.789  1.00 59.89 ? 79   GLU A N   1 
ATOM 576  C CA  . GLU A 1 80  ? -13.545 6.889   12.589  1.00 59.89 ? 79   GLU A CA  1 
ATOM 577  C C   . GLU A 1 80  ? -12.716 6.915   13.870  1.00 59.89 ? 79   GLU A C   1 
ATOM 578  O O   . GLU A 1 80  ? -13.188 6.482   14.923  1.00 59.89 ? 79   GLU A O   1 
ATOM 579  C CB  . GLU A 1 80  ? -13.187 5.665   11.747  1.00 59.89 ? 79   GLU A CB  1 
ATOM 580  C CG  . GLU A 1 80  ? -13.392 4.324   12.437  1.00 59.89 ? 79   GLU A CG  1 
ATOM 581  C CD  . GLU A 1 80  ? -14.855 3.982   12.657  1.00 59.89 ? 79   GLU A CD  1 
ATOM 582  O OE1 . GLU A 1 80  ? -15.721 4.851   12.422  1.00 59.89 ? 79   GLU A OE1 1 
ATOM 583  O OE2 . GLU A 1 80  ? -15.141 2.839   13.068  1.00 59.89 ? 79   GLU A OE2 1 
ATOM 584  N N   . TRP A 1 81  ? -11.474 7.398   13.802  1.00 58.53 ? 80   TRP A N   1 
ATOM 585  C CA  . TRP A 1 81  ? -10.691 7.610   15.021  1.00 58.53 ? 80   TRP A CA  1 
ATOM 586  C C   . TRP A 1 81  ? -11.386 8.569   15.984  1.00 58.53 ? 80   TRP A C   1 
ATOM 587  O O   . TRP A 1 81  ? -11.510 8.283   17.180  1.00 58.53 ? 80   TRP A O   1 
ATOM 588  C CB  . TRP A 1 81  ? -9.301  8.132   14.658  1.00 58.53 ? 80   TRP A CB  1 
ATOM 589  C CG  . TRP A 1 81  ? -8.405  8.430   15.838  1.00 58.53 ? 80   TRP A CG  1 
ATOM 590  C CD1 . TRP A 1 81  ? -8.379  9.580   16.567  1.00 58.53 ? 80   TRP A CD1 1 
ATOM 591  C CD2 . TRP A 1 81  ? -7.408  7.570   16.413  1.00 58.53 ? 80   TRP A CD2 1 
ATOM 592  N NE1 . TRP A 1 81  ? -7.440  9.492   17.564  1.00 58.53 ? 80   TRP A NE1 1 
ATOM 593  C CE2 . TRP A 1 81  ? -6.820  8.273   17.483  1.00 58.53 ? 80   TRP A CE2 1 
ATOM 594  C CE3 . TRP A 1 81  ? -6.950  6.281   16.123  1.00 58.53 ? 80   TRP A CE3 1 
ATOM 595  C CZ2 . TRP A 1 81  ? -5.805  7.728   18.269  1.00 58.53 ? 80   TRP A CZ2 1 
ATOM 596  C CZ3 . TRP A 1 81  ? -5.945  5.741   16.908  1.00 58.53 ? 80   TRP A CZ3 1 
ATOM 597  C CH2 . TRP A 1 81  ? -5.379  6.466   17.963  1.00 58.53 ? 80   TRP A CH2 1 
ATOM 598  N N   . ASP A 1 82  ? -11.852 9.714   15.480  1.00 62.90 ? 81   ASP A N   1 
ATOM 599  C CA  . ASP A 1 82  ? -12.585 10.658  16.324  1.00 62.90 ? 81   ASP A CA  1 
ATOM 600  C C   . ASP A 1 82  ? -13.846 10.047  16.927  1.00 62.90 ? 81   ASP A C   1 
ATOM 601  O O   . ASP A 1 82  ? -14.278 10.458  18.009  1.00 62.90 ? 81   ASP A O   1 
ATOM 602  C CB  . ASP A 1 82  ? -12.945 11.905  15.517  1.00 62.90 ? 81   ASP A CB  1 
ATOM 603  C CG  . ASP A 1 82  ? -11.734 12.751  15.186  1.00 62.90 ? 81   ASP A CG  1 
ATOM 604  O OD1 . ASP A 1 82  ? -10.714 12.631  15.892  1.00 62.90 ? 81   ASP A OD1 1 
ATOM 605  O OD2 . ASP A 1 82  ? -11.803 13.541  14.222  1.00 62.90 ? 81   ASP A OD2 1 
ATOM 606  N N   . ARG A 1 83  ? -14.447 9.073   16.246  1.00 66.89 ? 82   ARG A N   1 
ATOM 607  C CA  . ARG A 1 83  ? -15.586 8.346   16.808  1.00 66.89 ? 82   ARG A CA  1 
ATOM 608  C C   . ARG A 1 83  ? -15.154 7.370   17.898  1.00 66.89 ? 82   ARG A C   1 
ATOM 609  O O   . ARG A 1 83  ? -15.740 7.339   18.986  1.00 66.89 ? 82   ARG A O   1 
ATOM 610  C CB  . ARG A 1 83  ? -16.324 7.617   15.683  1.00 66.89 ? 82   ARG A CB  1 
ATOM 611  C CG  . ARG A 1 83  ? -17.679 7.046   16.062  1.00 66.89 ? 82   ARG A CG  1 
ATOM 612  C CD  . ARG A 1 83  ? -18.273 6.255   14.900  1.00 66.89 ? 82   ARG A CD  1 
ATOM 613  N NE  . ARG A 1 83  ? -17.576 4.996   14.656  1.00 66.89 ? 82   ARG A NE  1 
ATOM 614  C CZ  . ARG A 1 83  ? -17.793 3.867   15.316  1.00 66.89 ? 82   ARG A CZ  1 
ATOM 615  N NH1 . ARG A 1 83  ? -18.665 3.799   16.310  1.00 66.89 ? 82   ARG A NH1 1 
ATOM 616  N NH2 . ARG A 1 83  ? -17.118 2.774   14.971  1.00 66.89 ? 82   ARG A NH2 1 
ATOM 617  N N   . LEU A 1 84  ? -14.130 6.567   17.623  1.00 66.74 ? 83   LEU A N   1 
ATOM 618  C CA  . LEU A 1 84  ? -13.660 5.541   18.549  1.00 66.74 ? 83   LEU A CA  1 
ATOM 619  C C   . LEU A 1 84  ? -12.916 6.115   19.752  1.00 66.74 ? 83   LEU A C   1 
ATOM 620  O O   . LEU A 1 84  ? -12.862 5.454   20.794  1.00 66.74 ? 83   LEU A O   1 
ATOM 621  C CB  . LEU A 1 84  ? -12.760 4.562   17.791  1.00 66.74 ? 83   LEU A CB  1 
ATOM 622  C CG  . LEU A 1 84  ? -13.466 3.722   16.720  1.00 66.74 ? 83   LEU A CG  1 
ATOM 623  C CD1 . LEU A 1 84  ? -12.453 2.893   15.948  1.00 66.74 ? 83   LEU A CD1 1 
ATOM 624  C CD2 . LEU A 1 84  ? -14.522 2.808   17.329  1.00 66.74 ? 83   LEU A CD2 1 
ATOM 625  N N   . HIS A 1 85  ? -12.343 7.316   19.639  1.00 66.83 ? 84   HIS A N   1 
ATOM 626  C CA  . HIS A 1 85  ? -11.601 7.976   20.717  1.00 66.83 ? 84   HIS A CA  1 
ATOM 627  C C   . HIS A 1 85  ? -12.234 9.327   21.053  1.00 66.83 ? 84   HIS A C   1 
ATOM 628  O O   . HIS A 1 85  ? -11.774 10.371  20.569  1.00 66.83 ? 84   HIS A O   1 
ATOM 629  C CB  . HIS A 1 85  ? -10.135 8.184   20.331  1.00 66.83 ? 84   HIS A CB  1 
ATOM 630  C CG  . HIS A 1 85  ? -9.358  6.922   20.110  1.00 66.83 ? 84   HIS A CG  1 
ATOM 631  N ND1 . HIS A 1 85  ? -9.673  5.997   19.137  1.00 66.83 ? 84   HIS A ND1 1 
ATOM 632  C CD2 . HIS A 1 85  ? -8.246  6.454   20.725  1.00 66.83 ? 84   HIS A CD2 1 
ATOM 633  C CE1 . HIS A 1 85  ? -8.803  5.002   19.181  1.00 66.83 ? 84   HIS A CE1 1 
ATOM 634  N NE2 . HIS A 1 85  ? -7.923  5.260   20.130  1.00 66.83 ? 84   HIS A NE2 1 
ATOM 635  N N   . PRO A 1 86  ? -13.287 9.349   21.876  1.00 72.92 ? 85   PRO A N   1 
ATOM 636  C CA  . PRO A 1 86  ? -13.882 10.634  22.280  1.00 72.92 ? 85   PRO A CA  1 
ATOM 637  C C   . PRO A 1 86  ? -12.896 11.515  23.040  1.00 72.92 ? 85   PRO A C   1 
ATOM 638  O O   . PRO A 1 86  ? -12.077 11.031  23.825  1.00 72.92 ? 85   PRO A O   1 
ATOM 639  C CB  . PRO A 1 86  ? -15.066 10.217  23.164  1.00 72.92 ? 85   PRO A CB  1 
ATOM 640  C CG  . PRO A 1 86  ? -15.388 8.822   22.734  1.00 72.92 ? 85   PRO A CG  1 
ATOM 641  C CD  . PRO A 1 86  ? -14.052 8.211   22.411  1.00 72.92 ? 85   PRO A CD  1 
ATOM 642  N N   . VAL A 1 87  ? -12.988 12.826  22.801  1.00 76.53 ? 86   VAL A N   1 
ATOM 643  C CA  . VAL A 1 87  ? -12.089 13.788  23.435  1.00 76.53 ? 86   VAL A CA  1 
ATOM 644  C C   . VAL A 1 87  ? -12.426 13.956  24.912  1.00 76.53 ? 86   VAL A C   1 
ATOM 645  O O   . VAL A 1 87  ? -13.598 13.940  25.312  1.00 76.53 ? 86   VAL A O   1 
ATOM 646  C CB  . VAL A 1 87  ? -12.143 15.136  22.692  1.00 76.53 ? 86   VAL A CB  1 
ATOM 647  C CG1 . VAL A 1 87  ? -13.488 15.836  22.895  1.00 76.53 ? 86   VAL A CG1 1 
ATOM 648  C CG2 . VAL A 1 87  ? -11.001 16.045  23.142  1.00 76.53 ? 86   VAL A CG2 1 
ATOM 649  N N   . HIS A 1 88  ? -11.387 14.118  25.732  1.00 83.62 ? 87   HIS A N   1 
ATOM 650  C CA  . HIS A 1 88  ? -11.545 14.279  27.179  1.00 83.62 ? 87   HIS A CA  1 
ATOM 651  C C   . HIS A 1 88  ? -12.261 15.582  27.520  1.00 83.62 ? 87   HIS A C   1 
ATOM 652  O O   . HIS A 1 88  ? -11.726 16.670  27.311  1.00 83.62 ? 87   HIS A O   1 
ATOM 653  C CB  . HIS A 1 88  ? -10.181 14.226  27.876  1.00 83.62 ? 87   HIS A CB  1 
ATOM 654  C CG  . HIS A 1 88  ? -9.411  12.973  27.595  1.00 83.62 ? 87   HIS A CG  1 
ATOM 655  N ND1 . HIS A 1 88  ? -8.651  12.795  26.458  1.00 83.62 ? 87   HIS A ND1 1 
ATOM 656  C CD2 . HIS A 1 88  ? -9.288  11.831  28.311  1.00 83.62 ? 87   HIS A CD2 1 
ATOM 657  C CE1 . HIS A 1 88  ? -8.095  11.597  26.485  1.00 83.62 ? 87   HIS A CE1 1 
ATOM 658  N NE2 . HIS A 1 88  ? -8.469  10.990  27.597  1.00 83.62 ? 87   HIS A NE2 1 
ATOM 659  N N   . MET A 1 97  ? 0.707   15.639  27.903  1.00 69.74 ? 96   MET A N   1 
ATOM 660  C CA  . MET A 1 97  ? 0.418   15.855  26.496  1.00 69.74 ? 96   MET A CA  1 
ATOM 661  C C   . MET A 1 97  ? -1.092  15.706  26.265  1.00 69.74 ? 96   MET A C   1 
ATOM 662  O O   . MET A 1 97  ? -1.748  14.927  26.959  1.00 69.74 ? 96   MET A O   1 
ATOM 663  C CB  . MET A 1 97  ? 1.214   14.863  25.641  1.00 69.74 ? 96   MET A CB  1 
ATOM 664  C CG  . MET A 1 97  ? 2.207   15.504  24.693  1.00 69.74 ? 96   MET A CG  1 
ATOM 665  S SD  . MET A 1 97  ? 1.520   16.659  23.481  1.00 69.74 ? 96   MET A SD  1 
ATOM 666  C CE  . MET A 1 97  ? 2.748   16.641  22.171  1.00 69.74 ? 96   MET A CE  1 
ATOM 667  N N   . ARG A 1 98  ? -1.646  16.459  25.316  1.00 65.94 ? 97   ARG A N   1 
ATOM 668  C CA  . ARG A 1 98  ? -3.026  16.243  24.897  1.00 65.94 ? 97   ARG A CA  1 
ATOM 669  C C   . ARG A 1 98  ? -3.147  14.984  24.035  1.00 65.94 ? 97   ARG A C   1 
ATOM 670  O O   . ARG A 1 98  ? -2.190  14.546  23.393  1.00 65.94 ? 97   ARG A O   1 
ATOM 671  C CB  . ARG A 1 98  ? -3.551  17.481  24.162  1.00 65.94 ? 97   ARG A CB  1 
ATOM 672  C CG  . ARG A 1 98  ? -2.971  17.695  22.779  1.00 65.94 ? 97   ARG A CG  1 
ATOM 673  C CD  . ARG A 1 98  ? -3.485  18.996  22.176  1.00 65.94 ? 97   ARG A CD  1 
ATOM 674  N NE  . ARG A 1 98  ? -3.083  19.192  20.785  1.00 65.94 ? 97   ARG A NE  1 
ATOM 675  C CZ  . ARG A 1 98  ? -3.750  18.754  19.726  1.00 65.94 ? 97   ARG A CZ  1 
ATOM 676  N NH1 . ARG A 1 98  ? -4.834  18.007  19.851  1.00 65.94 ? 97   ARG A NH1 1 
ATOM 677  N NH2 . ARG A 1 98  ? -3.296  19.045  18.511  1.00 65.94 ? 97   ARG A NH2 1 
ATOM 678  N N   . GLU A 1 99  ? -4.342  14.397  24.038  1.00 66.47 ? 98   GLU A N   1 
ATOM 679  C CA  . GLU A 1 99  ? -4.645  13.292  23.128  1.00 66.47 ? 98   GLU A CA  1 
ATOM 680  C C   . GLU A 1 99  ? -4.857  13.787  21.698  1.00 66.47 ? 98   GLU A C   1 
ATOM 681  O O   . GLU A 1 99  ? -5.563  14.777  21.490  1.00 66.47 ? 98   GLU A O   1 
ATOM 682  C CB  . GLU A 1 99  ? -5.883  12.539  23.609  1.00 66.47 ? 98   GLU A CB  1 
ATOM 683  N N   . PRO A 1 100 ? -4.254  13.140  20.695  1.00 62.96 ? 99   PRO A N   1 
ATOM 684  C CA  . PRO A 1 100 ? -4.457  13.570  19.303  1.00 62.96 ? 99   PRO A CA  1 
ATOM 685  C C   . PRO A 1 100 ? -5.829  13.189  18.761  1.00 62.96 ? 99   PRO A C   1 
ATOM 686  O O   . PRO A 1 100 ? -6.315  12.077  18.971  1.00 62.96 ? 99   PRO A O   1 
ATOM 687  C CB  . PRO A 1 100 ? -3.341  12.841  18.543  1.00 62.96 ? 99   PRO A CB  1 
ATOM 688  C CG  . PRO A 1 100 ? -3.099  11.610  19.340  1.00 62.96 ? 99   PRO A CG  1 
ATOM 689  C CD  . PRO A 1 100 ? -3.323  11.999  20.778  1.00 62.96 ? 99   PRO A CD  1 
ATOM 690  N N   . ARG A 1 101 ? -6.452  14.137  18.060  1.00 63.81 ? 100  ARG A N   1 
ATOM 691  C CA  . ARG A 1 101 ? -7.615  13.884  17.222  1.00 63.81 ? 100  ARG A CA  1 
ATOM 692  C C   . ARG A 1 101 ? -7.174  13.281  15.886  1.00 63.81 ? 100  ARG A C   1 
ATOM 693  O O   . ARG A 1 101 ? -5.990  13.259  15.546  1.00 63.81 ? 100  ARG A O   1 
ATOM 694  C CB  . ARG A 1 101 ? -8.387  15.182  16.978  1.00 63.81 ? 100  ARG A CB  1 
ATOM 695  C CG  . ARG A 1 101 ? -8.711  16.004  18.226  1.00 63.81 ? 100  ARG A CG  1 
ATOM 696  C CD  . ARG A 1 101 ? -9.260  15.198  19.407  1.00 63.81 ? 100  ARG A CD  1 
ATOM 697  N NE  . ARG A 1 101 ? -10.516 14.526  19.081  1.00 63.81 ? 100  ARG A NE  1 
ATOM 698  C CZ  . ARG A 1 101 ? -10.857 13.299  19.459  1.00 63.81 ? 100  ARG A CZ  1 
ATOM 699  N NH1 . ARG A 1 101 ? -10.027 12.521  20.134  1.00 63.81 ? 100  ARG A NH1 1 
ATOM 700  N NH2 . ARG A 1 101 ? -12.069 12.841  19.155  1.00 63.81 ? 100  ARG A NH2 1 
ATOM 701  N N   . GLY A 1 102 ? -8.144  12.784  15.117  1.00 56.41 ? 101  GLY A N   1 
ATOM 702  C CA  . GLY A 1 102 ? -7.821  12.205  13.820  1.00 56.41 ? 101  GLY A CA  1 
ATOM 703  C C   . GLY A 1 102 ? -7.128  13.180  12.884  1.00 56.41 ? 101  GLY A C   1 
ATOM 704  O O   . GLY A 1 102 ? -6.225  12.802  12.136  1.00 56.41 ? 101  GLY A O   1 
ATOM 705  N N   . SER A 1 103 ? -7.548  14.446  12.908  1.00 56.63 ? 102  SER A N   1 
ATOM 706  C CA  . SER A 1 103 ? -6.875  15.499  12.150  1.00 56.63 ? 102  SER A CA  1 
ATOM 707  C C   . SER A 1 103 ? -5.468  15.788  12.661  1.00 56.63 ? 102  SER A C   1 
ATOM 708  O O   . SER A 1 103 ? -4.629  16.283  11.901  1.00 56.63 ? 102  SER A O   1 
ATOM 709  C CB  . SER A 1 103 ? -7.714  16.773  12.194  1.00 56.63 ? 102  SER A CB  1 
ATOM 710  O OG  . SER A 1 103 ? -7.888  17.208  13.530  1.00 56.63 ? 102  SER A OG  1 
ATOM 711  N N   . ASP A 1 104 ? -5.187  15.501  13.932  1.00 58.70 ? 103  ASP A N   1 
ATOM 712  C CA  . ASP A 1 104 ? -3.827  15.631  14.445  1.00 58.70 ? 103  ASP A CA  1 
ATOM 713  C C   . ASP A 1 104 ? -2.934  14.495  13.970  1.00 58.70 ? 103  ASP A C   1 
ATOM 714  O O   . ASP A 1 104 ? -1.761  14.712  13.650  1.00 58.70 ? 103  ASP A O   1 
ATOM 715  C CB  . ASP A 1 104 ? -3.843  15.647  15.972  1.00 58.70 ? 103  ASP A CB  1 
ATOM 716  C CG  . ASP A 1 104 ? -4.609  16.819  16.532  1.00 58.70 ? 103  ASP A CG  1 
ATOM 717  O OD1 . ASP A 1 104 ? -4.398  17.953  16.059  1.00 58.70 ? 103  ASP A OD1 1 
ATOM 718  O OD2 . ASP A 1 104 ? -5.424  16.605  17.452  1.00 58.70 ? 103  ASP A OD2 1 
ATOM 719  N N   . ILE A 1 105 ? -3.479  13.283  13.934  1.00 53.47 ? 104  ILE A N   1 
ATOM 720  C CA  . ILE A 1 105 ? -2.747  12.130  13.428  1.00 53.47 ? 104  ILE A CA  1 
ATOM 721  C C   . ILE A 1 105 ? -2.463  12.279  11.939  1.00 53.47 ? 104  ILE A C   1 
ATOM 722  O O   . ILE A 1 105 ? -1.349  12.006  11.479  1.00 53.47 ? 104  ILE A O   1 
ATOM 723  C CB  . ILE A 1 105 ? -3.545  10.854  13.751  1.00 53.47 ? 104  ILE A CB  1 
ATOM 724  C CG1 . ILE A 1 105 ? -3.610  10.697  15.274  1.00 53.47 ? 104  ILE A CG1 1 
ATOM 725  C CG2 . ILE A 1 105 ? -2.936  9.636   13.054  1.00 53.47 ? 104  ILE A CG2 1 
ATOM 726  C CD1 . ILE A 1 105 ? -4.106  9.369   15.769  1.00 53.47 ? 104  ILE A CD1 1 
ATOM 727  N N   . ALA A 1 106 ? -3.454  12.723  11.165  1.00 51.94 ? 105  ALA A N   1 
ATOM 728  C CA  . ALA A 1 106 ? -3.250  13.066  9.763   1.00 51.94 ? 105  ALA A CA  1 
ATOM 729  C C   . ALA A 1 106 ? -2.325  14.261  9.556   1.00 51.94 ? 105  ALA A C   1 
ATOM 730  O O   . ALA A 1 106 ? -2.001  14.574  8.407   1.00 51.94 ? 105  ALA A O   1 
ATOM 731  C CB  . ALA A 1 106 ? -4.601  13.339  9.105   1.00 51.94 ? 105  ALA A CB  1 
ATOM 732  N N   . GLY A 1 107 ? -1.891  14.927  10.622  1.00 53.92 ? 106  GLY A N   1 
ATOM 733  C CA  . GLY A 1 107 ? -1.002  16.067  10.500  1.00 53.92 ? 106  GLY A CA  1 
ATOM 734  C C   . GLY A 1 107 ? -1.607  17.323  9.916   1.00 53.92 ? 106  GLY A C   1 
ATOM 735  O O   . GLY A 1 107 ? -0.864  18.183  9.440   1.00 53.92 ? 106  GLY A O   1 
ATOM 736  N N   . THR A 1 108 ? -2.932  17.460  9.929   1.00 55.23 ? 107  THR A N   1 
ATOM 737  C CA  . THR A 1 108 ? -3.560  18.684  9.442   1.00 55.23 ? 107  THR A CA  1 
ATOM 738  C C   . THR A 1 108 ? -3.711  19.730  10.545  1.00 55.23 ? 107  THR A C   1 
ATOM 739  O O   . THR A 1 108 ? -3.518  20.923  10.291  1.00 55.23 ? 107  THR A O   1 
ATOM 740  C CB  . THR A 1 108 ? -4.927  18.390  8.809   1.00 55.23 ? 107  THR A CB  1 
ATOM 741  O OG1 . THR A 1 108 ? -5.870  18.027  9.820   1.00 55.23 ? 107  THR A OG1 1 
ATOM 742  C CG2 . THR A 1 108 ? -4.836  17.269  7.782   1.00 55.23 ? 107  THR A CG2 1 
ATOM 743  N N   . THR A 1 109 ? -4.046  19.310  11.766  1.00 58.79 ? 108  THR A N   1 
ATOM 744  C CA  . THR A 1 109 ? -4.196  20.214  12.903  1.00 58.79 ? 108  THR A CA  1 
ATOM 745  C C   . THR A 1 109 ? -3.091  20.073  13.945  1.00 58.79 ? 108  THR A C   1 
ATOM 746  O O   . THR A 1 109 ? -3.182  20.696  15.007  1.00 58.79 ? 108  THR A O   1 
ATOM 747  C CB  . THR A 1 109 ? -5.555  20.010  13.582  1.00 58.79 ? 108  THR A CB  1 
ATOM 748  O OG1 . THR A 1 109 ? -5.692  18.648  14.000  1.00 58.79 ? 108  THR A OG1 1 
ATOM 749  C CG2 . THR A 1 109 ? -6.695  20.373  12.642  1.00 58.79 ? 108  THR A CG2 1 
ATOM 750  N N   . SER A 1 110 ? -2.056  19.278  13.685  1.00 60.08 ? 109  SER A N   1 
ATOM 751  C CA  . SER A 1 110 ? -0.929  19.149  14.601  1.00 60.08 ? 109  SER A CA  1 
ATOM 752  C C   . SER A 1 110 ? 0.340   19.724  13.986  1.00 60.08 ? 109  SER A C   1 
ATOM 753  O O   . SER A 1 110 ? 0.588   19.575  12.786  1.00 60.08 ? 109  SER A O   1 
ATOM 754  C CB  . SER A 1 110 ? -0.697  17.688  14.992  1.00 60.08 ? 109  SER A CB  1 
ATOM 755  O OG  . SER A 1 110 ? -0.271  16.917  13.884  1.00 60.08 ? 109  SER A OG  1 
ATOM 756  N N   . THR A 1 111 ? 1.126   20.397  14.824  1.00 61.61 ? 110  THR A N   1 
ATOM 757  C CA  . THR A 1 111 ? 2.479   20.808  14.482  1.00 61.61 ? 110  THR A CA  1 
ATOM 758  C C   . THR A 1 111 ? 3.428   19.613  14.473  1.00 61.61 ? 110  THR A C   1 
ATOM 759  O O   . THR A 1 111 ? 3.175   18.576  15.091  1.00 61.61 ? 110  THR A O   1 
ATOM 760  C CB  . THR A 1 111 ? 2.987   21.852  15.478  1.00 61.61 ? 110  THR A CB  1 
ATOM 761  O OG1 . THR A 1 111 ? 2.955   21.304  16.800  1.00 61.61 ? 110  THR A OG1 1 
ATOM 762  C CG2 . THR A 1 111 ? 2.127   23.108  15.444  1.00 61.61 ? 110  THR A CG2 1 
ATOM 763  N N   . LEU A 1 112 ? 4.543   19.777  13.761  1.00 61.11 ? 111  LEU A N   1 
ATOM 764  C CA  . LEU A 1 112 ? 5.618   18.791  13.819  1.00 61.11 ? 111  LEU A CA  1 
ATOM 765  C C   . LEU A 1 112 ? 6.089   18.555  15.250  1.00 61.11 ? 111  LEU A C   1 
ATOM 766  O O   . LEU A 1 112 ? 6.411   17.424  15.628  1.00 61.11 ? 111  LEU A O   1 
ATOM 767  C CB  . LEU A 1 112 ? 6.781   19.257  12.945  1.00 61.11 ? 111  LEU A CB  1 
ATOM 768  C CG  . LEU A 1 112 ? 8.065   18.432  12.985  1.00 61.11 ? 111  LEU A CG  1 
ATOM 769  C CD1 . LEU A 1 112 ? 7.824   17.026  12.477  1.00 61.11 ? 111  LEU A CD1 1 
ATOM 770  C CD2 . LEU A 1 112 ? 9.136   19.125  12.159  1.00 61.11 ? 111  LEU A CD2 1 
ATOM 771  N N   . GLN A 1 113 ? 6.137   19.613  16.059  1.00 64.16 ? 112  GLN A N   1 
ATOM 772  C CA  . GLN A 1 113 ? 6.564   19.477  17.448  1.00 64.16 ? 112  GLN A CA  1 
ATOM 773  C C   . GLN A 1 113 ? 5.577   18.664  18.280  1.00 64.16 ? 112  GLN A C   1 
ATOM 774  O O   . GLN A 1 113 ? 5.993   17.853  19.112  1.00 64.16 ? 112  GLN A O   1 
ATOM 775  C CB  . GLN A 1 113 ? 6.794   20.862  18.056  1.00 64.16 ? 112  GLN A CB  1 
ATOM 776  C CG  . GLN A 1 113 ? 7.982   21.614  17.437  1.00 64.16 ? 112  GLN A CG  1 
ATOM 777  C CD  . GLN A 1 113 ? 7.708   22.143  16.037  1.00 64.16 ? 112  GLN A CD  1 
ATOM 778  O OE1 . GLN A 1 113 ? 6.558   22.328  15.644  1.00 64.16 ? 112  GLN A OE1 1 
ATOM 779  N NE2 . GLN A 1 113 ? 8.772   22.376  15.272  1.00 64.16 ? 112  GLN A NE2 1 
ATOM 780  N N   . GLU A 1 114 ? 4.272   18.815  18.042  1.00 64.01 ? 113  GLU A N   1 
ATOM 781  C CA  . GLU A 1 114 ? 3.303   17.923  18.680  1.00 64.01 ? 113  GLU A CA  1 
ATOM 782  C C   . GLU A 1 114 ? 3.456   16.486  18.203  1.00 64.01 ? 113  GLU A C   1 
ATOM 783  O O   . GLU A 1 114 ? 3.348   15.546  18.999  1.00 64.01 ? 113  GLU A O   1 
ATOM 784  C CB  . GLU A 1 114 ? 1.879   18.395  18.401  1.00 64.01 ? 113  GLU A CB  1 
ATOM 785  C CG  . GLU A 1 114 ? 1.439   19.612  19.177  1.00 64.01 ? 113  GLU A CG  1 
ATOM 786  C CD  . GLU A 1 114 ? 0.248   20.289  18.531  1.00 64.01 ? 113  GLU A CD  1 
ATOM 787  O OE1 . GLU A 1 114 ? 0.427   20.909  17.462  1.00 64.01 ? 113  GLU A OE1 1 
ATOM 788  O OE2 . GLU A 1 114 ? -0.868  20.186  19.079  1.00 64.01 ? 113  GLU A OE2 1 
ATOM 789  N N   . GLN A 1 115 ? 3.654   16.291  16.902  1.00 58.40 ? 114  GLN A N   1 
ATOM 790  C CA  . GLN A 1 115 ? 3.842   14.947  16.368  1.00 58.40 ? 114  GLN A CA  1 
ATOM 791  C C   . GLN A 1 115 ? 5.024   14.243  17.023  1.00 58.40 ? 114  GLN A C   1 
ATOM 792  O O   . GLN A 1 115 ? 4.913   13.093  17.458  1.00 58.40 ? 114  GLN A O   1 
ATOM 793  C CB  . GLN A 1 115 ? 4.022   15.023  14.852  1.00 58.40 ? 114  GLN A CB  1 
ATOM 794  C CG  . GLN A 1 115 ? 2.771   15.474  14.112  1.00 58.40 ? 114  GLN A CG  1 
ATOM 795  C CD  . GLN A 1 115 ? 3.066   15.965  12.714  1.00 58.40 ? 114  GLN A CD  1 
ATOM 796  O OE1 . GLN A 1 115 ? 4.049   15.563  12.099  1.00 58.40 ? 114  GLN A OE1 1 
ATOM 797  N NE2 . GLN A 1 115 ? 2.215   16.843  12.207  1.00 58.40 ? 114  GLN A NE2 1 
ATOM 798  N N   . ILE A 1 116 ? 6.168   14.923  17.107  1.00 63.68 ? 115  ILE A N   1 
ATOM 799  C CA  . ILE A 1 116 ? 7.332   14.368  17.799  1.00 63.68 ? 115  ILE A CA  1 
ATOM 800  C C   . ILE A 1 116 ? 7.062   14.185  19.292  1.00 63.68 ? 115  ILE A C   1 
ATOM 801  O O   . ILE A 1 116 ? 7.511   13.205  19.898  1.00 63.68 ? 115  ILE A O   1 
ATOM 802  C CB  . ILE A 1 116 ? 8.563   15.254  17.526  1.00 63.68 ? 115  ILE A CB  1 
ATOM 803  C CG1 . ILE A 1 116 ? 8.922   15.127  16.042  1.00 63.68 ? 115  ILE A CG1 1 
ATOM 804  C CG2 . ILE A 1 116 ? 9.737   14.867  18.421  1.00 63.68 ? 115  ILE A CG2 1 
ATOM 805  C CD1 . ILE A 1 116 ? 10.180  15.831  15.605  1.00 63.68 ? 115  ILE A CD1 1 
ATOM 806  N N   . GLY A 1 117 ? 6.338   15.116  19.910  1.00 66.53 ? 116  GLY A N   1 
ATOM 807  C CA  . GLY A 1 117 ? 5.951   14.946  21.303  1.00 66.53 ? 116  GLY A CA  1 
ATOM 808  C C   . GLY A 1 117 ? 5.172   13.668  21.565  1.00 66.53 ? 116  GLY A C   1 
ATOM 809  O O   . GLY A 1 117 ? 5.427   12.967  22.547  1.00 66.53 ? 116  GLY A O   1 
ATOM 810  N N   . TRP A 1 118 ? 4.211   13.353  20.697  1.00 63.32 ? 117  TRP A N   1 
ATOM 811  C CA  . TRP A 1 118 ? 3.463   12.100  20.817  1.00 63.32 ? 117  TRP A CA  1 
ATOM 812  C C   . TRP A 1 118 ? 4.327   10.886  20.494  1.00 63.32 ? 117  TRP A C   1 
ATOM 813  O O   . TRP A 1 118 ? 4.337   9.904   21.244  1.00 63.32 ? 117  TRP A O   1 
ATOM 814  C CB  . TRP A 1 118 ? 2.243   12.122  19.893  1.00 63.32 ? 117  TRP A CB  1 
ATOM 815  C CG  . TRP A 1 118 ? 1.179   13.088  20.296  1.00 63.32 ? 117  TRP A CG  1 
ATOM 816  C CD1 . TRP A 1 118 ? 0.656   13.257  21.540  1.00 63.32 ? 117  TRP A CD1 1 
ATOM 817  C CD2 . TRP A 1 118 ? 0.500   14.020  19.443  1.00 63.32 ? 117  TRP A CD2 1 
ATOM 818  N NE1 . TRP A 1 118 ? -0.299  14.245  21.523  1.00 63.32 ? 117  TRP A NE1 1 
ATOM 819  C CE2 . TRP A 1 118 ? -0.420  14.722  20.244  1.00 63.32 ? 117  TRP A CE2 1 
ATOM 820  C CE3 . TRP A 1 118 ? 0.594   14.339  18.086  1.00 63.32 ? 117  TRP A CE3 1 
ATOM 821  C CZ2 . TRP A 1 118 ? -1.249  15.715  19.729  1.00 63.32 ? 117  TRP A CZ2 1 
ATOM 822  C CZ3 . TRP A 1 118 ? -0.238  15.314  17.576  1.00 63.32 ? 117  TRP A CZ3 1 
ATOM 823  C CH2 . TRP A 1 118 ? -1.142  15.996  18.396  1.00 63.32 ? 117  TRP A CH2 1 
ATOM 824  N N   . MET A 1 119 ? 5.056   10.928  19.382  1.00 60.98 ? 118  MET A N   1 
ATOM 825  C CA  . MET A 1 119 ? 5.834   9.774   18.949  1.00 60.98 ? 118  MET A CA  1 
ATOM 826  C C   . MET A 1 119 ? 6.969   9.417   19.905  1.00 60.98 ? 118  MET A C   1 
ATOM 827  O O   . MET A 1 119 ? 7.460   8.285   19.858  1.00 60.98 ? 118  MET A O   1 
ATOM 828  C CB  . MET A 1 119 ? 6.383   10.040  17.548  1.00 60.98 ? 118  MET A CB  1 
ATOM 829  C CG  . MET A 1 119 ? 5.296   10.012  16.485  1.00 60.98 ? 118  MET A CG  1 
ATOM 830  S SD  . MET A 1 119 ? 5.841   10.508  14.843  1.00 60.98 ? 118  MET A SD  1 
ATOM 831  C CE  . MET A 1 119 ? 6.921   9.155   14.400  1.00 60.98 ? 118  MET A CE  1 
ATOM 832  N N   . THR A 1 120 ? 7.395   10.344  20.764  1.00 66.89 ? 119  THR A N   1 
ATOM 833  C CA  . THR A 1 120 ? 8.435   10.090  21.760  1.00 66.89 ? 119  THR A CA  1 
ATOM 834  C C   . THR A 1 120 ? 7.914   10.138  23.195  1.00 66.89 ? 119  THR A C   1 
ATOM 835  O O   . THR A 1 120 ? 8.717   10.154  24.132  1.00 66.89 ? 119  THR A O   1 
ATOM 836  C CB  . THR A 1 120 ? 9.594   11.076  21.585  1.00 66.89 ? 119  THR A CB  1 
ATOM 837  O OG1 . THR A 1 120 ? 9.148   12.406  21.874  1.00 66.89 ? 119  THR A OG1 1 
ATOM 838  C CG2 . THR A 1 120 ? 10.156  11.015  20.169  1.00 66.89 ? 119  THR A CG2 1 
ATOM 839  N N   . HIS A 1 121 ? 6.598   10.162  23.390  1.00 70.83 ? 120  HIS A N   1 
ATOM 840  C CA  . HIS A 1 121 ? 6.009   10.096  24.722  1.00 70.83 ? 120  HIS A CA  1 
ATOM 841  C C   . HIS A 1 121 ? 6.314   8.745   25.378  1.00 70.83 ? 120  HIS A C   1 
ATOM 842  O O   . HIS A 1 121 ? 6.889   7.841   24.767  1.00 70.83 ? 120  HIS A O   1 
ATOM 843  C CB  . HIS A 1 121 ? 4.502   10.342  24.620  1.00 70.83 ? 120  HIS A CB  1 
ATOM 844  C CG  . HIS A 1 121 ? 3.817   10.564  25.933  1.00 70.83 ? 120  HIS A CG  1 
ATOM 845  N ND1 . HIS A 1 121 ? 4.259   11.474  26.871  1.00 70.83 ? 120  HIS A ND1 1 
ATOM 846  C CD2 . HIS A 1 121 ? 2.705   9.995   26.457  1.00 70.83 ? 120  HIS A CD2 1 
ATOM 847  C CE1 . HIS A 1 121 ? 3.453   11.447  27.919  1.00 70.83 ? 120  HIS A CE1 1 
ATOM 848  N NE2 . HIS A 1 121 ? 2.501   10.560  27.691  1.00 70.83 ? 120  HIS A NE2 1 
ATOM 849  N N   . ASN A 1 122 ? 5.928   8.617   26.648  1.00 72.75 ? 121  ASN A N   1 
ATOM 850  C CA  . ASN A 1 122 ? 6.132   7.393   27.424  1.00 72.75 ? 121  ASN A CA  1 
ATOM 851  C C   . ASN A 1 122 ? 4.846   6.967   28.128  1.00 72.75 ? 121  ASN A C   1 
ATOM 852  O O   . ASN A 1 122 ? 4.484   7.549   29.166  1.00 72.75 ? 121  ASN A O   1 
ATOM 853  C CB  . ASN A 1 122 ? 7.248   7.590   28.443  1.00 72.75 ? 121  ASN A CB  1 
ATOM 854  N N   . PRO A 1 123 ? 4.128   5.956   27.605  1.00 71.79 ? 122  PRO A N   1 
ATOM 855  C CA  . PRO A 1 123 ? 4.353   5.255   26.332  1.00 71.79 ? 122  PRO A CA  1 
ATOM 856  C C   . PRO A 1 123 ? 4.133   6.167   25.131  1.00 71.79 ? 122  PRO A C   1 
ATOM 857  O O   . PRO A 1 123 ? 3.373   7.128   25.211  1.00 71.79 ? 122  PRO A O   1 
ATOM 858  C CB  . PRO A 1 123 ? 3.328   4.102   26.374  1.00 71.79 ? 122  PRO A CB  1 
ATOM 859  C CG  . PRO A 1 123 ? 2.950   3.960   27.825  1.00 71.79 ? 122  PRO A CG  1 
ATOM 860  C CD  . PRO A 1 123 ? 3.002   5.365   28.346  1.00 71.79 ? 122  PRO A CD  1 
ATOM 861  N N   . PRO A 1 124 ? 4.777   5.884   24.002  1.00 68.73 ? 123  PRO A N   1 
ATOM 862  C CA  . PRO A 1 124 ? 4.550   6.696   22.803  1.00 68.73 ? 123  PRO A CA  1 
ATOM 863  C C   . PRO A 1 124 ? 3.132   6.532   22.278  1.00 68.73 ? 123  PRO A C   1 
ATOM 864  O O   . PRO A 1 124 ? 2.547   5.449   22.348  1.00 68.73 ? 123  PRO A O   1 
ATOM 865  C CB  . PRO A 1 124 ? 5.584   6.157   21.808  1.00 68.73 ? 123  PRO A CB  1 
ATOM 866  C CG  . PRO A 1 124 ? 5.797   4.747   22.230  1.00 68.73 ? 123  PRO A CG  1 
ATOM 867  C CD  . PRO A 1 124 ? 5.701   4.770   23.737  1.00 68.73 ? 123  PRO A CD  1 
ATOM 868  N N   . ILE A 1 125 ? 2.582   7.619   21.746  1.00 62.41 ? 124  ILE A N   1 
ATOM 869  C CA  . ILE A 1 125 ? 1.393   7.556   20.900  1.00 62.41 ? 124  ILE A CA  1 
ATOM 870  C C   . ILE A 1 125 ? 1.870   7.649   19.451  1.00 62.41 ? 124  ILE A C   1 
ATOM 871  O O   . ILE A 1 125 ? 2.252   8.744   19.008  1.00 62.41 ? 124  ILE A O   1 
ATOM 872  C CB  . ILE A 1 125 ? 0.393   8.671   21.237  1.00 62.41 ? 124  ILE A CB  1 
ATOM 873  C CG1 . ILE A 1 125 ? -0.037  8.575   22.706  1.00 62.41 ? 124  ILE A CG1 1 
ATOM 874  C CG2 . ILE A 1 125 ? -0.828  8.588   20.324  1.00 62.41 ? 124  ILE A CG2 1 
ATOM 875  C CD1 . ILE A 1 125 ? -0.879  9.749   23.195  1.00 62.41 ? 124  ILE A CD1 1 
ATOM 876  N N   . PRO A 1 126 ? 1.882   6.545   18.692  1.00 56.05 ? 125  PRO A N   1 
ATOM 877  C CA  . PRO A 1 126 ? 2.680   6.480   17.454  1.00 56.05 ? 125  PRO A CA  1 
ATOM 878  C C   . PRO A 1 126 ? 1.935   7.046   16.245  1.00 56.05 ? 125  PRO A C   1 
ATOM 879  O O   . PRO A 1 126 ? 1.614   6.333   15.293  1.00 56.05 ? 125  PRO A O   1 
ATOM 880  C CB  . PRO A 1 126 ? 2.956   4.977   17.330  1.00 56.05 ? 125  PRO A CB  1 
ATOM 881  C CG  . PRO A 1 126 ? 1.715   4.358   17.853  1.00 56.05 ? 125  PRO A CG  1 
ATOM 882  C CD  . PRO A 1 126 ? 1.301   5.232   19.018  1.00 56.05 ? 125  PRO A CD  1 
ATOM 883  N N   . VAL A 1 127 ? 1.649   8.351   16.287  1.00 53.55 ? 126  VAL A N   1 
ATOM 884  C CA  . VAL A 1 127 ? 0.761   8.959   15.297  1.00 53.55 ? 126  VAL A CA  1 
ATOM 885  C C   . VAL A 1 127 ? 1.281   8.779   13.875  1.00 53.55 ? 126  VAL A C   1 
ATOM 886  O O   . VAL A 1 127 ? 0.491   8.695   12.927  1.00 53.55 ? 126  VAL A O   1 
ATOM 887  C CB  . VAL A 1 127 ? 0.519   10.449  15.629  1.00 53.55 ? 126  VAL A CB  1 
ATOM 888  C CG1 . VAL A 1 127 ? -0.135  10.587  16.987  1.00 53.55 ? 126  VAL A CG1 1 
ATOM 889  C CG2 . VAL A 1 127 ? 1.814   11.258  15.593  1.00 53.55 ? 126  VAL A CG2 1 
ATOM 890  N N   . GLY A 1 128 ? 2.596   8.667   13.700  1.00 49.48 ? 127  GLY A N   1 
ATOM 891  C CA  . GLY A 1 128 ? 3.130   8.352   12.384  1.00 49.48 ? 127  GLY A CA  1 
ATOM 892  C C   . GLY A 1 128 ? 2.730   6.978   11.881  1.00 49.48 ? 127  GLY A C   1 
ATOM 893  O O   . GLY A 1 128 ? 2.340   6.827   10.723  1.00 49.48 ? 127  GLY A O   1 
ATOM 894  N N   . GLU A 1 129 ? 2.778   5.968   12.748  1.00 50.78 ? 128  GLU A N   1 
ATOM 895  C CA  . GLU A 1 129 ? 2.359   4.624   12.350  1.00 50.78 ? 128  GLU A CA  1 
ATOM 896  C C   . GLU A 1 129 ? 0.846   4.520   12.176  1.00 50.78 ? 128  GLU A C   1 
ATOM 897  O O   . GLU A 1 129 ? 0.372   3.846   11.257  1.00 50.78 ? 128  GLU A O   1 
ATOM 898  C CB  . GLU A 1 129 ? 2.859   3.603   13.372  1.00 50.78 ? 128  GLU A CB  1 
ATOM 899  C CG  . GLU A 1 129 ? 4.378   3.504   13.460  1.00 50.78 ? 128  GLU A CG  1 
ATOM 900  C CD  . GLU A 1 129 ? 5.024   3.148   12.131  1.00 50.78 ? 128  GLU A CD  1 
ATOM 901  O OE1 . GLU A 1 129 ? 4.484   2.277   11.416  1.00 50.78 ? 128  GLU A OE1 1 
ATOM 902  O OE2 . GLU A 1 129 ? 6.074   3.737   11.797  1.00 50.78 ? 128  GLU A OE2 1 
ATOM 903  N N   . ILE A 1 130 ? 0.071   5.177   13.036  1.00 49.41 ? 129  ILE A N   1 
ATOM 904  C CA  . ILE A 1 130 ? -1.385  5.193   12.876  1.00 49.41 ? 129  ILE A CA  1 
ATOM 905  C C   . ILE A 1 130 ? -1.772  5.829   11.538  1.00 49.41 ? 129  ILE A C   1 
ATOM 906  O O   . ILE A 1 130 ? -2.563  5.275   10.754  1.00 49.41 ? 129  ILE A O   1 
ATOM 907  C CB  . ILE A 1 130 ? -2.034  5.937   14.061  1.00 49.41 ? 129  ILE A CB  1 
ATOM 908  C CG1 . ILE A 1 130 ? -1.664  5.281   15.398  1.00 49.41 ? 129  ILE A CG1 1 
ATOM 909  C CG2 . ILE A 1 130 ? -3.542  5.951   13.924  1.00 49.41 ? 129  ILE A CG2 1 
ATOM 910  C CD1 . ILE A 1 130 ? -1.885  6.181   16.608  1.00 49.41 ? 129  ILE A CD1 1 
ATOM 911  N N   . TYR A 1 131 ? -1.175  6.978   11.232  1.00 45.65 ? 130  TYR A N   1 
ATOM 912  C CA  . TYR A 1 131 ? -1.462  7.643   9.968   1.00 45.65 ? 130  TYR A CA  1 
ATOM 913  C C   . TYR A 1 131 ? -0.981  6.823   8.778   1.00 45.65 ? 130  TYR A C   1 
ATOM 914  O O   . TYR A 1 131 ? -1.659  6.764   7.749   1.00 45.65 ? 130  TYR A O   1 
ATOM 915  C CB  . TYR A 1 131 ? -0.802  9.020   9.966   1.00 45.65 ? 130  TYR A CB  1 
ATOM 916  C CG  . TYR A 1 131 ? -1.115  9.884   8.768   1.00 45.65 ? 130  TYR A CG  1 
ATOM 917  C CD1 . TYR A 1 131 ? -2.341  9.810   8.123   1.00 45.65 ? 130  TYR A CD1 1 
ATOM 918  C CD2 . TYR A 1 131 ? -0.183  10.791  8.295   1.00 45.65 ? 130  TYR A CD2 1 
ATOM 919  C CE1 . TYR A 1 131 ? -2.615  10.604  7.033   1.00 45.65 ? 130  TYR A CE1 1 
ATOM 920  C CE2 . TYR A 1 131 ? -0.448  11.581  7.205   1.00 45.65 ? 130  TYR A CE2 1 
ATOM 921  C CZ  . TYR A 1 131 ? -1.660  11.482  6.575   1.00 45.65 ? 130  TYR A CZ  1 
ATOM 922  O OH  . TYR A 1 131 ? -1.926  12.288  5.496   1.00 45.65 ? 130  TYR A OH  1 
ATOM 923  N N   . LYS A 1 132 ? 0.205   6.228   8.877   1.00 45.78 ? 131  LYS A N   1 
ATOM 924  C CA  . LYS A 1 132 ? 0.700   5.347   7.828   1.00 45.78 ? 131  LYS A CA  1 
ATOM 925  C C   . LYS A 1 132 ? -0.213  4.149   7.586   1.00 45.78 ? 131  LYS A C   1 
ATOM 926  O O   . LYS A 1 132 ? -0.359  3.708   6.442   1.00 45.78 ? 131  LYS A O   1 
ATOM 927  C CB  . LYS A 1 132 ? 2.110   4.901   8.206   1.00 45.78 ? 131  LYS A CB  1 
ATOM 928  C CG  . LYS A 1 132 ? 2.841   4.060   7.196   1.00 45.78 ? 131  LYS A CG  1 
ATOM 929  C CD  . LYS A 1 132 ? 4.242   3.792   7.709   1.00 45.78 ? 131  LYS A CD  1 
ATOM 930  C CE  . LYS A 1 132 ? 5.004   2.843   6.821   1.00 45.78 ? 131  LYS A CE  1 
ATOM 931  N NZ  . LYS A 1 132 ? 6.392   2.630   7.324   1.00 45.78 ? 131  LYS A NZ  1 
ATOM 932  N N   . ARG A 1 133 ? -0.850  3.617   8.633   1.00 46.66 ? 132  ARG A N   1 
ATOM 933  C CA  . ARG A 1 133 ? -1.896  2.616   8.428   1.00 46.66 ? 132  ARG A CA  1 
ATOM 934  C C   . ARG A 1 133 ? -3.060  3.166   7.618   1.00 46.66 ? 132  ARG A C   1 
ATOM 935  O O   . ARG A 1 133 ? -3.561  2.491   6.716   1.00 46.66 ? 132  ARG A O   1 
ATOM 936  C CB  . ARG A 1 133 ? -2.400  2.052   9.757   1.00 46.66 ? 132  ARG A CB  1 
ATOM 937  C CG  . ARG A 1 133 ? -1.409  1.116   10.429  1.00 46.66 ? 132  ARG A CG  1 
ATOM 938  C CD  . ARG A 1 133 ? -2.052  0.289   11.536  1.00 46.66 ? 132  ARG A CD  1 
ATOM 939  N NE  . ARG A 1 133 ? -2.528  1.082   12.663  1.00 46.66 ? 132  ARG A NE  1 
ATOM 940  C CZ  . ARG A 1 133 ? -1.832  1.317   13.767  1.00 46.66 ? 132  ARG A CZ  1 
ATOM 941  N NH1 . ARG A 1 133 ? -0.546  1.016   13.856  1.00 46.66 ? 132  ARG A NH1 1 
ATOM 942  N NH2 . ARG A 1 133 ? -2.442  1.873   14.810  1.00 46.66 ? 132  ARG A NH2 1 
ATOM 943  N N   . TRP A 1 134 ? -3.510  4.385   7.919   1.00 46.26 ? 133  TRP A N   1 
ATOM 944  C CA  . TRP A 1 134 ? -4.611  4.952   7.131   1.00 46.26 ? 133  TRP A CA  1 
ATOM 945  C C   . TRP A 1 134 ? -4.215  5.210   5.676   1.00 46.26 ? 133  TRP A C   1 
ATOM 946  O O   . TRP A 1 134 ? -5.007  4.971   4.752   1.00 46.26 ? 133  TRP A O   1 
ATOM 947  C CB  . TRP A 1 134 ? -5.094  6.259   7.755   1.00 46.26 ? 133  TRP A CB  1 
ATOM 948  C CG  . TRP A 1 134 ? -5.491  6.168   9.190   1.00 46.26 ? 133  TRP A CG  1 
ATOM 949  C CD1 . TRP A 1 134 ? -5.703  5.037   9.913   1.00 46.26 ? 133  TRP A CD1 1 
ATOM 950  C CD2 . TRP A 1 134 ? -5.732  7.265   10.075  1.00 46.26 ? 133  TRP A CD2 1 
ATOM 951  N NE1 . TRP A 1 134 ? -6.062  5.360   11.198  1.00 46.26 ? 133  TRP A NE1 1 
ATOM 952  C CE2 . TRP A 1 134 ? -6.088  6.723   11.322  1.00 46.26 ? 133  TRP A CE2 1 
ATOM 953  C CE3 . TRP A 1 134 ? -5.674  8.655   9.936   1.00 46.26 ? 133  TRP A CE3 1 
ATOM 954  C CZ2 . TRP A 1 134 ? -6.390  7.520   12.423  1.00 46.26 ? 133  TRP A CZ2 1 
ATOM 955  C CZ3 . TRP A 1 134 ? -5.982  9.442   11.024  1.00 46.26 ? 133  TRP A CZ3 1 
ATOM 956  C CH2 . TRP A 1 134 ? -6.326  8.874   12.255  1.00 46.26 ? 133  TRP A CH2 1 
ATOM 957  N N   . ILE A 1 135 ? -2.970  5.614   5.444   1.00 42.41 ? 134  ILE A N   1 
ATOM 958  C CA  . ILE A 1 135 ? -2.478  5.793   4.078   1.00 42.41 ? 134  ILE A CA  1 
ATOM 959  C C   . ILE A 1 135 ? -2.426  4.464   3.337   1.00 42.41 ? 134  ILE A C   1 
ATOM 960  O O   . ILE A 1 135 ? -2.893  4.361   2.201   1.00 42.41 ? 134  ILE A O   1 
ATOM 961  C CB  . ILE A 1 135 ? -1.103  6.482   4.085   1.00 42.41 ? 134  ILE A CB  1 
ATOM 962  C CG1 . ILE A 1 135 ? -1.216  7.888   4.677   1.00 42.41 ? 134  ILE A CG1 1 
ATOM 963  C CG2 . ILE A 1 135 ? -0.535  6.542   2.669   1.00 42.41 ? 134  ILE A CG2 1 
ATOM 964  C CD1 . ILE A 1 135 ? 0.115   8.517   5.012   1.00 42.41 ? 134  ILE A CD1 1 
ATOM 965  N N   . ILE A 1 136 ? -1.786  3.459   3.926   1.00 42.33 ? 135  ILE A N   1 
ATOM 966  C CA  . ILE A 1 136 ? -1.698  2.144   3.296   1.00 42.33 ? 135  ILE A CA  1 
ATOM 967  C C   . ILE A 1 136 ? -3.084  1.563   3.043   1.00 42.33 ? 135  ILE A C   1 
ATOM 968  O O   . ILE A 1 136 ? -3.323  0.916   2.021   1.00 42.33 ? 135  ILE A O   1 
ATOM 969  C CB  . ILE A 1 136 ? -0.826  1.215   4.160   1.00 42.33 ? 135  ILE A CB  1 
ATOM 970  C CG1 . ILE A 1 136 ? 0.642   1.615   4.006   1.00 42.33 ? 135  ILE A CG1 1 
ATOM 971  C CG2 . ILE A 1 136 ? -1.037  -0.248  3.790   1.00 42.33 ? 135  ILE A CG2 1 
ATOM 972  C CD1 . ILE A 1 136 ? 1.568   0.981   5.009   1.00 42.33 ? 135  ILE A CD1 1 
ATOM 973  N N   . LEU A 1 137 ? -4.008  1.757   3.979   1.00 42.13 ? 136  LEU A N   1 
ATOM 974  C CA  . LEU A 1 137 ? -5.391  1.333   3.795   1.00 42.13 ? 136  LEU A CA  1 
ATOM 975  C C   . LEU A 1 137 ? -6.091  2.049   2.639   1.00 42.13 ? 136  LEU A C   1 
ATOM 976  O O   . LEU A 1 137 ? -6.980  1.469   2.008   1.00 42.13 ? 136  LEU A O   1 
ATOM 977  C CB  . LEU A 1 137 ? -6.130  1.533   5.117   1.00 42.13 ? 136  LEU A CB  1 
ATOM 978  C CG  . LEU A 1 137 ? -7.598  1.151   5.239   1.00 42.13 ? 136  LEU A CG  1 
ATOM 979  C CD1 . LEU A 1 137 ? -7.820  -0.308  4.888   1.00 42.13 ? 136  LEU A CD1 1 
ATOM 980  C CD2 . LEU A 1 137 ? -8.031  1.410   6.668   1.00 42.13 ? 136  LEU A CD2 1 
ATOM 981  N N   . GLY A 1 138 ? -5.727  3.294   2.346   1.00 42.39 ? 137  GLY A N   1 
ATOM 982  C CA  . GLY A 1 138 ? -6.231  3.948   1.139   1.00 42.39 ? 137  GLY A CA  1 
ATOM 983  C C   . GLY A 1 138 ? -5.552  3.543   -0.162  1.00 42.39 ? 137  GLY A C   1 
ATOM 984  O O   . GLY A 1 138 ? -6.186  3.405   -1.222  1.00 42.39 ? 137  GLY A O   1 
ATOM 985  N N   . LEU A 1 139 ? -4.247  3.301   -0.076  1.00 41.11 ? 138  LEU A N   1 
ATOM 986  C CA  . LEU A 1 139 ? -3.517  2.748   -1.210  1.00 41.11 ? 138  LEU A CA  1 
ATOM 987  C C   . LEU A 1 139 ? -4.001  1.351   -1.572  1.00 41.11 ? 138  LEU A C   1 
ATOM 988  O O   . LEU A 1 139 ? -3.943  0.971   -2.739  1.00 41.11 ? 138  LEU A O   1 
ATOM 989  C CB  . LEU A 1 139 ? -2.015  2.730   -0.919  1.00 41.11 ? 138  LEU A CB  1 
ATOM 990  C CG  . LEU A 1 139 ? -1.309  4.075   -0.736  1.00 41.11 ? 138  LEU A CG  1 
ATOM 991  C CD1 . LEU A 1 139 ? 0.142   3.859   -0.345  1.00 41.11 ? 138  LEU A CD1 1 
ATOM 992  C CD2 . LEU A 1 139 ? -1.384  4.906   -2.005  1.00 41.11 ? 138  LEU A CD2 1 
ATOM 993  N N   . ASN A 1 140 ? -4.418  0.551   -0.593  1.00 39.67 ? 139  ASN A N   1 
ATOM 994  C CA  . ASN A 1 140 ? -5.021  -0.744  -0.900  1.00 39.67 ? 139  ASN A CA  1 
ATOM 995  C C   . ASN A 1 140 ? -6.205  -0.596  -1.850  1.00 39.67 ? 139  ASN A C   1 
ATOM 996  O O   . ASN A 1 140 ? -6.302  -1.304  -2.858  1.00 39.67 ? 139  ASN A O   1 
ATOM 997  C CB  . ASN A 1 140 ? -5.479  -1.431  0.389   1.00 39.67 ? 139  ASN A CB  1 
ATOM 998  C CG  . ASN A 1 140 ? -4.332  -1.964  1.215   1.00 39.67 ? 139  ASN A CG  1 
ATOM 999  O OD1 . ASN A 1 140 ? -3.206  -2.076  0.740   1.00 39.67 ? 139  ASN A OD1 1 
ATOM 1000 N ND2 . ASN A 1 140 ? -4.622  -2.323  2.459   1.00 39.67 ? 139  ASN A ND2 1 
ATOM 1001 N N   . LYS A 1 141 ? -7.118  0.329   -1.540  1.00 40.38 ? 140  LYS A N   1 
ATOM 1002 C CA  . LYS A 1 141 ? -8.265  0.583   -2.406  1.00 40.38 ? 140  LYS A CA  1 
ATOM 1003 C C   . LYS A 1 141 ? -7.835  1.057   -3.785  1.00 40.38 ? 140  LYS A C   1 
ATOM 1004 O O   . LYS A 1 141 ? -8.403  0.642   -4.804  1.00 40.38 ? 140  LYS A O   1 
ATOM 1005 C CB  . LYS A 1 141 ? -9.173  1.638   -1.782  1.00 40.38 ? 140  LYS A CB  1 
ATOM 1006 C CG  . LYS A 1 141 ? -9.744  1.335   -0.416  1.00 40.38 ? 140  LYS A CG  1 
ATOM 1007 C CD  . LYS A 1 141 ? -10.806 2.378   -0.109  1.00 40.38 ? 140  LYS A CD  1 
ATOM 1008 C CE  . LYS A 1 141 ? -11.293 2.344   1.322   1.00 40.38 ? 140  LYS A CE  1 
ATOM 1009 N NZ  . LYS A 1 141 ? -12.458 3.266   1.495   1.00 40.38 ? 140  LYS A NZ  1 
ATOM 1010 N N   . ILE A 1 142 ? -6.812  1.906   -3.841  1.00 41.34 ? 141  ILE A N   1 
ATOM 1011 C CA  . ILE A 1 142 ? -6.348  2.411   -5.132  1.00 41.34 ? 141  ILE A CA  1 
ATOM 1012 C C   . ILE A 1 142 ? -5.713  1.300   -5.966  1.00 41.34 ? 141  ILE A C   1 
ATOM 1013 O O   . ILE A 1 142 ? -5.975  1.186   -7.164  1.00 41.34 ? 141  ILE A O   1 
ATOM 1014 C CB  . ILE A 1 142 ? -5.386  3.595   -4.925  1.00 41.34 ? 141  ILE A CB  1 
ATOM 1015 C CG1 . ILE A 1 142 ? -6.148  4.784   -4.345  1.00 41.34 ? 141  ILE A CG1 1 
ATOM 1016 C CG2 . ILE A 1 142 ? -4.724  4.004   -6.231  1.00 41.34 ? 141  ILE A CG2 1 
ATOM 1017 C CD1 . ILE A 1 142 ? -5.272  5.779   -3.646  1.00 41.34 ? 141  ILE A CD1 1 
ATOM 1018 N N   . VAL A 1 143 ? -4.839  0.497   -5.366  1.00 42.64 ? 142  VAL A N   1 
ATOM 1019 C CA  . VAL A 1 143 ? -4.246  -0.648  -6.060  1.00 42.64 ? 142  VAL A CA  1 
ATOM 1020 C C   . VAL A 1 143 ? -5.310  -1.627  -6.550  1.00 42.64 ? 142  VAL A C   1 
ATOM 1021 O O   . VAL A 1 143 ? -5.224  -2.137  -7.672  1.00 42.64 ? 142  VAL A O   1 
ATOM 1022 C CB  . VAL A 1 143 ? -3.220  -1.335  -5.136  1.00 42.64 ? 142  VAL A CB  1 
ATOM 1023 C CG1 . VAL A 1 143 ? -2.797  -2.694  -5.669  1.00 42.64 ? 142  VAL A CG1 1 
ATOM 1024 C CG2 . VAL A 1 143 ? -1.996  -0.456  -4.980  1.00 42.64 ? 142  VAL A CG2 1 
ATOM 1025 N N   . ARG A 1 144 ? -6.323  -1.914  -5.730  1.00 44.56 ? 143  ARG A N   1 
ATOM 1026 C CA  . ARG A 1 144 ? -7.419  -2.764  -6.196  1.00 44.56 ? 143  ARG A CA  1 
ATOM 1027 C C   . ARG A 1 144 ? -8.155  -2.155  -7.389  1.00 44.56 ? 143  ARG A C   1 
ATOM 1028 O O   . ARG A 1 144 ? -8.494  -2.866  -8.341  1.00 44.56 ? 143  ARG A O   1 
ATOM 1029 C CB  . ARG A 1 144 ? -8.383  -3.066  -5.048  1.00 44.56 ? 143  ARG A CB  1 
ATOM 1030 C CG  . ARG A 1 144 ? -9.520  -4.002  -5.440  1.00 44.56 ? 143  ARG A CG  1 
ATOM 1031 C CD  . ARG A 1 144 ? -10.525 -4.230  -4.317  1.00 44.56 ? 143  ARG A CD  1 
ATOM 1032 N NE  . ARG A 1 144 ? -10.195 -5.386  -3.488  1.00 44.56 ? 143  ARG A NE  1 
ATOM 1033 C CZ  . ARG A 1 144 ? -10.941 -5.820  -2.481  1.00 44.56 ? 143  ARG A CZ  1 
ATOM 1034 N NH1 . ARG A 1 144 ? -12.040 -5.185  -2.111  1.00 44.56 ? 143  ARG A NH1 1 
ATOM 1035 N NH2 . ARG A 1 144 ? -10.572 -6.917  -1.824  1.00 44.56 ? 143  ARG A NH2 1 
ATOM 1036 N N   . MET A 1 145 ? -8.420  -0.846  -7.357  1.00 45.42 ? 144  MET A N   1 
ATOM 1037 C CA  . MET A 1 145 ? -9.123  -0.197  -8.466  1.00 45.42 ? 144  MET A CA  1 
ATOM 1038 C C   . MET A 1 145 ? -8.282  -0.104  -9.737  1.00 45.42 ? 144  MET A C   1 
ATOM 1039 O O   . MET A 1 145 ? -8.803  -0.286  -10.842 1.00 45.42 ? 144  MET A O   1 
ATOM 1040 C CB  . MET A 1 145 ? -9.575  1.197   -8.036  1.00 45.42 ? 144  MET A CB  1 
ATOM 1041 C CG  . MET A 1 145 ? -10.397 1.918   -9.091  1.00 45.42 ? 144  MET A CG  1 
ATOM 1042 S SD  . MET A 1 145 ? -11.017 3.523   -8.567  1.00 45.42 ? 144  MET A SD  1 
ATOM 1043 C CE  . MET A 1 145 ? -12.174 3.040   -7.290  1.00 45.42 ? 144  MET A CE  1 
ATOM 1044 N N   . TYR A 1 146 ? -6.994  0.191   -9.614  1.00 45.88 ? 145  TYR A N   1 
ATOM 1045 C CA  . TYR A 1 146 ? -6.086  0.289   -10.751 1.00 45.88 ? 145  TYR A CA  1 
ATOM 1046 C C   . TYR A 1 146 ? -5.668  -1.060  -11.328 1.00 45.88 ? 145  TYR A C   1 
ATOM 1047 O O   . TYR A 1 146 ? -4.964  -1.081  -12.341 1.00 45.88 ? 145  TYR A O   1 
ATOM 1048 C CB  . TYR A 1 146 ? -4.846  1.093   -10.346 1.00 45.88 ? 145  TYR A CB  1 
ATOM 1049 C CG  . TYR A 1 146 ? -5.009  2.590   -10.513 1.00 45.88 ? 145  TYR A CG  1 
ATOM 1050 C CD1 . TYR A 1 146 ? -5.993  3.289   -9.824  1.00 45.88 ? 145  TYR A CD1 1 
ATOM 1051 C CD2 . TYR A 1 146 ? -4.167  3.305   -11.352 1.00 45.88 ? 145  TYR A CD2 1 
ATOM 1052 C CE1 . TYR A 1 146 ? -6.136  4.656   -9.976  1.00 45.88 ? 145  TYR A CE1 1 
ATOM 1053 C CE2 . TYR A 1 146 ? -4.305  4.668   -11.513 1.00 45.88 ? 145  TYR A CE2 1 
ATOM 1054 C CZ  . TYR A 1 146 ? -5.288  5.340   -10.820 1.00 45.88 ? 145  TYR A CZ  1 
ATOM 1055 O OH  . TYR A 1 146 ? -5.422  6.701   -10.981 1.00 45.88 ? 145  TYR A OH  1 
ATOM 1056 N N   . SER A 1 147 ? -6.065  -2.168  -10.721 1.00 50.00 ? 146  SER A N   1 
ATOM 1057 C CA  . SER A 1 147 ? -5.843  -3.484  -11.313 1.00 50.00 ? 146  SER A CA  1 
ATOM 1058 C C   . SER A 1 147 ? -6.508  -3.597  -12.684 1.00 50.00 ? 146  SER A C   1 
ATOM 1059 O O   . SER A 1 147 ? -7.737  -3.456  -12.778 1.00 50.00 ? 146  SER A O   1 
ATOM 1060 C CB  . SER A 1 147 ? -6.391  -4.565  -10.386 1.00 50.00 ? 146  SER A CB  1 
ATOM 1061 O OG  . SER A 1 147 ? -6.102  -5.857  -10.891 1.00 50.00 ? 146  SER A OG  1 
ATOM 1062 N N   . PRO A 1 148 ? -5.751  -3.847  -13.760 1.00 52.96 ? 147  PRO A N   1 
ATOM 1063 C CA  . PRO A 1 148 ? -6.326  -3.755  -15.113 1.00 52.96 ? 147  PRO A CA  1 
ATOM 1064 C C   . PRO A 1 148 ? -7.267  -4.896  -15.482 1.00 52.96 ? 147  PRO A C   1 
ATOM 1065 O O   . PRO A 1 148 ? -8.000  -4.764  -16.470 1.00 52.96 ? 147  PRO A O   1 
ATOM 1066 C CB  . PRO A 1 148 ? -5.085  -3.748  -16.018 1.00 52.96 ? 147  PRO A CB  1 
ATOM 1067 C CG  . PRO A 1 148 ? -4.066  -4.492  -15.246 1.00 52.96 ? 147  PRO A CG  1 
ATOM 1068 C CD  . PRO A 1 148 ? -4.304  -4.112  -13.811 1.00 52.96 ? 147  PRO A CD  1 
ATOM 1069 N N   . THR A 1 149 ? -7.280  -5.997  -14.732 1.00 57.35 ? 148  THR A N   1 
ATOM 1070 C CA  . THR A 1 149 ? -8.009  -7.205  -15.107 1.00 57.35 ? 148  THR A CA  1 
ATOM 1071 C C   . THR A 1 149 ? -8.608  -7.847  -13.866 1.00 57.35 ? 148  THR A C   1 
ATOM 1072 O O   . THR A 1 149 ? -8.034  -7.776  -12.778 1.00 57.35 ? 148  THR A O   1 
ATOM 1073 C CB  . THR A 1 149 ? -7.096  -8.239  -15.777 1.00 57.35 ? 148  THR A CB  1 
ATOM 1074 O OG1 . THR A 1 149 ? -5.933  -8.431  -14.964 1.00 57.35 ? 148  THR A OG1 1 
ATOM 1075 C CG2 . THR A 1 149 ? -6.675  -7.800  -17.169 1.00 57.35 ? 148  THR A CG2 1 
ATOM 1076 N N   . SER A 1 150 ? -9.770  -8.475  -14.034 1.00 58.38 ? 149  SER A N   1 
ATOM 1077 C CA  . SER A 1 150 ? -10.229 -9.441  -13.048 1.00 58.38 ? 149  SER A CA  1 
ATOM 1078 C C   . SER A 1 150 ? -9.354  -10.688 -13.114 1.00 58.38 ? 149  SER A C   1 
ATOM 1079 O O   . SER A 1 150 ? -8.809  -11.033 -14.166 1.00 58.38 ? 149  SER A O   1 
ATOM 1080 C CB  . SER A 1 150 ? -11.697 -9.797  -13.292 1.00 58.38 ? 149  SER A CB  1 
ATOM 1081 O OG  . SER A 1 150 ? -12.160 -10.743 -12.346 1.00 58.38 ? 149  SER A OG  1 
ATOM 1082 N N   . ILE A 1 151 ? -9.212  -11.370 -11.975 1.00 55.25 ? 150  ILE A N   1 
ATOM 1083 C CA  . ILE A 1 151 ? -8.563  -12.679 -11.973 1.00 55.25 ? 150  ILE A CA  1 
ATOM 1084 C C   . ILE A 1 151 ? -9.282  -13.661 -12.893 1.00 55.25 ? 150  ILE A C   1 
ATOM 1085 O O   . ILE A 1 151 ? -8.659  -14.571 -13.452 1.00 55.25 ? 150  ILE A O   1 
ATOM 1086 C CB  . ILE A 1 151 ? -8.460  -13.207 -10.527 1.00 55.25 ? 150  ILE A CB  1 
ATOM 1087 C CG1 . ILE A 1 151 ? -7.485  -14.385 -10.440 1.00 55.25 ? 150  ILE A CG1 1 
ATOM 1088 C CG2 . ILE A 1 151 ? -9.831  -13.593 -9.988  1.00 55.25 ? 150  ILE A CG2 1 
ATOM 1089 C CD1 . ILE A 1 151 ? -6.047  -14.013 -10.748 1.00 55.25 ? 150  ILE A CD1 1 
ATOM 1090 N N   . LEU A 1 152 ? -10.594 -13.492 -13.073 1.00 58.72 ? 151  LEU A N   1 
ATOM 1091 C CA  . LEU A 1 152 ? -11.358 -14.311 -14.009 1.00 58.72 ? 151  LEU A CA  1 
ATOM 1092 C C   . LEU A 1 152 ? -10.979 -14.054 -15.463 1.00 58.72 ? 151  LEU A C   1 
ATOM 1093 O O   . LEU A 1 152 ? -11.212 -14.918 -16.314 1.00 58.72 ? 151  LEU A O   1 
ATOM 1094 C CB  . LEU A 1 152 ? -12.851 -14.053 -13.800 1.00 58.72 ? 151  LEU A CB  1 
ATOM 1095 C CG  . LEU A 1 152 ? -13.379 -14.298 -12.380 1.00 58.72 ? 151  LEU A CG  1 
ATOM 1096 C CD1 . LEU A 1 152 ? -14.834 -13.875 -12.263 1.00 58.72 ? 151  LEU A CD1 1 
ATOM 1097 C CD2 . LEU A 1 152 ? -13.245 -15.760 -11.987 1.00 58.72 ? 151  LEU A CD2 1 
ATOM 1098 N N   . ASP A 1 153 ? -10.400 -12.892 -15.765 1.00 61.94 ? 152  ASP A N   1 
ATOM 1099 C CA  . ASP A 1 153 ? -9.948  -12.563 -17.113 1.00 61.94 ? 152  ASP A CA  1 
ATOM 1100 C C   . ASP A 1 153 ? -8.560  -13.104 -17.438 1.00 61.94 ? 152  ASP A C   1 
ATOM 1101 O O   . ASP A 1 153 ? -8.186  -13.128 -18.615 1.00 61.94 ? 152  ASP A O   1 
ATOM 1102 C CB  . ASP A 1 153 ? -9.937  -11.044 -17.315 1.00 61.94 ? 152  ASP A CB  1 
ATOM 1103 C CG  . ASP A 1 153 ? -11.249 -10.384 -16.926 1.00 61.94 ? 152  ASP A CG  1 
ATOM 1104 O OD1 . ASP A 1 153 ? -12.312 -11.025 -17.067 1.00 61.94 ? 152  ASP A OD1 1 
ATOM 1105 O OD2 . ASP A 1 153 ? -11.217 -9.217  -16.481 1.00 61.94 ? 152  ASP A OD2 1 
ATOM 1106 N N   . ILE A 1 154 ? -7.785  -13.519 -16.439 1.00 57.48 ? 153  ILE A N   1 
ATOM 1107 C CA  . ILE A 1 154 ? -6.440  -14.050 -16.670 1.00 57.48 ? 153  ILE A CA  1 
ATOM 1108 C C   . ILE A 1 154 ? -6.564  -15.489 -17.165 1.00 57.48 ? 153  ILE A C   1 
ATOM 1109 O O   . ILE A 1 154 ? -6.870  -16.404 -16.403 1.00 57.48 ? 153  ILE A O   1 
ATOM 1110 C CB  . ILE A 1 154 ? -5.571  -13.965 -15.412 1.00 57.48 ? 153  ILE A CB  1 
ATOM 1111 C CG1 . ILE A 1 154 ? -5.440  -12.518 -14.922 1.00 57.48 ? 153  ILE A CG1 1 
ATOM 1112 C CG2 . ILE A 1 154 ? -4.199  -14.558 -15.685 1.00 57.48 ? 153  ILE A CG2 1 
ATOM 1113 C CD1 . ILE A 1 154 ? -4.795  -11.573 -15.922 1.00 57.48 ? 153  ILE A CD1 1 
ATOM 1114 N N   . ARG A 1 155 ? -6.340  -15.677 -18.466 1.00 62.58 ? 154  ARG A N   1 
ATOM 1115 C CA  . ARG A 1 155 ? -6.387  -16.973 -19.127 1.00 62.58 ? 154  ARG A CA  1 
ATOM 1116 C C   . ARG A 1 155 ? -5.104  -17.158 -19.929 1.00 62.58 ? 154  ARG A C   1 
ATOM 1117 O O   . ARG A 1 155 ? -4.530  -16.192 -20.437 1.00 62.58 ? 154  ARG A O   1 
ATOM 1118 C CB  . ARG A 1 155 ? -7.643  -17.086 -20.004 1.00 62.58 ? 154  ARG A CB  1 
ATOM 1119 C CG  . ARG A 1 155 ? -8.905  -16.963 -19.164 1.00 62.58 ? 154  ARG A CG  1 
ATOM 1120 C CD  . ARG A 1 155 ? -10.200 -16.868 -19.948 1.00 62.58 ? 154  ARG A CD  1 
ATOM 1121 N NE  . ARG A 1 155 ? -11.252 -16.375 -19.064 1.00 62.58 ? 154  ARG A NE  1 
ATOM 1122 C CZ  . ARG A 1 155 ? -12.531 -16.240 -19.390 1.00 62.58 ? 154  ARG A CZ  1 
ATOM 1123 N NH1 . ARG A 1 155 ? -12.988 -16.599 -20.578 1.00 62.58 ? 154  ARG A NH1 1 
ATOM 1124 N NH2 . ARG A 1 155 ? -13.379 -15.749 -18.489 1.00 62.58 ? 154  ARG A NH2 1 
ATOM 1125 N N   . GLN A 1 156 ? -4.646  -18.406 -20.019 1.00 65.00 ? 155  GLN A N   1 
ATOM 1126 C CA  . GLN A 1 156 ? -3.394  -18.719 -20.703 1.00 65.00 ? 155  GLN A CA  1 
ATOM 1127 C C   . GLN A 1 156 ? -3.579  -18.785 -22.217 1.00 65.00 ? 155  GLN A C   1 
ATOM 1128 O O   . GLN A 1 156 ? -4.524  -19.408 -22.710 1.00 65.00 ? 155  GLN A O   1 
ATOM 1129 C CB  . GLN A 1 156 ? -2.842  -20.042 -20.175 1.00 65.00 ? 155  GLN A CB  1 
ATOM 1130 C CG  . GLN A 1 156 ? -1.450  -20.391 -20.665 1.00 65.00 ? 155  GLN A CG  1 
ATOM 1131 C CD  . GLN A 1 156 ? -0.953  -21.684 -20.065 1.00 65.00 ? 155  GLN A CD  1 
ATOM 1132 O OE1 . GLN A 1 156 ? -1.694  -22.378 -19.373 1.00 65.00 ? 155  GLN A OE1 1 
ATOM 1133 N NE2 . GLN A 1 156 ? 0.291   -22.039 -20.358 1.00 65.00 ? 155  GLN A NE2 1 
ATOM 1134 N N   . GLY A 1 157 ? -2.666  -18.147 -22.950 1.00 68.55 ? 156  GLY A N   1 
ATOM 1135 C CA  . GLY A 1 157 ? -2.653  -18.201 -24.396 1.00 68.55 ? 156  GLY A CA  1 
ATOM 1136 C C   . GLY A 1 157 ? -2.333  -19.580 -24.950 1.00 68.55 ? 156  GLY A C   1 
ATOM 1137 O O   . GLY A 1 157 ? -1.736  -20.420 -24.271 1.00 68.55 ? 156  GLY A O   1 
ATOM 1138 N N   . PRO A 1 158 ? -2.723  -19.843 -26.203 1.00 70.67 ? 157  PRO A N   1 
ATOM 1139 C CA  . PRO A 1 158 ? -2.511  -21.188 -26.766 1.00 70.67 ? 157  PRO A CA  1 
ATOM 1140 C C   . PRO A 1 158 ? -1.053  -21.619 -26.821 1.00 70.67 ? 157  PRO A C   1 
ATOM 1141 O O   . PRO A 1 158 ? -0.772  -22.823 -26.796 1.00 70.67 ? 157  PRO A O   1 
ATOM 1142 C CB  . PRO A 1 158 ? -3.111  -21.075 -28.177 1.00 70.67 ? 157  PRO A CB  1 
ATOM 1143 C CG  . PRO A 1 158 ? -4.115  -19.982 -28.073 1.00 70.67 ? 157  PRO A CG  1 
ATOM 1144 C CD  . PRO A 1 158 ? -3.490  -18.990 -27.129 1.00 70.67 ? 157  PRO A CD  1 
ATOM 1145 N N   . LYS A 1 159 ? -0.114  -20.670 -26.899 1.00 70.60 ? 158  LYS A N   1 
ATOM 1146 C CA  . LYS A 1 159 ? 1.317   -20.967 -26.909 1.00 70.60 ? 158  LYS A CA  1 
ATOM 1147 C C   . LYS A 1 159 ? 2.074   -20.219 -25.815 1.00 70.60 ? 158  LYS A C   1 
ATOM 1148 O O   . LYS A 1 159 ? 3.304   -20.123 -25.877 1.00 70.60 ? 158  LYS A O   1 
ATOM 1149 C CB  . LYS A 1 159 ? 1.917   -20.637 -28.279 1.00 70.60 ? 158  LYS A CB  1 
ATOM 1150 N N   . GLU A 1 160 ? 1.371   -19.684 -24.827 1.00 66.38 ? 159  GLU A N   1 
ATOM 1151 C CA  . GLU A 1 160 ? 2.003   -18.941 -23.737 1.00 66.38 ? 159  GLU A CA  1 
ATOM 1152 C C   . GLU A 1 160 ? 2.660   -19.878 -22.724 1.00 66.38 ? 159  GLU A C   1 
ATOM 1153 O O   . GLU A 1 160 ? 2.044   -20.866 -22.315 1.00 66.38 ? 159  GLU A O   1 
ATOM 1154 C CB  . GLU A 1 160 ? 0.962   -18.085 -23.031 1.00 66.38 ? 159  GLU A CB  1 
ATOM 1155 C CG  . GLU A 1 160 ? 1.515   -17.220 -21.919 1.00 66.38 ? 159  GLU A CG  1 
ATOM 1156 C CD  . GLU A 1 160 ? 0.439   -16.402 -21.245 1.00 66.38 ? 159  GLU A CD  1 
ATOM 1157 O OE1 . GLU A 1 160 ? -0.733  -16.829 -21.276 1.00 66.38 ? 159  GLU A OE1 1 
ATOM 1158 O OE2 . GLU A 1 160 ? 0.759   -15.332 -20.692 1.00 66.38 ? 159  GLU A OE2 1 
ATOM 1159 N N   . PRO A 1 161 ? 3.896   -19.601 -22.296 1.00 64.19 ? 160  PRO A N   1 
ATOM 1160 C CA  . PRO A 1 161 ? 4.506   -20.396 -21.222 1.00 64.19 ? 160  PRO A CA  1 
ATOM 1161 C C   . PRO A 1 161 ? 3.691   -20.333 -19.939 1.00 64.19 ? 160  PRO A C   1 
ATOM 1162 O O   . PRO A 1 161 ? 3.233   -19.267 -19.525 1.00 64.19 ? 160  PRO A O   1 
ATOM 1163 C CB  . PRO A 1 161 ? 5.887   -19.753 -21.038 1.00 64.19 ? 160  PRO A CB  1 
ATOM 1164 C CG  . PRO A 1 161 ? 6.159   -19.057 -22.312 1.00 64.19 ? 160  PRO A CG  1 
ATOM 1165 C CD  . PRO A 1 161 ? 4.824   -18.569 -22.786 1.00 64.19 ? 160  PRO A CD  1 
ATOM 1166 N N   . PHE A 1 162 ? 3.520   -21.492 -19.304 1.00 61.81 ? 161  PHE A N   1 
ATOM 1167 C CA  . PHE A 1 162 ? 2.793   -21.550 -18.041 1.00 61.81 ? 161  PHE A CA  1 
ATOM 1168 C C   . PHE A 1 162 ? 3.414   -20.657 -16.974 1.00 61.81 ? 161  PHE A C   1 
ATOM 1169 O O   . PHE A 1 162 ? 2.704   -20.171 -16.093 1.00 61.81 ? 161  PHE A O   1 
ATOM 1170 C CB  . PHE A 1 162 ? 2.737   -22.999 -17.553 1.00 61.81 ? 161  PHE A CB  1 
ATOM 1171 C CG  . PHE A 1 162 ? 1.948   -23.195 -16.286 1.00 61.81 ? 161  PHE A CG  1 
ATOM 1172 C CD1 . PHE A 1 162 ? 0.565   -23.185 -16.308 1.00 61.81 ? 161  PHE A CD1 1 
ATOM 1173 C CD2 . PHE A 1 162 ? 2.589   -23.413 -15.079 1.00 61.81 ? 161  PHE A CD2 1 
ATOM 1174 C CE1 . PHE A 1 162 ? -0.163  -23.373 -15.151 1.00 61.81 ? 161  PHE A CE1 1 
ATOM 1175 C CE2 . PHE A 1 162 ? 1.863   -23.594 -13.916 1.00 61.81 ? 161  PHE A CE2 1 
ATOM 1176 C CZ  . PHE A 1 162 ? 0.486   -23.578 -13.954 1.00 61.81 ? 161  PHE A CZ  1 
ATOM 1177 N N   . ARG A 1 163 ? 4.731   -20.447 -17.009 1.00 60.01 ? 162  ARG A N   1 
ATOM 1178 C CA  . ARG A 1 163 ? 5.361   -19.520 -16.070 1.00 60.01 ? 162  ARG A CA  1 
ATOM 1179 C C   . ARG A 1 163 ? 4.914   -18.074 -16.278 1.00 60.01 ? 162  ARG A C   1 
ATOM 1180 O O   . ARG A 1 163 ? 4.691   -17.346 -15.305 1.00 60.01 ? 162  ARG A O   1 
ATOM 1181 C CB  . ARG A 1 163 ? 6.884   -19.637 -16.163 1.00 60.01 ? 162  ARG A CB  1 
ATOM 1182 C CG  . ARG A 1 163 ? 7.621   -18.734 -15.182 1.00 60.01 ? 162  ARG A CG  1 
ATOM 1183 C CD  . ARG A 1 163 ? 9.028   -19.234 -14.872 1.00 60.01 ? 162  ARG A CD  1 
ATOM 1184 N NE  . ARG A 1 163 ? 9.960   -19.066 -15.982 1.00 60.01 ? 162  ARG A NE  1 
ATOM 1185 C CZ  . ARG A 1 163 ? 10.941  -19.908 -16.282 1.00 60.01 ? 162  ARG A CZ  1 
ATOM 1186 N NH1 . ARG A 1 163 ? 11.060  -21.083 -15.686 1.00 60.01 ? 162  ARG A NH1 1 
ATOM 1187 N NH2 . ARG A 1 163 ? 11.816  -19.571 -17.225 1.00 60.01 ? 162  ARG A NH2 1 
ATOM 1188 N N   . ASP A 1 164 ? 4.747   -17.643 -17.528 1.00 61.34 ? 163  ASP A N   1 
ATOM 1189 C CA  . ASP A 1 164 ? 4.264   -16.285 -17.788 1.00 61.34 ? 163  ASP A CA  1 
ATOM 1190 C C   . ASP A 1 164 ? 2.800   -16.120 -17.398 1.00 61.34 ? 163  ASP A C   1 
ATOM 1191 O O   . ASP A 1 164 ? 2.401   -15.079 -16.859 1.00 61.34 ? 163  ASP A O   1 
ATOM 1192 C CB  . ASP A 1 164 ? 4.448   -15.941 -19.267 1.00 61.34 ? 163  ASP A CB  1 
ATOM 1193 C CG  . ASP A 1 164 ? 5.904   -15.814 -19.664 1.00 61.34 ? 163  ASP A CG  1 
ATOM 1194 O OD1 . ASP A 1 164 ? 6.779   -15.950 -18.786 1.00 61.34 ? 163  ASP A OD1 1 
ATOM 1195 O OD2 . ASP A 1 164 ? 6.173   -15.574 -20.859 1.00 61.34 ? 163  ASP A OD2 1 
ATOM 1196 N N   . TYR A 1 165 ? 2.004   -17.159 -17.614 1.00 58.99 ? 164  TYR A N   1 
ATOM 1197 C CA  . TYR A 1 165 ? 0.625   -17.179 -17.141 1.00 58.99 ? 164  TYR A CA  1 
ATOM 1198 C C   . TYR A 1 165 ? 0.534   -17.153 -15.619 1.00 58.99 ? 164  TYR A C   1 
ATOM 1199 O O   . TYR A 1 165 ? -0.300  -16.442 -15.058 1.00 58.99 ? 164  TYR A O   1 
ATOM 1200 C CB  . TYR A 1 165 ? -0.070  -18.410 -17.716 1.00 58.99 ? 164  TYR A CB  1 
ATOM 1201 C CG  . TYR A 1 165 ? -1.333  -18.821 -17.010 1.00 58.99 ? 164  TYR A CG  1 
ATOM 1202 C CD1 . TYR A 1 165 ? -2.473  -18.033 -17.053 1.00 58.99 ? 164  TYR A CD1 1 
ATOM 1203 C CD2 . TYR A 1 165 ? -1.380  -20.004 -16.293 1.00 58.99 ? 164  TYR A CD2 1 
ATOM 1204 C CE1 . TYR A 1 165 ? -3.624  -18.415 -16.396 1.00 58.99 ? 164  TYR A CE1 1 
ATOM 1205 C CE2 . TYR A 1 165 ? -2.523  -20.394 -15.638 1.00 58.99 ? 164  TYR A CE2 1 
ATOM 1206 C CZ  . TYR A 1 165 ? -3.641  -19.600 -15.695 1.00 58.99 ? 164  TYR A CZ  1 
ATOM 1207 O OH  . TYR A 1 165 ? -4.779  -20.003 -15.044 1.00 58.99 ? 164  TYR A OH  1 
ATOM 1208 N N   . VAL A 1 166 ? 1.349   -17.951 -14.933 1.00 56.68 ? 165  VAL A N   1 
ATOM 1209 C CA  . VAL A 1 166 ? 1.420   -17.898 -13.473 1.00 56.68 ? 165  VAL A CA  1 
ATOM 1210 C C   . VAL A 1 166 ? 1.850   -16.518 -12.974 1.00 56.68 ? 165  VAL A C   1 
ATOM 1211 O O   . VAL A 1 166 ? 1.313   -16.016 -11.982 1.00 56.68 ? 165  VAL A O   1 
ATOM 1212 C CB  . VAL A 1 166 ? 2.350   -19.018 -12.966 1.00 56.68 ? 165  VAL A CB  1 
ATOM 1213 C CG1 . VAL A 1 166 ? 2.830   -18.769 -11.541 1.00 56.68 ? 165  VAL A CG1 1 
ATOM 1214 C CG2 . VAL A 1 166 ? 1.626   -20.342 -13.023 1.00 56.68 ? 165  VAL A CG2 1 
ATOM 1215 N N   . ASP A 1 167 ? 2.835   -15.893 -13.621 1.00 55.02 ? 166  ASP A N   1 
ATOM 1216 C CA  . ASP A 1 167 ? 3.207   -14.532 -13.239 1.00 55.02 ? 166  ASP A CA  1 
ATOM 1217 C C   . ASP A 1 167 ? 2.038   -13.563 -13.378 1.00 55.02 ? 166  ASP A C   1 
ATOM 1218 O O   . ASP A 1 167 ? 1.752   -12.786 -12.462 1.00 55.02 ? 166  ASP A O   1 
ATOM 1219 C CB  . ASP A 1 167 ? 4.384   -14.040 -14.087 1.00 55.02 ? 166  ASP A CB  1 
ATOM 1220 C CG  . ASP A 1 167 ? 5.712   -14.633 -13.663 1.00 55.02 ? 166  ASP A CG  1 
ATOM 1221 O OD1 . ASP A 1 167 ? 5.775   -15.297 -12.609 1.00 55.02 ? 166  ASP A OD1 1 
ATOM 1222 O OD2 . ASP A 1 167 ? 6.707   -14.413 -14.383 1.00 55.02 ? 166  ASP A OD2 1 
ATOM 1223 N N   . ARG A 1 168 ? 1.325   -13.624 -14.506 1.00 56.69 ? 167  ARG A N   1 
ATOM 1224 C CA  . ARG A 1 168 ? 0.141   -12.787 -14.698 1.00 56.69 ? 167  ARG A CA  1 
ATOM 1225 C C   . ARG A 1 168 ? -0.942  -13.080 -13.668 1.00 56.69 ? 167  ARG A C   1 
ATOM 1226 O O   . ARG A 1 168 ? -1.525  -12.159 -13.083 1.00 56.69 ? 167  ARG A O   1 
ATOM 1227 C CB  . ARG A 1 168 ? -0.414  -13.010 -16.103 1.00 56.69 ? 167  ARG A CB  1 
ATOM 1228 C CG  . ARG A 1 168 ? 0.416   -12.400 -17.215 1.00 56.69 ? 167  ARG A CG  1 
ATOM 1229 C CD  . ARG A 1 168 ? 0.033   -12.991 -18.564 1.00 56.69 ? 167  ARG A CD  1 
ATOM 1230 N NE  . ARG A 1 168 ? -1.378  -12.776 -18.867 1.00 56.69 ? 167  ARG A NE  1 
ATOM 1231 C CZ  . ARG A 1 168 ? -2.216  -13.706 -19.309 1.00 56.69 ? 167  ARG A CZ  1 
ATOM 1232 N NH1 . ARG A 1 168 ? -1.811  -14.937 -19.579 1.00 56.69 ? 167  ARG A NH1 1 
ATOM 1233 N NH2 . ARG A 1 168 ? -3.482  -13.378 -19.541 1.00 56.69 ? 167  ARG A NH2 1 
ATOM 1234 N N   . PHE A 1 169 ? -1.185  -14.357 -13.397 1.00 52.97 ? 168  PHE A N   1 
ATOM 1235 C CA  . PHE A 1 169 ? -2.210  -14.761 -12.445 1.00 52.97 ? 168  PHE A CA  1 
ATOM 1236 C C   . PHE A 1 169 ? -1.907  -14.255 -11.043 1.00 52.97 ? 168  PHE A C   1 
ATOM 1237 O O   . PHE A 1 169 ? -2.770  -13.659 -10.399 1.00 52.97 ? 168  PHE A O   1 
ATOM 1238 C CB  . PHE A 1 169 ? -2.346  -16.285 -12.465 1.00 52.97 ? 168  PHE A CB  1 
ATOM 1239 C CG  . PHE A 1 169 ? -3.494  -16.808 -11.653 1.00 52.97 ? 168  PHE A CG  1 
ATOM 1240 C CD1 . PHE A 1 169 ? -3.375  -16.979 -10.285 1.00 52.97 ? 168  PHE A CD1 1 
ATOM 1241 C CD2 . PHE A 1 169 ? -4.689  -17.146 -12.263 1.00 52.97 ? 168  PHE A CD2 1 
ATOM 1242 C CE1 . PHE A 1 169 ? -4.425  -17.472 -9.542  1.00 52.97 ? 168  PHE A CE1 1 
ATOM 1243 C CE2 . PHE A 1 169 ? -5.745  -17.632 -11.521 1.00 52.97 ? 168  PHE A CE2 1 
ATOM 1244 C CZ  . PHE A 1 169 ? -5.613  -17.792 -10.160 1.00 52.97 ? 168  PHE A CZ  1 
ATOM 1245 N N   . TYR A 1 170 ? -0.712  -14.524 -10.529 1.00 50.52 ? 169  TYR A N   1 
ATOM 1246 C CA  . TYR A 1 170 ? -0.391  -14.088 -9.174  1.00 50.52 ? 169  TYR A CA  1 
ATOM 1247 C C   . TYR A 1 170 ? -0.175  -12.580 -9.050  1.00 50.52 ? 169  TYR A C   1 
ATOM 1248 O O   . TYR A 1 170 ? -0.462  -12.021 -7.990  1.00 50.52 ? 169  TYR A O   1 
ATOM 1249 C CB  . TYR A 1 170 ? 0.815   -14.868 -8.655  1.00 50.52 ? 169  TYR A CB  1 
ATOM 1250 C CG  . TYR A 1 170 ? 0.427   -16.252 -8.195  1.00 50.52 ? 169  TYR A CG  1 
ATOM 1251 C CD1 . TYR A 1 170 ? -0.039  -16.460 -6.908  1.00 50.52 ? 169  TYR A CD1 1 
ATOM 1252 C CD2 . TYR A 1 170 ? 0.475   -17.337 -9.055  1.00 50.52 ? 169  TYR A CD2 1 
ATOM 1253 C CE1 . TYR A 1 170 ? -0.432  -17.708 -6.484  1.00 50.52 ? 169  TYR A CE1 1 
ATOM 1254 C CE2 . TYR A 1 170 ? 0.090   -18.595 -8.636  1.00 50.52 ? 169  TYR A CE2 1 
ATOM 1255 C CZ  . TYR A 1 170 ? -0.362  -18.773 -7.349  1.00 50.52 ? 169  TYR A CZ  1 
ATOM 1256 O OH  . TYR A 1 170 ? -0.723  -20.024 -6.910  1.00 50.52 ? 169  TYR A OH  1 
ATOM 1257 N N   . LYS A 1 171 ? 0.263   -11.884 -10.103 1.00 47.91 ? 170  LYS A N   1 
ATOM 1258 C CA  . LYS A 1 171 ? 0.260   -10.420 -10.047 1.00 47.91 ? 170  LYS A CA  1 
ATOM 1259 C C   . LYS A 1 171 ? -1.159  -9.857  -9.988  1.00 47.91 ? 170  LYS A C   1 
ATOM 1260 O O   . LYS A 1 171 ? -1.443  -8.936  -9.206  1.00 47.91 ? 170  LYS A O   1 
ATOM 1261 C CB  . LYS A 1 171 ? 1.033   -9.854  -11.238 1.00 47.91 ? 170  LYS A CB  1 
ATOM 1262 C CG  . LYS A 1 171 ? 1.288   -8.356  -11.155 1.00 47.91 ? 170  LYS A CG  1 
ATOM 1263 C CD  . LYS A 1 171 ? 2.324   -7.912  -12.178 1.00 47.91 ? 170  LYS A CD  1 
ATOM 1264 C CE  . LYS A 1 171 ? 2.678   -6.436  -12.032 1.00 47.91 ? 170  LYS A CE  1 
ATOM 1265 N NZ  . LYS A 1 171 ? 1.662   -5.538  -12.654 1.00 47.91 ? 170  LYS A NZ  1 
ATOM 1266 N N   . THR A 1 172 ? -2.084  -10.441 -10.752 1.00 51.87 ? 171  THR A N   1 
ATOM 1267 C CA  . THR A 1 172 ? -3.478  -10.023 -10.671 1.00 51.87 ? 171  THR A CA  1 
ATOM 1268 C C   . THR A 1 172 ? -4.084  -10.373 -9.320  1.00 51.87 ? 171  THR A C   1 
ATOM 1269 O O   . THR A 1 172 ? -4.839  -9.585  -8.753  1.00 51.87 ? 171  THR A O   1 
ATOM 1270 C CB  . THR A 1 172 ? -4.276  -10.681 -11.793 1.00 51.87 ? 171  THR A CB  1 
ATOM 1271 O OG1 . THR A 1 172 ? -3.699  -10.329 -13.055 1.00 51.87 ? 171  THR A OG1 1 
ATOM 1272 C CG2 . THR A 1 172 ? -5.724  -10.235 -11.765 1.00 51.87 ? 171  THR A CG2 1 
ATOM 1273 N N   . LEU A 1 173 ? -3.804  -11.570 -8.818  1.00 50.26 ? 172  LEU A N   1 
ATOM 1274 C CA  . LEU A 1 173 ? -4.295  -11.986 -7.511  1.00 50.26 ? 172  LEU A CA  1 
ATOM 1275 C C   . LEU A 1 173 ? -3.776  -11.077 -6.402  1.00 50.26 ? 172  LEU A C   1 
ATOM 1276 O O   . LEU A 1 173 ? -4.498  -10.780 -5.445  1.00 50.26 ? 172  LEU A O   1 
ATOM 1277 C CB  . LEU A 1 173 ? -3.877  -13.438 -7.272  1.00 50.26 ? 172  LEU A CB  1 
ATOM 1278 C CG  . LEU A 1 173 ? -4.584  -14.233 -6.184  1.00 50.26 ? 172  LEU A CG  1 
ATOM 1279 C CD1 . LEU A 1 173 ? -5.902  -14.760 -6.712  1.00 50.26 ? 172  LEU A CD1 1 
ATOM 1280 C CD2 . LEU A 1 173 ? -3.713  -15.378 -5.727  1.00 50.26 ? 172  LEU A CD2 1 
ATOM 1281 N N   . ARG A 1 174 ? -2.523  -10.633 -6.511  1.00 43.33 ? 173  ARG A N   1 
ATOM 1282 C CA  . ARG A 1 174 ? -1.960  -9.685  -5.553  1.00 43.33 ? 173  ARG A CA  1 
ATOM 1283 C C   . ARG A 1 174 ? -2.646  -8.326  -5.611  1.00 43.33 ? 173  ARG A C   1 
ATOM 1284 O O   . ARG A 1 174 ? -2.928  -7.727  -4.568  1.00 43.33 ? 173  ARG A O   1 
ATOM 1285 C CB  . ARG A 1 174 ? -0.461  -9.528  -5.800  1.00 43.33 ? 173  ARG A CB  1 
ATOM 1286 C CG  . ARG A 1 174 ? 0.252   -8.785  -4.692  1.00 43.33 ? 173  ARG A CG  1 
ATOM 1287 C CD  . ARG A 1 174 ? 1.720   -8.592  -4.989  1.00 43.33 ? 173  ARG A CD  1 
ATOM 1288 N NE  . ARG A 1 174 ? 2.396   -7.963  -3.863  1.00 43.33 ? 173  ARG A NE  1 
ATOM 1289 C CZ  . ARG A 1 174 ? 3.619   -7.455  -3.898  1.00 43.33 ? 173  ARG A CZ  1 
ATOM 1290 N NH1 . ARG A 1 174 ? 4.296   -7.356  -5.029  1.00 43.33 ? 173  ARG A NH1 1 
ATOM 1291 N NH2 . ARG A 1 174 ? 4.177   -7.035  -2.769  1.00 43.33 ? 173  ARG A NH2 1 
ATOM 1292 N N   . ALA A 1 175 ? -2.917  -7.816  -6.813  1.00 46.14 ? 174  ALA A N   1 
ATOM 1293 C CA  . ALA A 1 175 ? -3.604  -6.529  -6.914  1.00 46.14 ? 174  ALA A CA  1 
ATOM 1294 C C   . ALA A 1 175 ? -5.064  -6.614  -6.473  1.00 46.14 ? 174  ALA A C   1 
ATOM 1295 O O   . ALA A 1 175 ? -5.540  -5.747  -5.736  1.00 46.14 ? 174  ALA A O   1 
ATOM 1296 C CB  . ALA A 1 175 ? -3.511  -6.008  -8.345  1.00 46.14 ? 174  ALA A CB  1 
ATOM 1297 N N   . GLU A 1 176 ? -5.789  -7.644  -6.906  1.00 51.77 ? 175  GLU A N   1 
ATOM 1298 C CA  . GLU A 1 176 ? -7.192  -7.793  -6.524  1.00 51.77 ? 175  GLU A CA  1 
ATOM 1299 C C   . GLU A 1 176 ? -7.363  -8.021  -5.022  1.00 51.77 ? 175  GLU A C   1 
ATOM 1300 O O   . GLU A 1 176 ? -8.388  -7.636  -4.450  1.00 51.77 ? 175  GLU A O   1 
ATOM 1301 C CB  . GLU A 1 176 ? -7.802  -8.946  -7.328  1.00 51.77 ? 175  GLU A CB  1 
ATOM 1302 C CG  . GLU A 1 176 ? -9.277  -9.208  -7.058  1.00 51.77 ? 175  GLU A CG  1 
ATOM 1303 C CD  . GLU A 1 176 ? -9.981  -9.892  -8.221  1.00 51.77 ? 175  GLU A CD  1 
ATOM 1304 O OE1 . GLU A 1 176 ? -9.408  -9.939  -9.330  1.00 51.77 ? 175  GLU A OE1 1 
ATOM 1305 O OE2 . GLU A 1 176 ? -11.115 -10.378 -8.026  1.00 51.77 ? 175  GLU A OE2 1 
ATOM 1306 N N   . GLN A 1 177 ? -6.379  -8.645  -4.379  1.00 47.01 ? 176  GLN A N   1 
ATOM 1307 C CA  . GLN A 1 177 ? -6.277  -8.755  -2.916  1.00 47.01 ? 176  GLN A CA  1 
ATOM 1308 C C   . GLN A 1 177 ? -7.590  -9.154  -2.234  1.00 47.01 ? 176  GLN A C   1 
ATOM 1309 O O   . GLN A 1 177 ? -8.087  -8.480  -1.331  1.00 47.01 ? 176  GLN A O   1 
ATOM 1310 C CB  . GLN A 1 177 ? -5.670  -7.485  -2.305  1.00 47.01 ? 176  GLN A CB  1 
ATOM 1311 C CG  . GLN A 1 177 ? -6.403  -6.173  -2.452  1.00 47.01 ? 176  GLN A CG  1 
ATOM 1312 C CD  . GLN A 1 177 ? -5.457  -5.006  -2.228  1.00 47.01 ? 176  GLN A CD  1 
ATOM 1313 O OE1 . GLN A 1 177 ? -5.177  -4.642  -1.093  1.00 47.01 ? 176  GLN A OE1 1 
ATOM 1314 N NE2 . GLN A 1 177 ? -4.926  -4.450  -3.304  1.00 47.01 ? 176  GLN A NE2 1 
ATOM 1315 N N   . ALA A 1 178 ? -8.152  -10.274 -2.690  1.00 52.67 ? 177  ALA A N   1 
ATOM 1316 C CA  . ALA A 1 178 ? -9.222  -10.978 -1.991  1.00 52.67 ? 177  ALA A CA  1 
ATOM 1317 C C   . ALA A 1 178 ? -8.719  -11.539 -0.656  1.00 52.67 ? 177  ALA A C   1 
ATOM 1318 O O   . ALA A 1 178 ? -7.520  -11.545 -0.366  1.00 52.67 ? 177  ALA A O   1 
ATOM 1319 C CB  . ALA A 1 178 ? -9.774  -12.099 -2.868  1.00 52.67 ? 177  ALA A CB  1 
ATOM 1320 N N   . SER A 1 179 ? -9.652  -12.007 0.176   1.00 57.57 ? 178  SER A N   1 
ATOM 1321 C CA  . SER A 1 179 ? -9.279  -12.680 1.418   1.00 57.57 ? 178  SER A CA  1 
ATOM 1322 C C   . SER A 1 179 ? -8.512  -13.969 1.124   1.00 57.57 ? 178  SER A C   1 
ATOM 1323 O O   . SER A 1 179 ? -8.612  -14.549 0.042   1.00 57.57 ? 178  SER A O   1 
ATOM 1324 C CB  . SER A 1 179 ? -10.518 -12.984 2.262   1.00 57.57 ? 178  SER A CB  1 
ATOM 1325 O OG  . SER A 1 179 ? -11.366 -13.920 1.624   1.00 57.57 ? 178  SER A OG  1 
ATOM 1326 N N   . GLN A 1 180 ? -7.737  -14.423 2.114   1.00 57.43 ? 179  GLN A N   1 
ATOM 1327 C CA  . GLN A 1 180 ? -6.875  -15.583 1.893   1.00 57.43 ? 179  GLN A CA  1 
ATOM 1328 C C   . GLN A 1 180 ? -7.663  -16.848 1.565   1.00 57.43 ? 179  GLN A C   1 
ATOM 1329 O O   . GLN A 1 180 ? -7.197  -17.677 0.783   1.00 57.43 ? 179  GLN A O   1 
ATOM 1330 C CB  . GLN A 1 180 ? -5.973  -15.828 3.104   1.00 57.43 ? 179  GLN A CB  1 
ATOM 1331 C CG  . GLN A 1 180 ? -4.897  -16.878 2.833   1.00 57.43 ? 179  GLN A CG  1 
ATOM 1332 C CD  . GLN A 1 180 ? -3.965  -16.473 1.705   1.00 57.43 ? 179  GLN A CD  1 
ATOM 1333 O OE1 . GLN A 1 180 ? -3.400  -15.381 1.719   1.00 57.43 ? 179  GLN A OE1 1 
ATOM 1334 N NE2 . GLN A 1 180 ? -3.803  -17.349 0.720   1.00 57.43 ? 179  GLN A NE2 1 
ATOM 1335 N N   . GLU A 1 181 ? -8.834  -17.045 2.171   1.00 59.59 ? 180  GLU A N   1 
ATOM 1336 C CA  . GLU A 1 181 ? -9.668  -18.184 1.786   1.00 59.59 ? 180  GLU A CA  1 
ATOM 1337 C C   . GLU A 1 181 ? -10.097 -18.101 0.323   1.00 59.59 ? 180  GLU A C   1 
ATOM 1338 O O   . GLU A 1 181 ? -10.105 -19.110 -0.395  1.00 59.59 ? 180  GLU A O   1 
ATOM 1339 C CB  . GLU A 1 181 ? -10.893 -18.274 2.697   1.00 59.59 ? 180  GLU A CB  1 
ATOM 1340 C CG  . GLU A 1 181 ? -11.840 -19.413 2.333   1.00 59.59 ? 180  GLU A CG  1 
ATOM 1341 C CD  . GLU A 1 181 ? -12.872 -19.697 3.411   1.00 59.59 ? 180  GLU A CD  1 
ATOM 1342 O OE1 . GLU A 1 181 ? -13.121 -18.808 4.254   1.00 59.59 ? 180  GLU A OE1 1 
ATOM 1343 O OE2 . GLU A 1 181 ? -13.439 -20.811 3.410   1.00 59.59 ? 180  GLU A OE2 1 
ATOM 1344 N N   . VAL A 1 182 ? -10.407 -16.897 -0.150  1.00 56.31 ? 181  VAL A N   1 
ATOM 1345 C CA  . VAL A 1 182 ? -10.765 -16.718 -1.553  1.00 56.31 ? 181  VAL A CA  1 
ATOM 1346 C C   . VAL A 1 182 ? -9.547  -16.869 -2.457  1.00 56.31 ? 181  VAL A C   1 
ATOM 1347 O O   . VAL A 1 182 ? -9.646  -17.438 -3.544  1.00 56.31 ? 181  VAL A O   1 
ATOM 1348 C CB  . VAL A 1 182 ? -11.472 -15.365 -1.752  1.00 56.31 ? 181  VAL A CB  1 
ATOM 1349 C CG1 . VAL A 1 182 ? -11.721 -15.101 -3.228  1.00 56.31 ? 181  VAL A CG1 1 
ATOM 1350 C CG2 . VAL A 1 182 ? -12.796 -15.360 -1.005  1.00 56.31 ? 181  VAL A CG2 1 
ATOM 1351 N N   . LYS A 1 183 ? -8.393  -16.339 -2.051  1.00 53.98 ? 182  LYS A N   1 
ATOM 1352 C CA  . LYS A 1 183 ? -7.167  -16.595 -2.809  1.00 53.98 ? 182  LYS A CA  1 
ATOM 1353 C C   . LYS A 1 183 ? -6.836  -18.082 -2.881  1.00 53.98 ? 182  LYS A C   1 
ATOM 1354 O O   . LYS A 1 183 ? -6.372  -18.569 -3.915  1.00 53.98 ? 182  LYS A O   1 
ATOM 1355 C CB  . LYS A 1 183 ? -5.996  -15.835 -2.193  1.00 53.98 ? 182  LYS A CB  1 
ATOM 1356 C CG  . LYS A 1 183 ? -6.028  -14.343 -2.415  1.00 53.98 ? 182  LYS A CG  1 
ATOM 1357 C CD  . LYS A 1 183 ? -4.742  -13.719 -1.916  1.00 53.98 ? 182  LYS A CD  1 
ATOM 1358 C CE  . LYS A 1 183 ? -4.694  -12.227 -2.160  1.00 53.98 ? 182  LYS A CE  1 
ATOM 1359 N NZ  . LYS A 1 183 ? -3.440  -11.647 -1.612  1.00 53.98 ? 182  LYS A NZ  1 
ATOM 1360 N N   . ASN A 1 184 ? -7.050  -18.815 -1.790  1.00 57.09 ? 183  ASN A N   1 
ATOM 1361 C CA  . ASN A 1 184 ? -6.884  -20.266 -1.811  1.00 57.09 ? 183  ASN A CA  1 
ATOM 1362 C C   . ASN A 1 184 ? -7.817  -20.918 -2.821  1.00 57.09 ? 183  ASN A C   1 
ATOM 1363 O O   . ASN A 1 184 ? -7.381  -21.726 -3.647  1.00 57.09 ? 183  ASN A O   1 
ATOM 1364 C CB  . ASN A 1 184 ? -7.117  -20.846 -0.414  1.00 57.09 ? 183  ASN A CB  1 
ATOM 1365 C CG  . ASN A 1 184 ? -6.037  -20.449 0.569   1.00 57.09 ? 183  ASN A CG  1 
ATOM 1366 O OD1 . ASN A 1 184 ? -5.023  -19.868 0.190   1.00 57.09 ? 183  ASN A OD1 1 
ATOM 1367 N ND2 . ASN A 1 184 ? -6.238  -20.782 1.839   1.00 57.09 ? 183  ASN A ND2 1 
ATOM 1368 N N   . TRP A 1 185 ? -9.109  -20.592 -2.765  1.00 58.73 ? 184  TRP A N   1 
ATOM 1369 C CA  . TRP A 1 185 ? -10.030 -21.127 -3.765  1.00 58.73 ? 184  TRP A CA  1 
ATOM 1370 C C   . TRP A 1 185 ? -9.614  -20.752 -5.185  1.00 58.73 ? 184  TRP A C   1 
ATOM 1371 O O   . TRP A 1 185 ? -9.691  -21.580 -6.094  1.00 58.73 ? 184  TRP A O   1 
ATOM 1372 C CB  . TRP A 1 185 ? -11.458 -20.643 -3.506  1.00 58.73 ? 184  TRP A CB  1 
ATOM 1373 C CG  . TRP A 1 185 ? -12.412 -21.152 -4.553  1.00 58.73 ? 184  TRP A CG  1 
ATOM 1374 C CD1 . TRP A 1 185 ? -13.116 -22.318 -4.516  1.00 58.73 ? 184  TRP A CD1 1 
ATOM 1375 C CD2 . TRP A 1 185 ? -12.739 -20.528 -5.805  1.00 58.73 ? 184  TRP A CD2 1 
ATOM 1376 N NE1 . TRP A 1 185 ? -13.872 -22.453 -5.653  1.00 58.73 ? 184  TRP A NE1 1 
ATOM 1377 C CE2 . TRP A 1 185 ? -13.645 -21.376 -6.468  1.00 58.73 ? 184  TRP A CE2 1 
ATOM 1378 C CE3 . TRP A 1 185 ? -12.319 -19.358 -6.446  1.00 58.73 ? 184  TRP A CE3 1 
ATOM 1379 C CZ2 . TRP A 1 185 ? -14.167 -21.075 -7.725  1.00 58.73 ? 184  TRP A CZ2 1 
ATOM 1380 C CZ3 . TRP A 1 185 ? -12.852 -19.051 -7.686  1.00 58.73 ? 184  TRP A CZ3 1 
ATOM 1381 C CH2 . TRP A 1 185 ? -13.749 -19.916 -8.320  1.00 58.73 ? 184  TRP A CH2 1 
ATOM 1382 N N   . MET A 1 186 ? -9.170  -19.515 -5.396  1.00 57.30 ? 185  MET A N   1 
ATOM 1383 C CA  . MET A 1 186 ? -8.769  -19.071 -6.729  1.00 57.30 ? 185  MET A CA  1 
ATOM 1384 C C   . MET A 1 186 ? -7.553  -19.828 -7.247  1.00 57.30 ? 185  MET A C   1 
ATOM 1385 O O   . MET A 1 186 ? -7.567  -20.337 -8.368  1.00 57.30 ? 185  MET A O   1 
ATOM 1386 C CB  . MET A 1 186 ? -8.498  -17.566 -6.713  1.00 57.30 ? 185  MET A CB  1 
ATOM 1387 C CG  . MET A 1 186 ? -9.765  -16.729 -6.610  1.00 57.30 ? 185  MET A CG  1 
ATOM 1388 S SD  . MET A 1 186 ? -9.456  -14.969 -6.385  1.00 57.30 ? 185  MET A SD  1 
ATOM 1389 C CE  . MET A 1 186 ? -11.108 -14.320 -6.612  1.00 57.30 ? 185  MET A CE  1 
ATOM 1390 N N   . THR A 1 187 ? -6.511  -19.955 -6.432  1.00 56.31 ? 186  THR A N   1 
ATOM 1391 C CA  . THR A 1 187 ? -5.314  -20.676 -6.855  1.00 56.31 ? 186  THR A CA  1 
ATOM 1392 C C   . THR A 1 187 ? -5.559  -22.175 -7.003  1.00 56.31 ? 186  THR A C   1 
ATOM 1393 O O   . THR A 1 187 ? -4.954  -22.811 -7.872  1.00 56.31 ? 186  THR A O   1 
ATOM 1394 C CB  . THR A 1 187 ? -4.177  -20.425 -5.865  1.00 56.31 ? 186  THR A CB  1 
ATOM 1395 O OG1 . THR A 1 187 ? -4.611  -20.753 -4.541  1.00 56.31 ? 186  THR A OG1 1 
ATOM 1396 C CG2 . THR A 1 187 ? -3.745  -18.971 -5.900  1.00 56.31 ? 186  THR A CG2 1 
ATOM 1397 N N   . GLU A 1 188 ? -6.440  -22.752 -6.187  1.00 61.93 ? 187  GLU A N   1 
ATOM 1398 C CA  . GLU A 1 188 ? -6.854  -24.137 -6.394  1.00 61.93 ? 187  GLU A CA  1 
ATOM 1399 C C   . GLU A 1 188 ? -7.637  -24.317 -7.693  1.00 61.93 ? 187  GLU A C   1 
ATOM 1400 O O   . GLU A 1 188 ? -7.366  -25.245 -8.462  1.00 61.93 ? 187  GLU A O   1 
ATOM 1401 C CB  . GLU A 1 188 ? -7.695  -24.597 -5.202  1.00 61.93 ? 187  GLU A CB  1 
ATOM 1402 C CG  . GLU A 1 188 ? -6.901  -24.795 -3.921  1.00 61.93 ? 187  GLU A CG  1 
ATOM 1403 C CD  . GLU A 1 188 ? -7.777  -24.758 -2.680  1.00 61.93 ? 187  GLU A CD  1 
ATOM 1404 O OE1 . GLU A 1 188 ? -9.007  -24.935 -2.810  1.00 61.93 ? 187  GLU A OE1 1 
ATOM 1405 O OE2 . GLU A 1 188 ? -7.236  -24.552 -1.572  1.00 61.93 ? 187  GLU A OE2 1 
ATOM 1406 N N   . THR A 1 189 ? -8.609  -23.445 -7.961  1.00 61.73 ? 188  THR A N   1 
ATOM 1407 C CA  . THR A 1 189 ? -9.622  -23.688 -8.985  1.00 61.73 ? 188  THR A CA  1 
ATOM 1408 C C   . THR A 1 189 ? -9.347  -22.958 -10.297 1.00 61.73 ? 188  THR A C   1 
ATOM 1409 O O   . THR A 1 189 ? -9.249  -23.595 -11.349 1.00 61.73 ? 188  THR A O   1 
ATOM 1410 C CB  . THR A 1 189 ? -10.998 -23.284 -8.436  1.00 61.73 ? 188  THR A CB  1 
ATOM 1411 O OG1 . THR A 1 189 ? -11.133 -23.756 -7.091  1.00 61.73 ? 188  THR A OG1 1 
ATOM 1412 C CG2 . THR A 1 189 ? -12.115 -23.870 -9.285  1.00 61.73 ? 188  THR A CG2 1 
ATOM 1413 N N   . LEU A 1 190 ? -9.219  -21.629 -10.258 1.00 59.21 ? 189  LEU A N   1 
ATOM 1414 C CA  . LEU A 1 190 ? -9.069  -20.856 -11.490 1.00 59.21 ? 189  LEU A CA  1 
ATOM 1415 C C   . LEU A 1 190 ? -7.731  -21.109 -12.167 1.00 59.21 ? 189  LEU A C   1 
ATOM 1416 O O   . LEU A 1 190 ? -7.664  -21.176 -13.398 1.00 59.21 ? 189  LEU A O   1 
ATOM 1417 C CB  . LEU A 1 190 ? -9.201  -19.363 -11.192 1.00 59.21 ? 189  LEU A CB  1 
ATOM 1418 C CG  . LEU A 1 190 ? -10.495 -18.825 -10.600 1.00 59.21 ? 189  LEU A CG  1 
ATOM 1419 C CD1 . LEU A 1 190 ? -10.342 -17.336 -10.370 1.00 59.21 ? 189  LEU A CD1 1 
ATOM 1420 C CD2 . LEU A 1 190 ? -11.664 -19.104 -11.521 1.00 59.21 ? 189  LEU A CD2 1 
ATOM 1421 N N   . LEU A 1 191 ? -6.653  -21.226 -11.394 1.00 58.61 ? 190  LEU A N   1 
ATOM 1422 C CA  . LEU A 1 191 ? -5.333  -21.357 -12.004 1.00 58.61 ? 190  LEU A CA  1 
ATOM 1423 C C   . LEU A 1 191 ? -5.263  -22.596 -12.889 1.00 58.61 ? 190  LEU A C   1 
ATOM 1424 O O   . LEU A 1 191 ? -4.664  -22.563 -13.970 1.00 58.61 ? 190  LEU A O   1 
ATOM 1425 C CB  . LEU A 1 191 ? -4.257  -21.386 -10.918 1.00 58.61 ? 190  LEU A CB  1 
ATOM 1426 C CG  . LEU A 1 191 ? -2.798  -21.476 -11.370 1.00 58.61 ? 190  LEU A CG  1 
ATOM 1427 C CD1 . LEU A 1 191 ? -2.374  -20.237 -12.126 1.00 58.61 ? 190  LEU A CD1 1 
ATOM 1428 C CD2 . LEU A 1 191 ? -1.901  -21.657 -10.164 1.00 58.61 ? 190  LEU A CD2 1 
ATOM 1429 N N   . VAL A 1 192 ? -5.877  -23.696 -12.452 1.00 65.87 ? 191  VAL A N   1 
ATOM 1430 C CA  . VAL A 1 192 ? -6.019  -24.876 -13.301 1.00 65.87 ? 191  VAL A CA  1 
ATOM 1431 C C   . VAL A 1 192 ? -7.047  -24.628 -14.401 1.00 65.87 ? 191  VAL A C   1 
ATOM 1432 O O   . VAL A 1 192 ? -6.778  -24.855 -15.585 1.00 65.87 ? 191  VAL A O   1 
ATOM 1433 C CB  . VAL A 1 192 ? -6.386  -26.107 -12.451 1.00 65.87 ? 191  VAL A CB  1 
ATOM 1434 C CG1 . VAL A 1 192 ? -6.532  -27.348 -13.328 1.00 65.87 ? 191  VAL A CG1 1 
ATOM 1435 C CG2 . VAL A 1 192 ? -5.331  -26.352 -11.383 1.00 65.87 ? 191  VAL A CG2 1 
ATOM 1436 N N   . GLN A 1 193 ? -8.239  -24.159 -14.024 1.00 65.44 ? 192  GLN A N   1 
ATOM 1437 C CA  . GLN A 1 193 ? -9.335  -23.994 -14.978 1.00 65.44 ? 192  GLN A CA  1 
ATOM 1438 C C   . GLN A 1 193 ? -8.974  -23.069 -16.139 1.00 65.44 ? 192  GLN A C   1 
ATOM 1439 O O   . GLN A 1 193 ? -9.388  -23.311 -17.278 1.00 65.44 ? 192  GLN A O   1 
ATOM 1440 C CB  . GLN A 1 193 ? -10.563 -23.464 -14.233 1.00 65.44 ? 192  GLN A CB  1 
ATOM 1441 C CG  . GLN A 1 193 ? -11.781 -23.090 -15.086 1.00 65.44 ? 192  GLN A CG  1 
ATOM 1442 C CD  . GLN A 1 193 ? -12.433 -24.273 -15.777 1.00 65.44 ? 192  GLN A CD  1 
ATOM 1443 O OE1 . GLN A 1 193 ? -11.914 -25.388 -15.755 1.00 65.44 ? 192  GLN A OE1 1 
ATOM 1444 N NE2 . GLN A 1 193 ? -13.597 -24.036 -16.377 1.00 65.44 ? 192  GLN A NE2 1 
ATOM 1445 N N   . ASN A 1 194 ? -8.210  -22.011 -15.885 1.00 62.97 ? 193  ASN A N   1 
ATOM 1446 C CA  . ASN A 1 194 ? -7.870  -21.038 -16.918 1.00 62.97 ? 193  ASN A CA  1 
ATOM 1447 C C   . ASN A 1 194 ? -6.566  -21.341 -17.651 1.00 62.97 ? 193  ASN A C   1 
ATOM 1448 O O   . ASN A 1 194 ? -6.183  -20.571 -18.537 1.00 62.97 ? 193  ASN A O   1 
ATOM 1449 C CB  . ASN A 1 194 ? -7.789  -19.634 -16.302 1.00 62.97 ? 193  ASN A CB  1 
ATOM 1450 C CG  . ASN A 1 194 ? -9.148  -19.086 -15.906 1.00 62.97 ? 193  ASN A CG  1 
ATOM 1451 O OD1 . ASN A 1 194 ? -10.154 -19.790 -15.956 1.00 62.97 ? 193  ASN A OD1 1 
ATOM 1452 N ND2 . ASN A 1 194 ? -9.181  -17.821 -15.502 1.00 62.97 ? 193  ASN A ND2 1 
ATOM 1453 N N   . ALA A 1 195 ? -5.871  -22.422 -17.307 1.00 66.47 ? 194  ALA A N   1 
ATOM 1454 C CA  . ALA A 1 195 ? -4.727  -22.864 -18.096 1.00 66.47 ? 194  ALA A CA  1 
ATOM 1455 C C   . ALA A 1 195 ? -5.171  -23.360 -19.471 1.00 66.47 ? 194  ALA A C   1 
ATOM 1456 O O   . ALA A 1 195 ? -6.302  -23.818 -19.652 1.00 66.47 ? 194  ALA A O   1 
ATOM 1457 C CB  . ALA A 1 195 ? -3.978  -23.969 -17.353 1.00 66.47 ? 194  ALA A CB  1 
ATOM 1458 N N   . ASN A 1 196 ? -4.267  -23.275 -20.450 1.00 68.69 ? 195  ASN A N   1 
ATOM 1459 C CA  . ASN A 1 196 ? -4.594  -23.745 -21.789 1.00 68.69 ? 195  ASN A CA  1 
ATOM 1460 C C   . ASN A 1 196 ? -4.716  -25.273 -21.791 1.00 68.69 ? 195  ASN A C   1 
ATOM 1461 O O   . ASN A 1 196 ? -4.269  -25.939 -20.856 1.00 68.69 ? 195  ASN A O   1 
ATOM 1462 C CB  . ASN A 1 196 ? -3.577  -23.218 -22.812 1.00 68.69 ? 195  ASN A CB  1 
ATOM 1463 C CG  . ASN A 1 196 ? -2.199  -23.832 -22.676 1.00 68.69 ? 195  ASN A CG  1 
ATOM 1464 O OD1 . ASN A 1 196 ? -2.038  -24.959 -22.217 1.00 68.69 ? 195  ASN A OD1 1 
ATOM 1465 N ND2 . ASN A 1 196 ? -1.187  -23.081 -23.106 1.00 68.69 ? 195  ASN A ND2 1 
ATOM 1466 N N   . PRO A 1 197 ? -5.331  -25.852 -22.829 1.00 72.55 ? 196  PRO A N   1 
ATOM 1467 C CA  . PRO A 1 197 ? -5.729  -27.272 -22.743 1.00 72.55 ? 196  PRO A CA  1 
ATOM 1468 C C   . PRO A 1 197 ? -4.592  -28.246 -22.465 1.00 72.55 ? 196  PRO A C   1 
ATOM 1469 O O   . PRO A 1 197 ? -4.794  -29.217 -21.722 1.00 72.55 ? 196  PRO A O   1 
ATOM 1470 C CB  . PRO A 1 197 ? -6.358  -27.532 -24.121 1.00 72.55 ? 196  PRO A CB  1 
ATOM 1471 C CG  . PRO A 1 197 ? -6.891  -26.206 -24.541 1.00 72.55 ? 196  PRO A CG  1 
ATOM 1472 C CD  . PRO A 1 197 ? -5.852  -25.220 -24.055 1.00 72.55 ? 196  PRO A CD  1 
ATOM 1473 N N   . ASP A 1 198 ? -3.389  -27.987 -22.978 1.00 72.35 ? 197  ASP A N   1 
ATOM 1474 C CA  . ASP A 1 198 ? -2.236  -28.825 -22.653 1.00 72.35 ? 197  ASP A CA  1 
ATOM 1475 C C   . ASP A 1 198 ? -1.878  -28.727 -21.174 1.00 72.35 ? 197  ASP A C   1 
ATOM 1476 O O   . ASP A 1 198 ? -1.818  -29.740 -20.463 1.00 72.35 ? 197  ASP A O   1 
ATOM 1477 C CB  . ASP A 1 198 ? -1.040  -28.424 -23.521 1.00 72.35 ? 197  ASP A CB  1 
ATOM 1478 C CG  . ASP A 1 198 ? -1.311  -28.593 -25.004 1.00 72.35 ? 197  ASP A CG  1 
ATOM 1479 O OD1 . ASP A 1 198 ? -2.134  -29.461 -25.368 1.00 72.35 ? 197  ASP A OD1 1 
ATOM 1480 O OD2 . ASP A 1 198 ? -0.699  -27.858 -25.810 1.00 72.35 ? 197  ASP A OD2 1 
ATOM 1481 N N   . CYS A 1 199 ? -1.598  -27.514 -20.704 1.00 69.07 ? 198  CYS A N   1 
ATOM 1482 C CA  . CYS A 1 199 ? -1.297  -27.315 -19.292 1.00 69.07 ? 198  CYS A CA  1 
ATOM 1483 C C   . CYS A 1 199 ? -2.437  -27.791 -18.402 1.00 69.07 ? 198  CYS A C   1 
ATOM 1484 O O   . CYS A 1 199 ? -2.194  -28.377 -17.347 1.00 69.07 ? 198  CYS A O   1 
ATOM 1485 C CB  . CYS A 1 199 ? -0.985  -25.846 -19.029 1.00 69.07 ? 198  CYS A CB  1 
ATOM 1486 S SG  . CYS A 1 199 ? 0.573   -25.319 -19.758 1.00 69.07 ? 198  CYS A SG  1 
ATOM 1487 N N   . LYS A 1 200 ? -3.677  -27.479 -18.764 1.00 70.08 ? 199  LYS A N   1 
ATOM 1488 C CA  . LYS A 1 200 ? -4.827  -27.934 -17.983 1.00 70.08 ? 199  LYS A CA  1 
ATOM 1489 C C   . LYS A 1 200 ? -4.872  -29.459 -17.861 1.00 70.08 ? 199  LYS A C   1 
ATOM 1490 O O   . LYS A 1 200 ? -5.119  -30.000 -16.768 1.00 70.08 ? 199  LYS A O   1 
ATOM 1491 C CB  . LYS A 1 200 ? -6.093  -27.382 -18.643 1.00 70.08 ? 199  LYS A CB  1 
ATOM 1492 C CG  . LYS A 1 200 ? -7.398  -27.568 -17.897 1.00 70.08 ? 199  LYS A CG  1 
ATOM 1493 C CD  . LYS A 1 200 ? -8.503  -26.807 -18.627 1.00 70.08 ? 199  LYS A CD  1 
ATOM 1494 C CE  . LYS A 1 200 ? -9.864  -27.000 -17.985 1.00 70.08 ? 199  LYS A CE  1 
ATOM 1495 N NZ  . LYS A 1 200 ? -10.933 -26.285 -18.746 1.00 70.08 ? 199  LYS A NZ  1 
ATOM 1496 N N   . THR A 1 201 ? -4.516  -30.167 -18.939 1.00 73.20 ? 200  THR A N   1 
ATOM 1497 C CA  . THR A 1 201 ? -4.410  -31.626 -18.896 1.00 73.20 ? 200  THR A CA  1 
ATOM 1498 C C   . THR A 1 201 ? -3.285  -32.091 -17.976 1.00 73.20 ? 200  THR A C   1 
ATOM 1499 O O   . THR A 1 201 ? -3.476  -32.991 -17.151 1.00 73.20 ? 200  THR A O   1 
ATOM 1500 C CB  . THR A 1 201 ? -4.197  -32.167 -20.312 1.00 73.20 ? 200  THR A CB  1 
ATOM 1501 O OG1 . THR A 1 201 ? -5.279  -31.747 -21.152 1.00 73.20 ? 200  THR A OG1 1 
ATOM 1502 C CG2 . THR A 1 201 ? -4.133  -33.693 -20.320 1.00 73.20 ? 200  THR A CG2 1 
ATOM 1503 N N   . ILE A 1 202 ? -2.103  -31.487 -18.104 1.00 71.53 ? 201  ILE A N   1 
ATOM 1504 C CA  . ILE A 1 202 ? -0.983  -31.834 -17.226 1.00 71.53 ? 201  ILE A CA  1 
ATOM 1505 C C   . ILE A 1 202 ? -1.345  -31.595 -15.762 1.00 71.53 ? 201  ILE A C   1 
ATOM 1506 O O   . ILE A 1 202 ? -1.100  -32.442 -14.895 1.00 71.53 ? 201  ILE A O   1 
ATOM 1507 C CB  . ILE A 1 202 ? 0.270   -31.029 -17.624 1.00 71.53 ? 201  ILE A CB  1 
ATOM 1508 C CG1 . ILE A 1 202 ? 0.771   -31.417 -19.020 1.00 71.53 ? 201  ILE A CG1 1 
ATOM 1509 C CG2 . ILE A 1 202 ? 1.381   -31.202 -16.596 1.00 71.53 ? 201  ILE A CG2 1 
ATOM 1510 C CD1 . ILE A 1 202 ? 1.250   -32.858 -19.150 1.00 71.53 ? 201  ILE A CD1 1 
ATOM 1511 N N   . LEU A 1 203 ? -1.932  -30.437 -15.468 1.00 69.33 ? 202  LEU A N   1 
ATOM 1512 C CA  . LEU A 1 203 ? -2.187  -30.025 -14.090 1.00 69.33 ? 202  LEU A CA  1 
ATOM 1513 C C   . LEU A 1 203 ? -3.238  -30.889 -13.405 1.00 69.33 ? 202  LEU A C   1 
ATOM 1514 O O   . LEU A 1 203 ? -3.104  -31.199 -12.215 1.00 69.33 ? 202  LEU A O   1 
ATOM 1515 C CB  . LEU A 1 203 ? -2.616  -28.562 -14.074 1.00 69.33 ? 202  LEU A CB  1 
ATOM 1516 C CG  . LEU A 1 203 ? -1.524  -27.588 -14.513 1.00 69.33 ? 202  LEU A CG  1 
ATOM 1517 C CD1 . LEU A 1 203 ? -2.120  -26.220 -14.767 1.00 69.33 ? 202  LEU A CD1 1 
ATOM 1518 C CD2 . LEU A 1 203 ? -0.419  -27.503 -13.474 1.00 69.33 ? 202  LEU A CD2 1 
ATOM 1519 N N   . LYS A 1 204 ? -4.297  -31.284 -14.119 1.00 74.72 ? 203  LYS A N   1 
ATOM 1520 C CA  . LYS A 1 204 ? -5.274  -32.182 -13.500 1.00 74.72 ? 203  LYS A CA  1 
ATOM 1521 C C   . LYS A 1 204 ? -4.665  -33.519 -13.079 1.00 74.72 ? 203  LYS A C   1 
ATOM 1522 O O   . LYS A 1 204 ? -5.096  -34.106 -12.080 1.00 74.72 ? 203  LYS A O   1 
ATOM 1523 C CB  . LYS A 1 204 ? -6.455  -32.402 -14.441 1.00 74.72 ? 203  LYS A CB  1 
ATOM 1524 C CG  . LYS A 1 204 ? -7.435  -31.241 -14.433 1.00 74.72 ? 203  LYS A CG  1 
ATOM 1525 C CD  . LYS A 1 204 ? -8.665  -31.543 -15.268 1.00 74.72 ? 203  LYS A CD  1 
ATOM 1526 C CE  . LYS A 1 204 ? -9.700  -30.436 -15.148 1.00 74.72 ? 203  LYS A CE  1 
ATOM 1527 N NZ  . LYS A 1 204 ? -10.974 -30.798 -15.830 1.00 74.72 ? 203  LYS A NZ  1 
ATOM 1528 N N   . ALA A 1 205 ? -3.668  -34.016 -13.813 1.00 74.48 ? 204  ALA A N   1 
ATOM 1529 C CA  . ALA A 1 205 ? -3.010  -35.269 -13.447 1.00 74.48 ? 204  ALA A CA  1 
ATOM 1530 C C   . ALA A 1 205 ? -2.249  -35.205 -12.122 1.00 74.48 ? 204  ALA A C   1 
ATOM 1531 O O   . ALA A 1 205 ? -2.022  -36.254 -11.513 1.00 74.48 ? 204  ALA A O   1 
ATOM 1532 C CB  . ALA A 1 205 ? -2.056  -35.691 -14.565 1.00 74.48 ? 204  ALA A CB  1 
ATOM 1533 N N   . LEU A 1 206 ? -1.853  -34.018 -11.657 1.00 72.42 ? 205  LEU A N   1 
ATOM 1534 C CA  . LEU A 1 206 ? -1.158  -33.894 -10.375 1.00 72.42 ? 205  LEU A CA  1 
ATOM 1535 C C   . LEU A 1 206 ? -2.071  -34.053 -9.162  1.00 72.42 ? 205  LEU A C   1 
ATOM 1536 O O   . LEU A 1 206 ? -1.562  -34.212 -8.047  1.00 72.42 ? 205  LEU A O   1 
ATOM 1537 C CB  . LEU A 1 206 ? -0.443  -32.542 -10.291 1.00 72.42 ? 205  LEU A CB  1 
ATOM 1538 C CG  . LEU A 1 206 ? 0.475   -32.172 -11.459 1.00 72.42 ? 205  LEU A CG  1 
ATOM 1539 C CD1 . LEU A 1 206 ? 1.095   -30.809 -11.216 1.00 72.42 ? 205  LEU A CD1 1 
ATOM 1540 C CD2 . LEU A 1 206 ? 1.569   -33.213 -11.653 1.00 72.42 ? 205  LEU A CD2 1 
ATOM 1541 N N   . GLY A 1 207 ? -3.388  -34.010 -9.340  1.00 78.03 ? 206  GLY A N   1 
ATOM 1542 C CA  . GLY A 1 207 ? -4.324  -33.999 -8.236  1.00 78.03 ? 206  GLY A CA  1 
ATOM 1543 C C   . GLY A 1 207 ? -4.415  -32.667 -7.512  1.00 78.03 ? 206  GLY A C   1 
ATOM 1544 O O   . GLY A 1 207 ? -3.612  -31.754 -7.722  1.00 78.03 ? 206  GLY A O   1 
ATOM 1545 N N   . PRO A 1 208 ? -5.410  -32.542 -6.625  1.00 80.97 ? 207  PRO A N   1 
ATOM 1546 C CA  . PRO A 1 208 ? -5.696  -31.234 -6.008  1.00 80.97 ? 207  PRO A CA  1 
ATOM 1547 C C   . PRO A 1 208 ? -4.646  -30.752 -5.013  1.00 80.97 ? 207  PRO A C   1 
ATOM 1548 O O   . PRO A 1 208 ? -4.611  -29.550 -4.723  1.00 80.97 ? 207  PRO A O   1 
ATOM 1549 C CB  . PRO A 1 208 ? -7.053  -31.463 -5.322  1.00 80.97 ? 207  PRO A CB  1 
ATOM 1550 C CG  . PRO A 1 208 ? -7.066  -32.925 -5.012  1.00 80.97 ? 207  PRO A CG  1 
ATOM 1551 C CD  . PRO A 1 208 ? -6.363  -33.575 -6.183  1.00 80.97 ? 207  PRO A CD  1 
ATOM 1552 N N   . GLY A 1 209 ? -3.803  -31.634 -4.478  1.00 78.13 ? 208  GLY A N   1 
ATOM 1553 C CA  . GLY A 1 209 ? -2.809  -31.256 -3.485  1.00 78.13 ? 208  GLY A CA  1 
ATOM 1554 C C   . GLY A 1 209 ? -1.524  -30.642 -4.007  1.00 78.13 ? 208  GLY A C   1 
ATOM 1555 O O   . GLY A 1 209 ? -0.664  -30.269 -3.206  1.00 78.13 ? 208  GLY A O   1 
ATOM 1556 N N   . ALA A 1 210 ? -1.366  -30.530 -5.324  1.00 72.84 ? 209  ALA A N   1 
ATOM 1557 C CA  . ALA A 1 210 ? -0.106  -30.086 -5.914  1.00 72.84 ? 209  ALA A CA  1 
ATOM 1558 C C   . ALA A 1 210 ? 0.268   -28.665 -5.494  1.00 72.84 ? 209  ALA A C   1 
ATOM 1559 O O   . ALA A 1 210 ? -0.576  -27.765 -5.468  1.00 72.84 ? 209  ALA A O   1 
ATOM 1560 C CB  . ALA A 1 210 ? -0.203  -30.164 -7.437  1.00 72.84 ? 209  ALA A CB  1 
ATOM 1561 N N   . THR A 1 211 ? 1.548   -28.467 -5.165  1.00 66.38 ? 210  THR A N   1 
ATOM 1562 C CA  . THR A 1 211 ? 2.081   -27.135 -4.902  1.00 66.38 ? 210  THR A CA  1 
ATOM 1563 C C   . THR A 1 211 ? 2.332   -26.394 -6.217  1.00 66.38 ? 210  THR A C   1 
ATOM 1564 O O   . THR A 1 211 ? 2.367   -26.988 -7.297  1.00 66.38 ? 210  THR A O   1 
ATOM 1565 C CB  . THR A 1 211 ? 3.375   -27.200 -4.081  1.00 66.38 ? 210  THR A CB  1 
ATOM 1566 O OG1 . THR A 1 211 ? 4.455   -27.670 -4.895  1.00 66.38 ? 210  THR A OG1 1 
ATOM 1567 C CG2 . THR A 1 211 ? 3.218   -28.110 -2.872  1.00 66.38 ? 210  THR A CG2 1 
ATOM 1568 N N   . LEU A 1 212 ? 2.499   -25.073 -6.114  1.00 59.69 ? 211  LEU A N   1 
ATOM 1569 C CA  . LEU A 1 212 ? 2.817   -24.277 -7.298  1.00 59.69 ? 211  LEU A CA  1 
ATOM 1570 C C   . LEU A 1 212 ? 4.142   -24.687 -7.927  1.00 59.69 ? 211  LEU A C   1 
ATOM 1571 O O   . LEU A 1 212 ? 4.284   -24.645 -9.151  1.00 59.69 ? 211  LEU A O   1 
ATOM 1572 C CB  . LEU A 1 212 ? 2.834   -22.785 -6.953  1.00 59.69 ? 211  LEU A CB  1 
ATOM 1573 C CG  . LEU A 1 212 ? 3.127   -21.845 -8.127  1.00 59.69 ? 211  LEU A CG  1 
ATOM 1574 C CD1 . LEU A 1 212 ? 2.049   -21.939 -9.195  1.00 59.69 ? 211  LEU A CD1 1 
ATOM 1575 C CD2 . LEU A 1 212 ? 3.252   -20.417 -7.640  1.00 59.69 ? 211  LEU A CD2 1 
ATOM 1576 N N   . GLU A 1 213 ? 5.135   -25.054 -7.119  1.00 64.07 ? 212  GLU A N   1 
ATOM 1577 C CA  . GLU A 1 213 ? 6.401   -25.510 -7.689  1.00 64.07 ? 212  GLU A CA  1 
ATOM 1578 C C   . GLU A 1 213 ? 6.240   -26.819 -8.453  1.00 64.07 ? 212  GLU A C   1 
ATOM 1579 O O   . GLU A 1 213 ? 6.825   -26.992 -9.525  1.00 64.07 ? 212  GLU A O   1 
ATOM 1580 C CB  . GLU A 1 213 ? 7.452   -25.659 -6.591  1.00 64.07 ? 212  GLU A CB  1 
ATOM 1581 C CG  . GLU A 1 213 ? 8.829   -26.030 -7.125  1.00 64.07 ? 212  GLU A CG  1 
ATOM 1582 C CD  . GLU A 1 213 ? 9.943   -25.757 -6.133  1.00 64.07 ? 212  GLU A CD  1 
ATOM 1583 O OE1 . GLU A 1 213 ? 10.074  -24.598 -5.686  1.00 64.07 ? 212  GLU A OE1 1 
ATOM 1584 O OE2 . GLU A 1 213 ? 10.695  -26.700 -5.805  1.00 64.07 ? 212  GLU A OE2 1 
ATOM 1585 N N   . GLU A 1 214 ? 5.415   -27.731 -7.942  1.00 67.82 ? 213  GLU A N   1 
ATOM 1586 C CA  . GLU A 1 214 ? 5.092   -28.954 -8.673  1.00 67.82 ? 213  GLU A CA  1 
ATOM 1587 C C   . GLU A 1 214 ? 4.346   -28.658 -9.973  1.00 67.82 ? 213  GLU A C   1 
ATOM 1588 O O   . GLU A 1 214 ? 4.671   -29.214 -11.027 1.00 67.82 ? 213  GLU A O   1 
ATOM 1589 C CB  . GLU A 1 214 ? 4.280   -29.882 -7.769  1.00 67.82 ? 213  GLU A CB  1 
ATOM 1590 C CG  . GLU A 1 214 ? 5.108   -30.450 -6.619  1.00 67.82 ? 213  GLU A CG  1 
ATOM 1591 C CD  . GLU A 1 214 ? 4.286   -31.229 -5.609  1.00 67.82 ? 213  GLU A CD  1 
ATOM 1592 O OE1 . GLU A 1 214 ? 3.067   -30.981 -5.505  1.00 67.82 ? 213  GLU A OE1 1 
ATOM 1593 O OE2 . GLU A 1 214 ? 4.863   -32.086 -4.907  1.00 67.82 ? 213  GLU A OE2 1 
ATOM 1594 N N   . MET A 1 215 ? 3.339   -27.786 -9.914  1.00 65.74 ? 214  MET A N   1 
ATOM 1595 C CA  . MET A 1 215 ? 2.615   -27.380 -11.118 1.00 65.74 ? 214  MET A CA  1 
ATOM 1596 C C   . MET A 1 215 ? 3.538   -26.749 -12.159 1.00 65.74 ? 214  MET A C   1 
ATOM 1597 O O   . MET A 1 215 ? 3.500   -27.113 -13.338 1.00 65.74 ? 214  MET A O   1 
ATOM 1598 C CB  . MET A 1 215 ? 1.501   -26.405 -10.733 1.00 65.74 ? 214  MET A CB  1 
ATOM 1599 C CG  . MET A 1 215 ? 0.393   -27.038 -9.902  1.00 65.74 ? 214  MET A CG  1 
ATOM 1600 S SD  . MET A 1 215 ? -0.778  -25.850 -9.219  1.00 65.74 ? 214  MET A SD  1 
ATOM 1601 C CE  . MET A 1 215 ? -1.733  -25.403 -10.662 1.00 65.74 ? 214  MET A CE  1 
ATOM 1602 N N   . MET A 1 216 ? 4.369   -25.798 -11.741 1.00 61.16 ? 215  MET A N   1 
ATOM 1603 C CA  . MET A 1 216 ? 5.286   -25.131 -12.662 1.00 61.16 ? 215  MET A CA  1 
ATOM 1604 C C   . MET A 1 216 ? 6.344   -26.079 -13.213 1.00 61.16 ? 215  MET A C   1 
ATOM 1605 O O   . MET A 1 216 ? 6.763   -25.936 -14.367 1.00 61.16 ? 215  MET A O   1 
ATOM 1606 C CB  . MET A 1 216 ? 5.950   -23.949 -11.957 1.00 61.16 ? 215  MET A CB  1 
ATOM 1607 C CG  . MET A 1 216 ? 5.025   -22.765 -11.752 1.00 61.16 ? 215  MET A CG  1 
ATOM 1608 S SD  . MET A 1 216 ? 5.844   -21.351 -11.005 1.00 61.16 ? 215  MET A SD  1 
ATOM 1609 C CE  . MET A 1 216 ? 6.786   -20.737 -12.393 1.00 61.16 ? 215  MET A CE  1 
ATOM 1610 N N   . THR A 1 217 ? 6.803   -27.039 -12.410 1.00 67.03 ? 216  THR A N   1 
ATOM 1611 C CA  . THR A 1 217 ? 7.720   -28.058 -12.914 1.00 67.03 ? 216  THR A CA  1 
ATOM 1612 C C   . THR A 1 217 ? 7.053   -28.931 -13.969 1.00 67.03 ? 216  THR A C   1 
ATOM 1613 O O   . THR A 1 217 ? 7.594   -29.122 -15.065 1.00 67.03 ? 216  THR A O   1 
ATOM 1614 C CB  . THR A 1 217 ? 8.219   -28.919 -11.752 1.00 67.03 ? 216  THR A CB  1 
ATOM 1615 O OG1 . THR A 1 217 ? 8.882   -28.090 -10.792 1.00 67.03 ? 216  THR A OG1 1 
ATOM 1616 C CG2 . THR A 1 217 ? 9.191   -29.988 -12.238 1.00 67.03 ? 216  THR A CG2 1 
ATOM 1617 N N   . ALA A 1 218 ? 5.867   -29.455 -13.662 1.00 66.26 ? 217  ALA A N   1 
ATOM 1618 C CA  . ALA A 1 218 ? 5.159   -30.320 -14.599 1.00 66.26 ? 217  ALA A CA  1 
ATOM 1619 C C   . ALA A 1 218 ? 4.876   -29.626 -15.929 1.00 66.26 ? 217  ALA A C   1 
ATOM 1620 O O   . ALA A 1 218 ? 4.996   -30.241 -16.993 1.00 66.26 ? 217  ALA A O   1 
ATOM 1621 C CB  . ALA A 1 218 ? 3.855   -30.798 -13.964 1.00 66.26 ? 217  ALA A CB  1 
ATOM 1622 N N   . CYS A 1 219 ? 4.492   -28.356 -15.893 1.00 68.17 ? 218  CYS A N   1 
ATOM 1623 C CA  . CYS A 1 219 ? 4.216   -27.586 -17.101 1.00 68.17 ? 218  CYS A CA  1 
ATOM 1624 C C   . CYS A 1 219 ? 5.446   -26.946 -17.738 1.00 68.17 ? 218  CYS A C   1 
ATOM 1625 O O   . CYS A 1 219 ? 5.298   -26.224 -18.730 1.00 68.17 ? 218  CYS A O   1 
ATOM 1626 C CB  . CYS A 1 219 ? 3.178   -26.509 -16.787 1.00 68.17 ? 218  CYS A CB  1 
ATOM 1627 S SG  . CYS A 1 219 ? 1.570   -27.194 -16.358 1.00 68.17 ? 218  CYS A SG  1 
ATOM 1628 N N   . GLN A 1 220 ? 6.645   -27.169 -17.198 1.00 68.76 ? 219  GLN A N   1 
ATOM 1629 C CA  . GLN A 1 220 ? 7.809   -26.401 -17.636 1.00 68.76 ? 219  GLN A CA  1 
ATOM 1630 C C   . GLN A 1 220 ? 8.180   -26.672 -19.092 1.00 68.76 ? 219  GLN A C   1 
ATOM 1631 O O   . GLN A 1 220 ? 8.753   -25.798 -19.751 1.00 68.76 ? 219  GLN A O   1 
ATOM 1632 C CB  . GLN A 1 220 ? 9.002   -26.685 -16.722 1.00 68.76 ? 219  GLN A CB  1 
ATOM 1633 C CG  . GLN A 1 220 ? 10.141  -25.678 -16.869 1.00 68.76 ? 219  GLN A CG  1 
ATOM 1634 C CD  . GLN A 1 220 ? 11.094  -25.683 -15.686 1.00 68.76 ? 219  GLN A CD  1 
ATOM 1635 O OE1 . GLN A 1 220 ? 10.827  -26.310 -14.663 1.00 68.76 ? 219  GLN A OE1 1 
ATOM 1636 N NE2 . GLN A 1 220 ? 12.216  -24.985 -15.825 1.00 68.76 ? 219  GLN A NE2 1 
ATOM 1637 N N   . GLY A 1 221 ? 7.873   -27.862 -19.615 1.00 71.69 ? 220  GLY A N   1 
ATOM 1638 C CA  . GLY A 1 221 ? 8.152   -28.172 -21.006 1.00 71.69 ? 220  GLY A CA  1 
ATOM 1639 C C   . GLY A 1 221 ? 7.028   -27.936 -21.995 1.00 71.69 ? 220  GLY A C   1 
ATOM 1640 O O   . GLY A 1 221 ? 7.257   -28.035 -23.205 1.00 71.69 ? 220  GLY A O   1 
ATOM 1641 N N   . VAL A 1 222 ? 5.822   -27.625 -21.530 1.00 71.09 ? 221  VAL A N   1 
ATOM 1642 C CA  . VAL A 1 222 ? 4.659   -27.540 -22.411 1.00 71.09 ? 221  VAL A CA  1 
ATOM 1643 C C   . VAL A 1 222 ? 4.766   -26.312 -23.307 1.00 71.09 ? 221  VAL A C   1 
ATOM 1644 O O   . VAL A 1 222 ? 4.704   -25.179 -22.834 1.00 71.09 ? 221  VAL A O   1 
ATOM 1645 C CB  . VAL A 1 222 ? 3.346   -27.512 -21.603 1.00 71.09 ? 221  VAL A CB  1 
ATOM 1646 C CG1 . VAL A 1 222 ? 2.143   -27.400 -22.528 1.00 71.09 ? 221  VAL A CG1 1 
ATOM 1647 C CG2 . VAL A 1 222 ? 3.221   -28.763 -20.744 1.00 71.09 ? 221  VAL A CG2 1 
ATOM 1648 N N   . SER B 2 4   ? -6.676  35.444  -2.906  1.00 75.66 ? 1410 SER B N   1 
ATOM 1649 C CA  . SER B 2 4   ? -5.409  34.695  -2.946  1.00 75.66 ? 1410 SER B CA  1 
ATOM 1650 C C   . SER B 2 4   ? -5.628  33.179  -2.978  1.00 75.66 ? 1410 SER B C   1 
ATOM 1651 O O   . SER B 2 4   ? -6.567  32.666  -2.363  1.00 75.66 ? 1410 SER B O   1 
ATOM 1652 C CB  . SER B 2 4   ? -4.528  35.042  -1.739  1.00 75.66 ? 1410 SER B CB  1 
ATOM 1653 O OG  . SER B 2 4   ? -5.190  34.815  -0.507  1.00 75.66 ? 1410 SER B OG  1 
ATOM 1654 N N   . PRO B 2 5   ? -4.754  32.447  -3.680  1.00 67.75 ? 1411 PRO B N   1 
ATOM 1655 C CA  . PRO B 2 5   ? -4.897  30.987  -3.769  1.00 67.75 ? 1411 PRO B CA  1 
ATOM 1656 C C   . PRO B 2 5   ? -4.694  30.259  -2.445  1.00 67.75 ? 1411 PRO B C   1 
ATOM 1657 O O   . PRO B 2 5   ? -3.917  30.679  -1.585  1.00 67.75 ? 1411 PRO B O   1 
ATOM 1658 C CB  . PRO B 2 5   ? -3.817  30.591  -4.785  1.00 67.75 ? 1411 PRO B CB  1 
ATOM 1659 C CG  . PRO B 2 5   ? -2.802  31.655  -4.685  1.00 67.75 ? 1411 PRO B CG  1 
ATOM 1660 C CD  . PRO B 2 5   ? -3.564  32.917  -4.411  1.00 67.75 ? 1411 PRO B CD  1 
ATOM 1661 N N   . SER B 2 6   ? -5.417  29.143  -2.297  1.00 62.93 ? 1412 SER B N   1 
ATOM 1662 C CA  . SER B 2 6   ? -5.396  28.325  -1.087  1.00 62.93 ? 1412 SER B CA  1 
ATOM 1663 C C   . SER B 2 6   ? -4.169  27.420  -0.963  1.00 62.93 ? 1412 SER B C   1 
ATOM 1664 O O   . SER B 2 6   ? -3.966  26.833  0.105   1.00 62.93 ? 1412 SER B O   1 
ATOM 1665 C CB  . SER B 2 6   ? -6.668  27.475  -1.020  1.00 62.93 ? 1412 SER B CB  1 
ATOM 1666 O OG  . SER B 2 6   ? -6.802  26.658  -2.168  1.00 62.93 ? 1412 SER B OG  1 
ATOM 1667 N N   . GLY B 2 7   ? -3.350  27.294  -2.005  1.00 57.33 ? 1413 GLY B N   1 
ATOM 1668 C CA  . GLY B 2 7   ? -2.185  26.432  -1.992  1.00 57.33 ? 1413 GLY B CA  1 
ATOM 1669 C C   . GLY B 2 7   ? -2.458  25.013  -2.477  1.00 57.33 ? 1413 GLY B C   1 
ATOM 1670 O O   . GLY B 2 7   ? -3.598  24.569  -2.623  1.00 57.33 ? 1413 GLY B O   1 
ATOM 1671 N N   . VAL B 2 8   ? -1.361  24.293  -2.736  1.00 49.55 ? 1414 VAL B N   1 
ATOM 1672 C CA  . VAL B 2 8   ? -1.393  23.015  -3.453  1.00 49.55 ? 1414 VAL B CA  1 
ATOM 1673 C C   . VAL B 2 8   ? -1.243  21.796  -2.544  1.00 49.55 ? 1414 VAL B C   1 
ATOM 1674 O O   . VAL B 2 8   ? -1.163  20.671  -3.054  1.00 49.55 ? 1414 VAL B O   1 
ATOM 1675 C CB  . VAL B 2 8   ? -0.315  22.986  -4.558  1.00 49.55 ? 1414 VAL B CB  1 
ATOM 1676 C CG1 . VAL B 2 8   ? -0.522  24.136  -5.528  1.00 49.55 ? 1414 VAL B CG1 1 
ATOM 1677 C CG2 . VAL B 2 8   ? 1.088   23.032  -3.963  1.00 49.55 ? 1414 VAL B CG2 1 
ATOM 1678 N N   . PHE B 2 9   ? -1.185  21.976  -1.228  1.00 49.25 ? 1415 PHE B N   1 
ATOM 1679 C CA  . PHE B 2 9   ? -0.949  20.874  -0.288  1.00 49.25 ? 1415 PHE B CA  1 
ATOM 1680 C C   . PHE B 2 9   ? -2.235  20.094  -0.020  1.00 49.25 ? 1415 PHE B C   1 
ATOM 1681 O O   . PHE B 2 9   ? -3.013  20.413  0.878   1.00 49.25 ? 1415 PHE B O   1 
ATOM 1682 C CB  . PHE B 2 9   ? -0.333  21.418  0.994   1.00 49.25 ? 1415 PHE B CB  1 
ATOM 1683 C CG  . PHE B 2 9   ? 1.007   22.068  0.782   1.00 49.25 ? 1415 PHE B CG  1 
ATOM 1684 C CD1 . PHE B 2 9   ? 2.161   21.306  0.752   1.00 49.25 ? 1415 PHE B CD1 1 
ATOM 1685 C CD2 . PHE B 2 9   ? 1.114   23.435  0.586   1.00 49.25 ? 1415 PHE B CD2 1 
ATOM 1686 C CE1 . PHE B 2 9   ? 3.393   21.893  0.550   1.00 49.25 ? 1415 PHE B CE1 1 
ATOM 1687 C CE2 . PHE B 2 9   ? 2.347   24.027  0.383   1.00 49.25 ? 1415 PHE B CE2 1 
ATOM 1688 C CZ  . PHE B 2 9   ? 3.486   23.254  0.361   1.00 49.25 ? 1415 PHE B CZ  1 
ATOM 1689 N N   . THR B 2 10  ? -2.443  19.040  -0.819  1.00 43.49 ? 1416 THR B N   1 
ATOM 1690 C CA  . THR B 2 10  ? -3.614  18.175  -0.679  1.00 43.49 ? 1416 THR B CA  1 
ATOM 1691 C C   . THR B 2 10  ? -3.701  17.543  0.706   1.00 43.49 ? 1416 THR B C   1 
ATOM 1692 O O   . THR B 2 10  ? -4.803  17.330  1.222   1.00 43.49 ? 1416 THR B O   1 
ATOM 1693 C CB  . THR B 2 10  ? -3.563  17.074  -1.747  1.00 43.49 ? 1416 THR B CB  1 
ATOM 1694 O OG1 . THR B 2 10  ? -3.497  17.664  -3.049  1.00 43.49 ? 1416 THR B OG1 1 
ATOM 1695 C CG2 . THR B 2 10  ? -4.792  16.161  -1.684  1.00 43.49 ? 1416 THR B CG2 1 
ATOM 1696 N N   . PHE B 2 11  ? -2.560  17.246  1.320   1.00 43.27 ? 1417 PHE B N   1 
ATOM 1697 C CA  . PHE B 2 11  ? -2.479  16.551  2.597   1.00 43.27 ? 1417 PHE B CA  1 
ATOM 1698 C C   . PHE B 2 11  ? -1.764  17.415  3.627   1.00 43.27 ? 1417 PHE B C   1 
ATOM 1699 O O   . PHE B 2 11  ? -0.821  18.141  3.296   1.00 43.27 ? 1417 PHE B O   1 
ATOM 1700 C CB  . PHE B 2 11  ? -1.747  15.210  2.431   1.00 43.27 ? 1417 PHE B CB  1 
ATOM 1701 C CG  . PHE B 2 11  ? -2.309  14.338  1.341   1.00 43.27 ? 1417 PHE B CG  1 
ATOM 1702 C CD1 . PHE B 2 11  ? -3.364  13.479  1.599   1.00 43.27 ? 1417 PHE B CD1 1 
ATOM 1703 C CD2 . PHE B 2 11  ? -1.799  14.390  0.056   1.00 43.27 ? 1417 PHE B CD2 1 
ATOM 1704 C CE1 . PHE B 2 11  ? -3.886  12.682  0.600   1.00 43.27 ? 1417 PHE B CE1 1 
ATOM 1705 C CE2 . PHE B 2 11  ? -2.319  13.592  -0.944  1.00 43.27 ? 1417 PHE B CE2 1 
ATOM 1706 C CZ  . PHE B 2 11  ? -3.363  12.740  -0.671  1.00 43.27 ? 1417 PHE B CZ  1 
ATOM 1707 N N   . GLY B 2 12  ? -2.203  17.319  4.879   1.00 51.61 ? 1418 GLY B N   1 
ATOM 1708 C CA  . GLY B 2 12  ? -1.562  18.039  5.964   1.00 51.61 ? 1418 GLY B CA  1 
ATOM 1709 C C   . GLY B 2 12  ? -2.022  19.480  6.113   1.00 51.61 ? 1418 GLY B C   1 
ATOM 1710 O O   . GLY B 2 12  ? -3.112  19.875  5.689   1.00 51.61 ? 1418 GLY B O   1 
ATOM 1711 N N   . ALA B 2 13  ? -1.163  20.273  6.752   1.00 58.76 ? 1419 ALA B N   1 
ATOM 1712 C CA  . ALA B 2 13  ? -1.524  21.577  7.298   1.00 58.76 ? 1419 ALA B CA  1 
ATOM 1713 C C   . ALA B 2 13  ? -1.279  22.743  6.338   1.00 58.76 ? 1419 ALA B C   1 
ATOM 1714 O O   . ALA B 2 13  ? -1.350  23.898  6.768   1.00 58.76 ? 1419 ALA B O   1 
ATOM 1715 C CB  . ALA B 2 13  ? -0.755  21.812  8.603   1.00 58.76 ? 1419 ALA B CB  1 
ATOM 1716 N N   . ASN B 2 14  ? -0.993  22.477  5.066   1.00 59.62 ? 1420 ASN B N   1 
ATOM 1717 C CA  . ASN B 2 14  ? -0.586  23.528  4.126   1.00 59.62 ? 1420 ASN B CA  1 
ATOM 1718 C C   . ASN B 2 14  ? 0.571   24.347  4.692   1.00 59.62 ? 1420 ASN B C   1 
ATOM 1719 O O   . ASN B 2 14  ? 1.736   23.973  4.554   1.00 59.62 ? 1420 ASN B O   1 
ATOM 1720 C CB  . ASN B 2 14  ? -1.759  24.459  3.784   1.00 59.62 ? 1420 ASN B CB  1 
ATOM 1721 C CG  . ASN B 2 14  ? -2.906  23.733  3.105   1.00 59.62 ? 1420 ASN B CG  1 
ATOM 1722 O OD1 . ASN B 2 14  ? -3.443  22.766  3.644   1.00 59.62 ? 1420 ASN B OD1 1 
ATOM 1723 N ND2 . ASN B 2 14  ? -3.222  24.136  1.873   1.00 59.62 ? 1420 ASN B ND2 1 
# 
